data_1ZFX
# 
_entry.id   1ZFX 
# 
_audit_conform.dict_name       mmcif_pdbx.dic 
_audit_conform.dict_version    5.376 
_audit_conform.dict_location   http://mmcif.pdb.org/dictionaries/ascii/mmcif_pdbx.dic 
# 
loop_
_database_2.database_id 
_database_2.database_code 
_database_2.pdbx_database_accession 
_database_2.pdbx_DOI 
PDB   1ZFX         pdb_00001zfx 10.2210/pdb1zfx/pdb 
NDB   UR0062       ?            ?                   
RCSB  RCSB032672   ?            ?                   
WWPDB D_1000032672 ?            ?                   
# 
loop_
_pdbx_database_related.db_name 
_pdbx_database_related.db_id 
_pdbx_database_related.details 
_pdbx_database_related.content_type 
PDB 1X9C 'An all-RNA Hairpin Ribozyme with mutation U39C (low salt)'                        unspecified 
PDB 1X9K 'An all-RNA Hairpin Ribozyme with mutation U39C and 2MA at A-1 (high salt)'        unspecified 
PDB 1ZFR 'An all-RNA Hairpin Ribozyme with mutation U39C and 2MA at A-1(low salt)'          unspecified 
PDB 1ZFT 'An all-RNA Hairpin Ribozyme with mutations G8I, U39C and 2MA at A-1 (low salt)'   unspecified 
PDB 1ZFV 
;An all-RNA Hairpin Ribozyme with mutations G8A, U39C and 2'-OH at A-1 (low salt)
;
unspecified 
# 
_pdbx_database_status.status_code                     REL 
_pdbx_database_status.entry_id                        1ZFX 
_pdbx_database_status.recvd_initial_deposition_date   2005-04-20 
_pdbx_database_status.deposit_site                    RCSB 
_pdbx_database_status.process_site                    RCSB 
_pdbx_database_status.status_code_sf                  REL 
_pdbx_database_status.status_code_mr                  ? 
_pdbx_database_status.SG_entry                        N 
_pdbx_database_status.pdb_format_compatible           Y 
_pdbx_database_status.status_code_cs                  ? 
_pdbx_database_status.status_code_nmr_data            ? 
_pdbx_database_status.methods_development_category    ? 
# 
_audit_author.name           'Wedekind, J.E.' 
_audit_author.pdbx_ordinal   1 
# 
loop_
_citation.id 
_citation.title 
_citation.journal_abbrev 
_citation.journal_volume 
_citation.page_first 
_citation.page_last 
_citation.year 
_citation.journal_id_ASTM 
_citation.country 
_citation.journal_id_ISSN 
_citation.journal_id_CSD 
_citation.book_publisher 
_citation.pdbx_database_id_PubMed 
_citation.pdbx_database_id_DOI 
primary 
'Water in the Active Site of an All-RNA Hairpin Ribozyme and Effects of Gua8 Base Variants on the Geometry of Phosphoryl Transfer.' 
Biochemistry               45 686  700  2006 BICHAW US 0006-2960 0033 ? 16411744 10.1021/bi051887k 
1       'Crystallization and x-ray diffraction analysis of an all-RNA U39C mutant of the minimal hairpin ribozyme' 
'Acta Crystallogr.,Sect.D' 59 142  145  2003 ABCRE6 DK 0907-4449 0766 ? ?        ?                 
2       'Functional involvement of G8 in the hairpin ribozyme cleavage mechanism' 'Embo J.'                  20 6434 6442 2001 
EMJODG UK 0261-4189 0897 ? ?        ?                 
# 
loop_
_citation_author.citation_id 
_citation_author.name 
_citation_author.ordinal 
_citation_author.identifier_ORCID 
primary 'Salter, J.'      1  ? 
primary 'Krucinska, J.'   2  ? 
primary 'Alam, S.'        3  ? 
primary 'Grum-Tokars, V.' 4  ? 
primary 'Wedekind, J.E.'  5  ? 
1       'Grum-Tokars, V.' 6  ? 
1       'Milovanovic, M.' 7  ? 
1       'Wedekind, J.E.'  8  ? 
2       'Pinard, R.'      9  ? 
2       'Hampel, K.J.'    10 ? 
2       'Heckman, J.E.'   11 ? 
2       'Lambert, D.'     12 ? 
2       'Chan, P.A.'      13 ? 
2       'Major, F.'       14 ? 
2       'Burke, J.M.'     15 ? 
# 
_cell.entry_id           1ZFX 
_cell.length_a           93.350 
_cell.length_b           93.350 
_cell.length_c           123.560 
_cell.angle_alpha        90.00 
_cell.angle_beta         90.00 
_cell.angle_gamma        120.00 
_cell.Z_PDB              12 
_cell.pdbx_unique_axis   ? 
# 
_symmetry.entry_id                         1ZFX 
_symmetry.space_group_name_H-M             'P 61 2 2' 
_symmetry.pdbx_full_space_group_name_H-M   ? 
_symmetry.cell_setting                     ? 
_symmetry.Int_Tables_number                178 
_symmetry.space_group_name_Hall            ? 
# 
loop_
_entity.id 
_entity.type 
_entity.src_method 
_entity.pdbx_description 
_entity.formula_weight 
_entity.pdbx_number_of_molecules 
_entity.pdbx_ec 
_entity.pdbx_mutation 
_entity.pdbx_fragment 
_entity.details 
1 polymer     syn "5'-R(*UP*CP*CP*CP*AP*GP*UP*CP*CP*AP*CP*CP*G)-3'"                   4052.470 1  ? ?    ? ? 
2 polymer     syn "5'-R(*CP*GP*GP*UP*GP*AP*UP*AP*AP*GP*GP*G)-3'"                      3931.408 1  ? G8U  ? ? 
3 polymer     syn "5'-R(*GP*GP*CP*AP*GP*AP*GP*AP*AP*AP*CP*AP*CP*AP*CP*GP*A)-3'"       5535.445 1  ? none ? ? 
4 polymer     syn "5'-R(*UP*CP*GP*UP*GP*GP*UP*AP*CP*AP*UP*UP*AP*CP*CP*UP*GP*CP*C)-3'" 5991.568 1  ? U39C ? ? 
5 non-polymer syn 'SULFATE ION'                                                       96.063   1  ? ?    ? ? 
6 non-polymer syn 'COBALT HEXAMMINE(III)'                                             161.116  2  ? ?    ? ? 
7 water       nat water                                                               18.015   21 ? ?    ? ? 
# 
loop_
_entity_poly.entity_id 
_entity_poly.type 
_entity_poly.nstd_linkage 
_entity_poly.nstd_monomer 
_entity_poly.pdbx_seq_one_letter_code 
_entity_poly.pdbx_seq_one_letter_code_can 
_entity_poly.pdbx_strand_id 
_entity_poly.pdbx_target_identifier 
1 polyribonucleotide no no UCCCAGUCCACCG       UCCCAGUCCACCG       A ? 
2 polyribonucleotide no no CGGUGAUAAGGG        CGGUGAUAAGGG        B ? 
3 polyribonucleotide no no GGCAGAGAAACACACGA   GGCAGAGAAACACACGA   C ? 
4 polyribonucleotide no no UCGUGGUACAUUACCUGCC UCGUGGUACAUUACCUGCC D ? 
# 
loop_
_entity_poly_seq.entity_id 
_entity_poly_seq.num 
_entity_poly_seq.mon_id 
_entity_poly_seq.hetero 
1 1  U n 
1 2  C n 
1 3  C n 
1 4  C n 
1 5  A n 
1 6  G n 
1 7  U n 
1 8  C n 
1 9  C n 
1 10 A n 
1 11 C n 
1 12 C n 
1 13 G n 
2 1  C n 
2 2  G n 
2 3  G n 
2 4  U n 
2 5  G n 
2 6  A n 
2 7  U n 
2 8  A n 
2 9  A n 
2 10 G n 
2 11 G n 
2 12 G n 
3 1  G n 
3 2  G n 
3 3  C n 
3 4  A n 
3 5  G n 
3 6  A n 
3 7  G n 
3 8  A n 
3 9  A n 
3 10 A n 
3 11 C n 
3 12 A n 
3 13 C n 
3 14 A n 
3 15 C n 
3 16 G n 
3 17 A n 
4 1  U n 
4 2  C n 
4 3  G n 
4 4  U n 
4 5  G n 
4 6  G n 
4 7  U n 
4 8  A n 
4 9  C n 
4 10 A n 
4 11 U n 
4 12 U n 
4 13 A n 
4 14 C n 
4 15 C n 
4 16 U n 
4 17 G n 
4 18 C n 
4 19 C n 
# 
loop_
_pdbx_entity_src_syn.entity_id 
_pdbx_entity_src_syn.pdbx_src_id 
_pdbx_entity_src_syn.pdbx_alt_source_flag 
_pdbx_entity_src_syn.pdbx_beg_seq_num 
_pdbx_entity_src_syn.pdbx_end_seq_num 
_pdbx_entity_src_syn.organism_scientific 
_pdbx_entity_src_syn.organism_common_name 
_pdbx_entity_src_syn.ncbi_taxonomy_id 
_pdbx_entity_src_syn.details 
1 1 sample ? ? ? ? ? 'Derived from Satellite Tobacco Ringspot Virus' 
2 1 sample ? ? ? ? ? 'Derived from Satellite Tobacco Ringspot Virus' 
3 1 sample ? ? ? ? ? 'Derived from Satellite Tobacco Ringspot Virus' 
4 1 sample ? ? ? ? ? 'Derived from Satellite Tobacco Ringspot Virus' 
# 
loop_
_struct_ref.id 
_struct_ref.entity_id 
_struct_ref.db_name 
_struct_ref.db_code 
_struct_ref.pdbx_db_accession 
_struct_ref.pdbx_db_isoform 
_struct_ref.pdbx_seq_one_letter_code 
_struct_ref.pdbx_align_begin 
1 1 PDB 1ZFX 1ZFX ? ? ? 
2 2 PDB 1ZFX 1ZFX ? ? ? 
3 3 PDB 1ZFX 1ZFX ? ? ? 
4 4 PDB 1ZFX 1ZFX ? ? ? 
# 
loop_
_struct_ref_seq.align_id 
_struct_ref_seq.ref_id 
_struct_ref_seq.pdbx_PDB_id_code 
_struct_ref_seq.pdbx_strand_id 
_struct_ref_seq.seq_align_beg 
_struct_ref_seq.pdbx_seq_align_beg_ins_code 
_struct_ref_seq.seq_align_end 
_struct_ref_seq.pdbx_seq_align_end_ins_code 
_struct_ref_seq.pdbx_db_accession 
_struct_ref_seq.db_align_beg 
_struct_ref_seq.pdbx_db_align_beg_ins_code 
_struct_ref_seq.db_align_end 
_struct_ref_seq.pdbx_db_align_end_ins_code 
_struct_ref_seq.pdbx_auth_seq_align_beg 
_struct_ref_seq.pdbx_auth_seq_align_end 
1 1 1ZFX A 1 ? 13 ? 1ZFX 1  ? 13 ? 1  13 
2 2 1ZFX B 1 ? 12 ? 1ZFX 2  ? 13 ? 2  13 
3 3 1ZFX C 1 ? 17 ? 1ZFX 15 ? 31 ? 15 31 
4 4 1ZFX D 1 ? 19 ? 1ZFX 31 ? 49 ? 31 49 
# 
loop_
_chem_comp.id 
_chem_comp.type 
_chem_comp.mon_nstd_flag 
_chem_comp.name 
_chem_comp.pdbx_synonyms 
_chem_comp.formula 
_chem_comp.formula_weight 
A   'RNA linking' y "ADENOSINE-5'-MONOPHOSPHATE" ? 'C10 H14 N5 O7 P' 347.221 
C   'RNA linking' y "CYTIDINE-5'-MONOPHOSPHATE"  ? 'C9 H14 N3 O8 P'  323.197 
G   'RNA linking' y "GUANOSINE-5'-MONOPHOSPHATE" ? 'C10 H14 N5 O8 P' 363.221 
HOH non-polymer   . WATER                        ? 'H2 O'            18.015  
NCO non-polymer   . 'COBALT HEXAMMINE(III)'      ? 'Co H18 N6 3'     161.116 
SO4 non-polymer   . 'SULFATE ION'                ? 'O4 S -2'         96.063  
U   'RNA linking' y "URIDINE-5'-MONOPHOSPHATE"   ? 'C9 H13 N2 O9 P'  324.181 
# 
_exptl.entry_id          1ZFX 
_exptl.method            'X-RAY DIFFRACTION' 
_exptl.crystals_number   1 
# 
_exptl_crystal.id                    1 
_exptl_crystal.density_meas          ? 
_exptl_crystal.density_Matthews      3.95 
_exptl_crystal.density_percent_sol   68.9 
_exptl_crystal.description           ? 
_exptl_crystal.F_000                 ? 
_exptl_crystal.preparation           ? 
# 
_exptl_crystal_grow.crystal_id      1 
_exptl_crystal_grow.method          'VAPOR DIFFUSION, HANGING DROP' 
_exptl_crystal_grow.temp            293 
_exptl_crystal_grow.temp_details    ? 
_exptl_crystal_grow.pH              6.0 
_exptl_crystal_grow.pdbx_details    
'PEG 2000 MME, LITHIUM SULFATE, SPERMIDINE, COBALT HEXAAMINE, pH 6.0, VAPOR DIFFUSION, HANGING DROP, temperature 293K' 
_exptl_crystal_grow.pdbx_pH_range   . 
# 
loop_
_exptl_crystal_grow_comp.crystal_id 
_exptl_crystal_grow_comp.id 
_exptl_crystal_grow_comp.sol_id 
_exptl_crystal_grow_comp.name 
_exptl_crystal_grow_comp.volume 
_exptl_crystal_grow_comp.conc 
_exptl_crystal_grow_comp.details 
1 1 1 'PEG 2000 MME'     ? ? ? 
1 2 1 'LITHIUM SULFATE'  ? ? ? 
1 3 1 SPERMIDINE         ? ? ? 
1 4 1 'COBALT HEXAAMINE' ? ? ? 
1 5 1 H2O                ? ? ? 
1 6 2 'LITHIUM SULFATE'  ? ? ? 
1 7 2 H2O                ? ? ? 
# 
_diffrn.id                     1 
_diffrn.ambient_temp           100 
_diffrn.ambient_temp_details   ? 
_diffrn.crystal_id             1 
# 
_diffrn_detector.diffrn_id              1 
_diffrn_detector.detector               CCD 
_diffrn_detector.type                   'ADSC QUANTUM 210' 
_diffrn_detector.pdbx_collection_date   2004-11-30 
_diffrn_detector.details                'BENT TRIANGULAR ASYMMETRIC CUT SI(111) MONOCHROMATOR, RH-COATED SI MIRROR' 
# 
_diffrn_radiation.diffrn_id                        1 
_diffrn_radiation.wavelength_id                    1 
_diffrn_radiation.pdbx_monochromatic_or_laue_m_l   M 
_diffrn_radiation.monochromator                    'BENT TRIANGULAR ASYMMETRIC CUT SI(111) MONOCHROMATOR' 
_diffrn_radiation.pdbx_diffrn_protocol             'SINGLE WAVELENGTH' 
_diffrn_radiation.pdbx_scattering_type             x-ray 
# 
_diffrn_radiation_wavelength.id           1 
_diffrn_radiation_wavelength.wavelength   0.978 
_diffrn_radiation_wavelength.wt           1.0 
# 
_diffrn_source.diffrn_id                   1 
_diffrn_source.source                      SYNCHROTRON 
_diffrn_source.type                        'CHESS BEAMLINE A1' 
_diffrn_source.pdbx_synchrotron_site       CHESS 
_diffrn_source.pdbx_synchrotron_beamline   A1 
_diffrn_source.pdbx_wavelength             0.978 
_diffrn_source.pdbx_wavelength_list        ? 
# 
_reflns.entry_id                     1ZFX 
_reflns.observed_criterion_sigma_I   -5 
_reflns.observed_criterion_sigma_F   0 
_reflns.d_resolution_low             47 
_reflns.d_resolution_high            2.38 
_reflns.number_obs                   13252 
_reflns.number_all                   ? 
_reflns.percent_possible_obs         99.2 
_reflns.pdbx_Rmerge_I_obs            ? 
_reflns.pdbx_Rsym_value              0.036 
_reflns.pdbx_netI_over_sigmaI        29.9 
_reflns.B_iso_Wilson_estimate        70.8 
_reflns.pdbx_redundancy              8.7 
_reflns.R_free_details               ? 
_reflns.pdbx_chi_squared             ? 
_reflns.pdbx_scaling_rejects         ? 
_reflns.pdbx_diffrn_id               1 
_reflns.pdbx_ordinal                 1 
# 
_reflns_shell.d_res_high             2.38 
_reflns_shell.d_res_low              2.47 
_reflns_shell.percent_possible_all   99.9 
_reflns_shell.Rmerge_I_obs           ? 
_reflns_shell.pdbx_Rsym_value        0.429 
_reflns_shell.meanI_over_sigI_obs    5.2 
_reflns_shell.pdbx_redundancy        8.5 
_reflns_shell.percent_possible_obs   ? 
_reflns_shell.number_unique_all      ? 
_reflns_shell.number_measured_all    ? 
_reflns_shell.number_measured_obs    ? 
_reflns_shell.number_unique_obs      ? 
_reflns_shell.pdbx_chi_squared       ? 
_reflns_shell.pdbx_diffrn_id         ? 
_reflns_shell.pdbx_ordinal           1 
# 
_refine.entry_id                                 1ZFX 
_refine.ls_number_reflns_obs                     13267 
_refine.ls_number_reflns_all                     13252 
_refine.pdbx_ls_sigma_I                          -5 
_refine.pdbx_ls_sigma_F                          0.0 
_refine.pdbx_data_cutoff_high_absF               924127.97 
_refine.pdbx_data_cutoff_low_absF                0.000000 
_refine.pdbx_data_cutoff_high_rms_absF           ? 
_refine.ls_d_res_low                             46.68 
_refine.ls_d_res_high                            2.38 
_refine.ls_percent_reflns_obs                    99.5 
_refine.ls_R_factor_obs                          0.237 
_refine.ls_R_factor_all                          ? 
_refine.ls_R_factor_R_work                       0.237 
_refine.ls_R_factor_R_free                       0.257 
_refine.ls_R_factor_R_free_error                 0.007 
_refine.ls_R_factor_R_free_error_details         ? 
_refine.ls_percent_reflns_R_free                 10.3 
_refine.ls_number_reflns_R_free                  1367 
_refine.ls_number_parameters                     ? 
_refine.ls_number_restraints                     ? 
_refine.occupancy_min                            ? 
_refine.occupancy_max                            ? 
_refine.correlation_coeff_Fo_to_Fc               ? 
_refine.correlation_coeff_Fo_to_Fc_free          ? 
_refine.B_iso_mean                               69.9 
_refine.aniso_B[1][1]                            -9.50 
_refine.aniso_B[2][2]                            -9.50 
_refine.aniso_B[3][3]                            19.00 
_refine.aniso_B[1][2]                            -7.80 
_refine.aniso_B[1][3]                            0.00 
_refine.aniso_B[2][3]                            0.00 
_refine.solvent_model_details                    'FLAT MODEL' 
_refine.solvent_model_param_ksol                 0.448302 
_refine.solvent_model_param_bsol                 118.061 
_refine.pdbx_solvent_vdw_probe_radii             ? 
_refine.pdbx_solvent_ion_probe_radii             ? 
_refine.pdbx_solvent_shrinkage_radii             ? 
_refine.pdbx_ls_cross_valid_method               THROUGHOUT 
_refine.details                                  'MLI TARGET THROUGHOUT' 
_refine.pdbx_starting_model                      'PDB ENTRY 1ZFR' 
_refine.pdbx_method_to_determine_struct          'FOURIER SYNTHESIS' 
_refine.pdbx_isotropic_thermal_model             RESTRAINED 
_refine.pdbx_stereochemistry_target_values       CNS 
_refine.pdbx_stereochem_target_val_spec_case     ? 
_refine.pdbx_R_Free_selection_details            RANDOM 
_refine.pdbx_overall_ESU_R                       ? 
_refine.pdbx_overall_ESU_R_Free                  ? 
_refine.overall_SU_ML                            ? 
_refine.overall_SU_B                             ? 
_refine.ls_redundancy_reflns_obs                 ? 
_refine.overall_SU_R_Cruickshank_DPI             ? 
_refine.overall_SU_R_free                        ? 
_refine.ls_wR_factor_R_free                      ? 
_refine.ls_wR_factor_R_work                      ? 
_refine.overall_FOM_free_R_set                   ? 
_refine.overall_FOM_work_R_set                   ? 
_refine.pdbx_refine_id                           'X-RAY DIFFRACTION' 
_refine.pdbx_diffrn_id                           1 
_refine.pdbx_TLS_residual_ADP_flag               ? 
_refine.pdbx_overall_phase_error                 ? 
_refine.pdbx_overall_SU_R_free_Cruickshank_DPI   ? 
_refine.pdbx_overall_SU_R_Blow_DPI               ? 
_refine.pdbx_overall_SU_R_free_Blow_DPI          ? 
# 
_refine_analyze.entry_id                        1ZFX 
_refine_analyze.Luzzati_coordinate_error_obs    0.42 
_refine_analyze.Luzzati_sigma_a_obs             0.58 
_refine_analyze.Luzzati_d_res_low_obs           47.00 
_refine_analyze.Luzzati_coordinate_error_free   0.47 
_refine_analyze.Luzzati_sigma_a_free            0.53 
_refine_analyze.Luzzati_d_res_low_free          ? 
_refine_analyze.number_disordered_residues      ? 
_refine_analyze.occupancy_sum_hydrogen          ? 
_refine_analyze.occupancy_sum_non_hydrogen      ? 
_refine_analyze.pdbx_refine_id                  'X-RAY DIFFRACTION' 
# 
_refine_hist.pdbx_refine_id                   'X-RAY DIFFRACTION' 
_refine_hist.cycle_id                         LAST 
_refine_hist.pdbx_number_atoms_protein        0 
_refine_hist.pdbx_number_atoms_nucleic_acid   1308 
_refine_hist.pdbx_number_atoms_ligand         19 
_refine_hist.number_atoms_solvent             21 
_refine_hist.number_atoms_total               1348 
_refine_hist.d_res_high                       2.38 
_refine_hist.d_res_low                        46.68 
# 
loop_
_refine_ls_restr.type 
_refine_ls_restr.dev_ideal 
_refine_ls_restr.dev_ideal_target 
_refine_ls_restr.weight 
_refine_ls_restr.number 
_refine_ls_restr.pdbx_refine_id 
_refine_ls_restr.pdbx_restraint_function 
c_bond_d           0.006 ?    ? ? 'X-RAY DIFFRACTION' ? 
c_angle_deg        1.3   ?    ? ? 'X-RAY DIFFRACTION' ? 
c_dihedral_angle_d 16.5  ?    ? ? 'X-RAY DIFFRACTION' ? 
c_improper_angle_d 1.79  ?    ? ? 'X-RAY DIFFRACTION' ? 
c_mcbond_it        1.547 2.50 ? ? 'X-RAY DIFFRACTION' ? 
c_mcangle_it       2.992 3.50 ? ? 'X-RAY DIFFRACTION' ? 
c_scbond_it        2.148 3.00 ? ? 'X-RAY DIFFRACTION' ? 
c_scangle_it       4.037 4.00 ? ? 'X-RAY DIFFRACTION' ? 
# 
_refine_ls_shell.pdbx_total_number_of_bins_used   4 
_refine_ls_shell.d_res_high                       2.38 
_refine_ls_shell.d_res_low                        2.62 
_refine_ls_shell.number_reflns_R_work             2897 
_refine_ls_shell.R_factor_R_work                  0.409 
_refine_ls_shell.percent_reflns_obs               100.0 
_refine_ls_shell.R_factor_R_free                  0.422 
_refine_ls_shell.R_factor_R_free_error            0.023 
_refine_ls_shell.percent_reflns_R_free            10.3 
_refine_ls_shell.number_reflns_R_free             332 
_refine_ls_shell.redundancy_reflns_obs            ? 
_refine_ls_shell.pdbx_refine_id                   'X-RAY DIFFRACTION' 
_refine_ls_shell.number_reflns_all                ? 
_refine_ls_shell.R_factor_all                     ? 
# 
loop_
_pdbx_xplor_file.serial_no 
_pdbx_xplor_file.param_file 
_pdbx_xplor_file.topol_file 
_pdbx_xplor_file.pdbx_refine_id 
1 ion.param         dna-rna.top 'X-RAY DIFFRACTION' 
2 dna-rna_rep.param cobalt.top  'X-RAY DIFFRACTION' 
3 cobalt.par        ion.top     'X-RAY DIFFRACTION' 
4 water_rep.param   water.top   'X-RAY DIFFRACTION' 
# 
_struct.entry_id                  1ZFX 
_struct.title                     'The Structure of a minimal all-RNA Hairpin Ribozyme with the mutant G8U at the cleavage site' 
_struct.pdbx_model_details        ? 
_struct.pdbx_CASP_flag            ? 
_struct.pdbx_model_type_details   ? 
# 
_struct_keywords.entry_id        1ZFX 
_struct_keywords.pdbx_keywords   RNA 
_struct_keywords.text            
'HAIRPIN RIBOZYME, ALL-RNA, COBALT HEXAAMINE, MUTATION, LOW SALT, S-TURN, E-LOOP, RIBOSE ZIPPER, CATALYTIC RNA, RNA' 
# 
loop_
_struct_asym.id 
_struct_asym.pdbx_blank_PDB_chainid_flag 
_struct_asym.pdbx_modified 
_struct_asym.entity_id 
_struct_asym.details 
A N N 1 ? 
B N N 2 ? 
C N N 3 ? 
D N N 4 ? 
E N N 5 ? 
F N N 6 ? 
G N N 6 ? 
H N N 7 ? 
I N N 7 ? 
J N N 7 ? 
K N N 7 ? 
# 
_struct_biol.id                    1 
_struct_biol.details               'The asymmetric unit comprises chains A, B, C and D, which form the biological unit' 
_struct_biol.pdbx_parent_biol_id   ? 
# 
loop_
_struct_conn.id 
_struct_conn.conn_type_id 
_struct_conn.pdbx_leaving_atom_flag 
_struct_conn.pdbx_PDB_id 
_struct_conn.ptnr1_label_asym_id 
_struct_conn.ptnr1_label_comp_id 
_struct_conn.ptnr1_label_seq_id 
_struct_conn.ptnr1_label_atom_id 
_struct_conn.pdbx_ptnr1_label_alt_id 
_struct_conn.pdbx_ptnr1_PDB_ins_code 
_struct_conn.pdbx_ptnr1_standard_comp_id 
_struct_conn.ptnr1_symmetry 
_struct_conn.ptnr2_label_asym_id 
_struct_conn.ptnr2_label_comp_id 
_struct_conn.ptnr2_label_seq_id 
_struct_conn.ptnr2_label_atom_id 
_struct_conn.pdbx_ptnr2_label_alt_id 
_struct_conn.pdbx_ptnr2_PDB_ins_code 
_struct_conn.ptnr1_auth_asym_id 
_struct_conn.ptnr1_auth_comp_id 
_struct_conn.ptnr1_auth_seq_id 
_struct_conn.ptnr2_auth_asym_id 
_struct_conn.ptnr2_auth_comp_id 
_struct_conn.ptnr2_auth_seq_id 
_struct_conn.ptnr2_symmetry 
_struct_conn.pdbx_ptnr3_label_atom_id 
_struct_conn.pdbx_ptnr3_label_seq_id 
_struct_conn.pdbx_ptnr3_label_comp_id 
_struct_conn.pdbx_ptnr3_label_asym_id 
_struct_conn.pdbx_ptnr3_label_alt_id 
_struct_conn.pdbx_ptnr3_PDB_ins_code 
_struct_conn.details 
_struct_conn.pdbx_dist_value 
_struct_conn.pdbx_value_order 
_struct_conn.pdbx_role 
hydrog1  hydrog ? ? A C 2  N3 ? ? ? 1_555 B G 12 N1 ? ? A C 2  B G 13 1_555 ? ? ? ? ? ? WATSON-CRICK         ? ? ? 
hydrog2  hydrog ? ? A C 2  N4 ? ? ? 1_555 B G 12 O6 ? ? A C 2  B G 13 1_555 ? ? ? ? ? ? WATSON-CRICK         ? ? ? 
hydrog3  hydrog ? ? A C 2  O2 ? ? ? 1_555 B G 12 N2 ? ? A C 2  B G 13 1_555 ? ? ? ? ? ? WATSON-CRICK         ? ? ? 
hydrog4  hydrog ? ? A C 3  N3 ? ? ? 1_555 B G 11 N1 ? ? A C 3  B G 12 1_555 ? ? ? ? ? ? WATSON-CRICK         ? ? ? 
hydrog5  hydrog ? ? A C 3  N4 ? ? ? 1_555 B G 11 O6 ? ? A C 3  B G 12 1_555 ? ? ? ? ? ? WATSON-CRICK         ? ? ? 
hydrog6  hydrog ? ? A C 3  O2 ? ? ? 1_555 B G 11 N2 ? ? A C 3  B G 12 1_555 ? ? ? ? ? ? WATSON-CRICK         ? ? ? 
hydrog7  hydrog ? ? A C 4  N3 ? ? ? 1_555 B G 10 N1 ? ? A C 4  B G 11 1_555 ? ? ? ? ? ? WATSON-CRICK         ? ? ? 
hydrog8  hydrog ? ? A C 4  N4 ? ? ? 1_555 B G 10 O6 ? ? A C 4  B G 11 1_555 ? ? ? ? ? ? WATSON-CRICK         ? ? ? 
hydrog9  hydrog ? ? A C 4  O2 ? ? ? 1_555 B G 10 N2 ? ? A C 4  B G 11 1_555 ? ? ? ? ? ? WATSON-CRICK         ? ? ? 
hydrog10 hydrog ? ? A A 5  N3 ? ? ? 1_555 B A 8  N6 ? ? A A 5  B A 9  1_555 ? ? ? ? ? ? 'A-A MISPAIR'        ? ? ? 
hydrog11 hydrog ? ? A A 5  N3 ? ? ? 1_555 B A 9  N6 ? ? A A 5  B A 10 1_555 ? ? ? ? ? ? 'A-A MISPAIR'        ? ? ? 
hydrog12 hydrog ? ? A G 6  N1 ? ? ? 1_555 C C 11 N3 ? ? A G 6  C C 25 1_555 ? ? ? ? ? ? WATSON-CRICK         ? ? ? 
hydrog13 hydrog ? ? A G 6  N2 ? ? ? 1_555 C C 11 O2 ? ? A G 6  C C 25 1_555 ? ? ? ? ? ? WATSON-CRICK         ? ? ? 
hydrog14 hydrog ? ? A G 6  O6 ? ? ? 1_555 C C 11 N4 ? ? A G 6  C C 25 1_555 ? ? ? ? ? ? WATSON-CRICK         ? ? ? 
hydrog15 hydrog ? ? A U 7  O4 ? ? ? 1_555 B U 7  N3 ? ? A U 7  B U 8  1_555 ? ? ? ? ? ? 'U-U MISPAIR'        ? ? ? 
hydrog16 hydrog ? ? A C 8  N4 ? ? ? 1_555 B A 6  N1 ? ? A C 8  B A 7  1_555 ? ? ? ? ? ? 'C-A MISPAIR'        ? ? ? 
hydrog17 hydrog ? ? A C 9  N3 ? ? ? 1_555 B G 5  N1 ? ? A C 9  B G 6  1_555 ? ? ? ? ? ? WATSON-CRICK         ? ? ? 
hydrog18 hydrog ? ? A C 9  N4 ? ? ? 1_555 B G 5  O6 ? ? A C 9  B G 6  1_555 ? ? ? ? ? ? WATSON-CRICK         ? ? ? 
hydrog19 hydrog ? ? A C 9  O2 ? ? ? 1_555 B G 5  N2 ? ? A C 9  B G 6  1_555 ? ? ? ? ? ? WATSON-CRICK         ? ? ? 
hydrog20 hydrog ? ? A A 10 N1 ? ? ? 1_555 B U 4  N3 ? ? A A 10 B U 5  1_555 ? ? ? ? ? ? 'A-U PAIR'           ? ? ? 
hydrog21 hydrog ? ? A C 11 N3 ? ? ? 1_555 B G 3  N1 ? ? A C 11 B G 4  1_555 ? ? ? ? ? ? WATSON-CRICK         ? ? ? 
hydrog22 hydrog ? ? A C 11 N4 ? ? ? 1_555 B G 3  O6 ? ? A C 11 B G 4  1_555 ? ? ? ? ? ? WATSON-CRICK         ? ? ? 
hydrog23 hydrog ? ? A C 11 O2 ? ? ? 1_555 B G 3  N2 ? ? A C 11 B G 4  1_555 ? ? ? ? ? ? WATSON-CRICK         ? ? ? 
hydrog24 hydrog ? ? A C 12 N3 ? ? ? 1_555 B G 2  N1 ? ? A C 12 B G 3  1_555 ? ? ? ? ? ? WATSON-CRICK         ? ? ? 
hydrog25 hydrog ? ? A C 12 N4 ? ? ? 1_555 B G 2  O6 ? ? A C 12 B G 3  1_555 ? ? ? ? ? ? WATSON-CRICK         ? ? ? 
hydrog26 hydrog ? ? A C 12 O2 ? ? ? 1_555 B G 2  N2 ? ? A C 12 B G 3  1_555 ? ? ? ? ? ? WATSON-CRICK         ? ? ? 
hydrog27 hydrog ? ? A G 13 N1 ? ? ? 1_555 B C 1  N3 ? ? A G 13 B C 2  1_555 ? ? ? ? ? ? WATSON-CRICK         ? ? ? 
hydrog28 hydrog ? ? A G 13 N2 ? ? ? 1_555 B C 1  O2 ? ? A G 13 B C 2  1_555 ? ? ? ? ? ? WATSON-CRICK         ? ? ? 
hydrog29 hydrog ? ? A G 13 O6 ? ? ? 1_555 B C 1  N4 ? ? A G 13 B C 2  1_555 ? ? ? ? ? ? WATSON-CRICK         ? ? ? 
hydrog30 hydrog ? ? C G 1  N1 ? ? ? 1_555 D C 19 N3 ? ? C G 15 D C 49 1_555 ? ? ? ? ? ? WATSON-CRICK         ? ? ? 
hydrog31 hydrog ? ? C G 1  N2 ? ? ? 1_555 D C 19 O2 ? ? C G 15 D C 49 1_555 ? ? ? ? ? ? WATSON-CRICK         ? ? ? 
hydrog32 hydrog ? ? C G 1  O6 ? ? ? 1_555 D C 19 N4 ? ? C G 15 D C 49 1_555 ? ? ? ? ? ? WATSON-CRICK         ? ? ? 
hydrog33 hydrog ? ? C G 2  N1 ? ? ? 1_555 D C 18 N3 ? ? C G 16 D C 48 1_555 ? ? ? ? ? ? WATSON-CRICK         ? ? ? 
hydrog34 hydrog ? ? C G 2  N2 ? ? ? 1_555 D C 18 O2 ? ? C G 16 D C 48 1_555 ? ? ? ? ? ? WATSON-CRICK         ? ? ? 
hydrog35 hydrog ? ? C G 2  O6 ? ? ? 1_555 D C 18 N4 ? ? C G 16 D C 48 1_555 ? ? ? ? ? ? WATSON-CRICK         ? ? ? 
hydrog36 hydrog ? ? C C 3  N3 ? ? ? 1_555 D G 17 N1 ? ? C C 17 D G 47 1_555 ? ? ? ? ? ? WATSON-CRICK         ? ? ? 
hydrog37 hydrog ? ? C C 3  N4 ? ? ? 1_555 D G 17 O6 ? ? C C 17 D G 47 1_555 ? ? ? ? ? ? WATSON-CRICK         ? ? ? 
hydrog38 hydrog ? ? C C 3  O2 ? ? ? 1_555 D G 17 N2 ? ? C C 17 D G 47 1_555 ? ? ? ? ? ? WATSON-CRICK         ? ? ? 
hydrog39 hydrog ? ? C A 4  N1 ? ? ? 1_555 D U 16 N3 ? ? C A 18 D U 46 1_555 ? ? ? ? ? ? WATSON-CRICK         ? ? ? 
hydrog40 hydrog ? ? C A 4  N6 ? ? ? 1_555 D U 16 O4 ? ? C A 18 D U 46 1_555 ? ? ? ? ? ? WATSON-CRICK         ? ? ? 
hydrog41 hydrog ? ? C G 5  N1 ? ? ? 1_555 D C 15 N3 ? ? C G 19 D C 45 1_555 ? ? ? ? ? ? WATSON-CRICK         ? ? ? 
hydrog42 hydrog ? ? C G 5  N2 ? ? ? 1_555 D C 15 O2 ? ? C G 19 D C 45 1_555 ? ? ? ? ? ? WATSON-CRICK         ? ? ? 
hydrog43 hydrog ? ? C G 5  O6 ? ? ? 1_555 D C 15 N4 ? ? C G 19 D C 45 1_555 ? ? ? ? ? ? WATSON-CRICK         ? ? ? 
hydrog44 hydrog ? ? C A 6  N1 ? ? ? 1_555 D C 14 N4 ? ? C A 20 D C 44 1_555 ? ? ? ? ? ? 'A-C MISPAIR'        ? ? ? 
hydrog45 hydrog ? ? C G 7  N2 ? ? ? 1_555 D A 13 N7 ? ? C G 21 D A 43 1_555 ? ? ? ? ? ? TYPE_11_PAIR         ? ? ? 
hydrog46 hydrog ? ? C G 7  N3 ? ? ? 1_555 D A 13 N6 ? ? C G 21 D A 43 1_555 ? ? ? ? ? ? TYPE_11_PAIR         ? ? ? 
hydrog47 hydrog ? ? C A 8  N6 ? ? ? 1_555 D U 11 O2 ? ? C A 22 D U 41 1_555 ? ? ? ? ? ? 'REVERSED HOOGSTEEN' ? ? ? 
hydrog48 hydrog ? ? C A 8  N7 ? ? ? 1_555 D U 11 N3 ? ? C A 22 D U 41 1_555 ? ? ? ? ? ? 'REVERSED HOOGSTEEN' ? ? ? 
hydrog49 hydrog ? ? C A 9  N6 ? ? ? 1_555 D A 10 N1 ? ? C A 23 D A 40 1_555 ? ? ? ? ? ? 'A-A MISPAIR'        ? ? ? 
hydrog50 hydrog ? ? C A 10 N6 ? ? ? 1_555 D A 8  N7 ? ? C A 24 D A 38 1_555 ? ? ? ? ? ? 'A-A MISPAIR'        ? ? ? 
hydrog51 hydrog ? ? C A 12 N1 ? ? ? 1_555 D G 6  N1 ? ? C A 26 D G 36 1_555 ? ? ? ? ? ? TYPE_8_PAIR          ? ? ? 
hydrog52 hydrog ? ? C A 12 N6 ? ? ? 1_555 D G 6  O6 ? ? C A 26 D G 36 1_555 ? ? ? ? ? ? TYPE_8_PAIR          ? ? ? 
hydrog53 hydrog ? ? C C 13 N3 ? ? ? 1_555 D G 5  N1 ? ? C C 27 D G 35 1_555 ? ? ? ? ? ? WATSON-CRICK         ? ? ? 
hydrog54 hydrog ? ? C C 13 N4 ? ? ? 1_555 D G 5  O6 ? ? C C 27 D G 35 1_555 ? ? ? ? ? ? WATSON-CRICK         ? ? ? 
hydrog55 hydrog ? ? C C 13 O2 ? ? ? 1_555 D G 5  N2 ? ? C C 27 D G 35 1_555 ? ? ? ? ? ? WATSON-CRICK         ? ? ? 
hydrog56 hydrog ? ? C A 14 N1 ? ? ? 1_555 D U 4  N3 ? ? C A 28 D U 34 1_555 ? ? ? ? ? ? WATSON-CRICK         ? ? ? 
hydrog57 hydrog ? ? C A 14 N6 ? ? ? 1_555 D U 4  O4 ? ? C A 28 D U 34 1_555 ? ? ? ? ? ? WATSON-CRICK         ? ? ? 
hydrog58 hydrog ? ? C C 15 N3 ? ? ? 1_555 D G 3  N1 ? ? C C 29 D G 33 1_555 ? ? ? ? ? ? WATSON-CRICK         ? ? ? 
hydrog59 hydrog ? ? C C 15 N4 ? ? ? 1_555 D G 3  O6 ? ? C C 29 D G 33 1_555 ? ? ? ? ? ? WATSON-CRICK         ? ? ? 
hydrog60 hydrog ? ? C C 15 O2 ? ? ? 1_555 D G 3  N2 ? ? C C 29 D G 33 1_555 ? ? ? ? ? ? WATSON-CRICK         ? ? ? 
hydrog61 hydrog ? ? C G 16 N1 ? ? ? 1_555 D C 2  N3 ? ? C G 30 D C 32 1_555 ? ? ? ? ? ? WATSON-CRICK         ? ? ? 
hydrog62 hydrog ? ? C G 16 N2 ? ? ? 1_555 D C 2  O2 ? ? C G 30 D C 32 1_555 ? ? ? ? ? ? WATSON-CRICK         ? ? ? 
hydrog63 hydrog ? ? C G 16 O6 ? ? ? 1_555 D C 2  N4 ? ? C G 30 D C 32 1_555 ? ? ? ? ? ? WATSON-CRICK         ? ? ? 
hydrog64 hydrog ? ? C A 17 N1 ? ? ? 1_555 D U 1  N3 ? ? C A 31 D U 31 1_555 ? ? ? ? ? ? WATSON-CRICK         ? ? ? 
hydrog65 hydrog ? ? C A 17 N6 ? ? ? 1_555 D U 1  O4 ? ? C A 31 D U 31 1_555 ? ? ? ? ? ? WATSON-CRICK         ? ? ? 
# 
_struct_conn_type.id          hydrog 
_struct_conn_type.criteria    ? 
_struct_conn_type.reference   ? 
# 
loop_
_struct_site.id 
_struct_site.pdbx_evidence_code 
_struct_site.pdbx_auth_asym_id 
_struct_site.pdbx_auth_comp_id 
_struct_site.pdbx_auth_seq_id 
_struct_site.pdbx_auth_ins_code 
_struct_site.pdbx_num_residues 
_struct_site.details 
AC1 Software A SO4 103 ? 2 'BINDING SITE FOR RESIDUE SO4 A 103' 
AC2 Software D NCO 101 ? 4 'BINDING SITE FOR RESIDUE NCO D 101' 
AC3 Software B NCO 102 ? 4 'BINDING SITE FOR RESIDUE NCO B 102' 
# 
loop_
_struct_site_gen.id 
_struct_site_gen.site_id 
_struct_site_gen.pdbx_num_res 
_struct_site_gen.label_comp_id 
_struct_site_gen.label_asym_id 
_struct_site_gen.label_seq_id 
_struct_site_gen.pdbx_auth_ins_code 
_struct_site_gen.auth_comp_id 
_struct_site_gen.auth_asym_id 
_struct_site_gen.auth_seq_id 
_struct_site_gen.label_atom_id 
_struct_site_gen.label_alt_id 
_struct_site_gen.symmetry 
_struct_site_gen.details 
1  AC1 2 C   A 2  ? C   A 2   . ? 1_555 ? 
2  AC1 2 NCO F .  ? NCO B 102 . ? 1_555 ? 
3  AC2 4 A   C 6  ? A   C 20  . ? 1_555 ? 
4  AC2 4 G   C 7  ? G   C 21  . ? 1_555 ? 
5  AC2 4 A   D 10 ? A   D 40  . ? 1_555 ? 
6  AC2 4 U   D 11 ? U   D 41  . ? 1_555 ? 
7  AC3 4 SO4 E .  ? SO4 A 103 . ? 1_555 ? 
8  AC3 4 G   B 11 ? G   B 12  . ? 1_555 ? 
9  AC3 4 G   B 12 ? G   B 13  . ? 1_555 ? 
10 AC3 4 HOH I .  ? HOH B 105 . ? 1_555 ? 
# 
_atom_sites.entry_id                    1ZFX 
_atom_sites.fract_transf_matrix[1][1]   0.00259825 
_atom_sites.fract_transf_matrix[1][2]   0.00097806 
_atom_sites.fract_transf_matrix[1][3]   -0.01205378 
_atom_sites.fract_transf_matrix[2][1]   -0.00904206 
_atom_sites.fract_transf_matrix[2][2]   0.00236011 
_atom_sites.fract_transf_matrix[2][3]   -0.00810481 
_atom_sites.fract_transf_matrix[3][1]   0.00125335 
_atom_sites.fract_transf_matrix[3][2]   0.00794287 
_atom_sites.fract_transf_matrix[3][3]   0.00091466 
_atom_sites.fract_transf_vector[1]      0.432827 
_atom_sites.fract_transf_vector[2]      0.209463 
_atom_sites.fract_transf_vector[3]      0.385308 
# 
loop_
_atom_type.symbol 
C  
CO 
N  
O  
P  
S  
# 
loop_
_atom_site.group_PDB 
_atom_site.id 
_atom_site.type_symbol 
_atom_site.label_atom_id 
_atom_site.label_alt_id 
_atom_site.label_comp_id 
_atom_site.label_asym_id 
_atom_site.label_entity_id 
_atom_site.label_seq_id 
_atom_site.pdbx_PDB_ins_code 
_atom_site.Cartn_x 
_atom_site.Cartn_y 
_atom_site.Cartn_z 
_atom_site.occupancy 
_atom_site.B_iso_or_equiv 
_atom_site.pdbx_formal_charge 
_atom_site.auth_seq_id 
_atom_site.auth_comp_id 
_atom_site.auth_asym_id 
_atom_site.auth_atom_id 
_atom_site.pdbx_PDB_model_num 
ATOM   1    O  "O5'" A U   A 1 1  ? -3.111  12.754  -14.771 0.50 90.28  ? 1   U   A "O5'" 1 
ATOM   2    O  "O5'" B U   A 1 1  ? -2.926  13.568  -14.792 0.50 81.99  ? 1   U   A "O5'" 1 
ATOM   3    C  "C5'" A U   A 1 1  ? -3.780  13.928  -15.248 0.50 85.39  ? 1   U   A "C5'" 1 
ATOM   4    C  "C5'" B U   A 1 1  ? -4.029  12.826  -15.308 0.50 73.44  ? 1   U   A "C5'" 1 
ATOM   5    C  "C4'" A U   A 1 1  ? -5.235  13.926  -14.845 0.50 81.25  ? 1   U   A "C4'" 1 
ATOM   6    C  "C4'" B U   A 1 1  ? -5.366  13.352  -14.841 0.50 71.12  ? 1   U   A "C4'" 1 
ATOM   7    O  "O4'" A U   A 1 1  ? -6.011  13.124  -15.776 0.50 82.12  ? 1   U   A "O4'" 1 
ATOM   8    O  "O4'" B U   A 1 1  ? -6.432  12.688  -15.576 0.50 70.30  ? 1   U   A "O4'" 1 
ATOM   9    C  "C3'" A U   A 1 1  ? -5.499  13.296  -13.494 0.50 79.34  ? 1   U   A "C3'" 1 
ATOM   10   C  "C3'" B U   A 1 1  ? -5.696  13.111  -13.374 0.50 70.64  ? 1   U   A "C3'" 1 
ATOM   11   O  "O3'" A U   A 1 1  ? -5.283  14.228  -12.455 0.50 75.84  ? 1   U   A "O3'" 1 
ATOM   12   O  "O3'" B U   A 1 1  ? -5.194  14.140  -12.532 0.50 71.37  ? 1   U   A "O3'" 1 
ATOM   13   C  "C2'" A U   A 1 1  ? -6.942  12.834  -13.632 0.50 78.75  ? 1   U   A "C2'" 1 
ATOM   14   C  "C2'" B U   A 1 1  ? -7.217  13.123  -13.371 0.50 68.17  ? 1   U   A "C2'" 1 
ATOM   15   O  "O2'" A U   A 1 1  ? -7.896  13.872  -13.533 0.50 78.90  ? 1   U   A "O2'" 1 
ATOM   16   O  "O2'" B U   A 1 1  ? -7.754  14.430  -13.381 0.50 69.41  ? 1   U   A "O2'" 1 
ATOM   17   C  "C1'" A U   A 1 1  ? -6.921  12.300  -15.060 0.50 78.30  ? 1   U   A "C1'" 1 
ATOM   18   C  "C1'" B U   A 1 1  ? -7.526  12.462  -14.707 0.50 65.42  ? 1   U   A "C1'" 1 
ATOM   19   N  N1    A U   A 1 1  ? -6.381  10.938  -15.107 0.50 76.17  ? 1   U   A N1    1 
ATOM   20   N  N1    B U   A 1 1  ? -7.806  11.020  -14.663 0.50 61.91  ? 1   U   A N1    1 
ATOM   21   C  C2    A U   A 1 1  ? -7.224  9.873   -14.839 0.50 75.52  ? 1   U   A C2    1 
ATOM   22   C  C2    B U   A 1 1  ? -6.740  10.142  -14.767 0.50 61.34  ? 1   U   A C2    1 
ATOM   23   O  O2    A U   A 1 1  ? -8.409  10.008  -14.551 0.50 75.74  ? 1   U   A O2    1 
ATOM   24   O  O2    B U   A 1 1  ? -5.578  10.503  -14.893 0.50 63.08  ? 1   U   A O2    1 
ATOM   25   N  N3    A U   A 1 1  ? -6.622  8.641   -14.921 0.50 74.27  ? 1   U   A N3    1 
ATOM   26   N  N3    B U   A 1 1  ? -7.092  8.821   -14.734 0.50 59.65  ? 1   U   A N3    1 
ATOM   27   C  C4    A U   A 1 1  ? -5.296  8.384   -15.235 0.50 73.16  ? 1   U   A C4    1 
ATOM   28   C  C4    B U   A 1 1  ? -8.366  8.310   -14.613 0.50 58.77  ? 1   U   A C4    1 
ATOM   29   O  O4    A U   A 1 1  ? -4.903  7.224   -15.305 0.50 73.06  ? 1   U   A O4    1 
ATOM   30   O  O4    B U   A 1 1  ? -8.526  7.106   -14.679 0.50 56.26  ? 1   U   A O4    1 
ATOM   31   C  C5    A U   A 1 1  ? -4.501  9.541   -15.484 0.50 74.40  ? 1   U   A C5    1 
ATOM   32   C  C5    B U   A 1 1  ? -9.400  9.271   -14.481 0.50 58.39  ? 1   U   A C5    1 
ATOM   33   C  C6    A U   A 1 1  ? -5.056  10.743  -15.414 0.50 75.53  ? 1   U   A C6    1 
ATOM   34   C  C6    B U   A 1 1  ? -9.097  10.562  -14.512 0.50 60.27  ? 1   U   A C6    1 
ATOM   35   P  P     . C   A 1 2  ? -4.544  13.749  -11.116 1.00 76.75  ? 2   C   A P     1 
ATOM   36   O  OP1   . C   A 1 2  ? -4.543  14.929  -10.218 1.00 73.27  ? 2   C   A OP1   1 
ATOM   37   O  OP2   . C   A 1 2  ? -3.255  13.080  -11.462 1.00 73.66  ? 2   C   A OP2   1 
ATOM   38   O  "O5'" . C   A 1 2  ? -5.551  12.672  -10.513 1.00 65.11  ? 2   C   A "O5'" 1 
ATOM   39   C  "C5'" . C   A 1 2  ? -6.854  13.069  -10.136 1.00 56.86  ? 2   C   A "C5'" 1 
ATOM   40   C  "C4'" . C   A 1 2  ? -7.694  11.876  -9.778  1.00 57.74  ? 2   C   A "C4'" 1 
ATOM   41   O  "O4'" . C   A 1 2  ? -7.772  10.994  -10.925 1.00 60.78  ? 2   C   A "O4'" 1 
ATOM   42   C  "C3'" . C   A 1 2  ? -7.128  10.985  -8.692  1.00 55.09  ? 2   C   A "C3'" 1 
ATOM   43   O  "O3'" . C   A 1 2  ? -7.388  11.472  -7.394  1.00 56.16  ? 2   C   A "O3'" 1 
ATOM   44   C  "C2'" . C   A 1 2  ? -7.828  9.668   -8.962  1.00 55.50  ? 2   C   A "C2'" 1 
ATOM   45   O  "O2'" . C   A 1 2  ? -9.162  9.676   -8.509  1.00 58.03  ? 2   C   A "O2'" 1 
ATOM   46   C  "C1'" . C   A 1 2  ? -7.818  9.648   -10.485 1.00 55.55  ? 2   C   A "C1'" 1 
ATOM   47   N  N1    . C   A 1 2  ? -6.641  8.936   -11.005 1.00 51.85  ? 2   C   A N1    1 
ATOM   48   C  C2    . C   A 1 2  ? -6.662  7.546   -10.988 1.00 48.14  ? 2   C   A C2    1 
ATOM   49   O  O2    . C   A 1 2  ? -7.683  6.971   -10.557 1.00 49.28  ? 2   C   A O2    1 
ATOM   50   N  N3    . C   A 1 2  ? -5.588  6.857   -11.443 1.00 47.15  ? 2   C   A N3    1 
ATOM   51   C  C4    . C   A 1 2  ? -4.523  7.516   -11.912 1.00 49.63  ? 2   C   A C4    1 
ATOM   52   N  N4    . C   A 1 2  ? -3.474  6.797   -12.365 1.00 50.21  ? 2   C   A N4    1 
ATOM   53   C  C5    . C   A 1 2  ? -4.476  8.940   -11.944 1.00 49.08  ? 2   C   A C5    1 
ATOM   54   C  C6    . C   A 1 2  ? -5.549  9.605   -11.483 1.00 48.07  ? 2   C   A C6    1 
ATOM   55   P  P     . C   A 1 3  ? -6.370  11.110  -6.211  1.00 56.59  ? 3   C   A P     1 
ATOM   56   O  OP1   . C   A 1 3  ? -6.683  11.947  -5.025  1.00 58.21  ? 3   C   A OP1   1 
ATOM   57   O  OP2   . C   A 1 3  ? -5.000  11.103  -6.771  1.00 51.21  ? 3   C   A OP2   1 
ATOM   58   O  "O5'" . C   A 1 3  ? -6.752  9.615   -5.867  1.00 50.38  ? 3   C   A "O5'" 1 
ATOM   59   C  "C5'" . C   A 1 3  ? -8.078  9.294   -5.519  1.00 46.17  ? 3   C   A "C5'" 1 
ATOM   60   C  "C4'" . C   A 1 3  ? -8.170  7.846   -5.164  1.00 50.78  ? 3   C   A "C4'" 1 
ATOM   61   O  "O4'" . C   A 1 3  ? -8.007  7.062   -6.370  1.00 51.79  ? 3   C   A "O4'" 1 
ATOM   62   C  "C3'" . C   A 1 3  ? -7.060  7.360   -4.254  1.00 52.53  ? 3   C   A "C3'" 1 
ATOM   63   O  "O3'" . C   A 1 3  ? -7.349  7.621   -2.886  1.00 54.97  ? 3   C   A "O3'" 1 
ATOM   64   C  "C2'" . C   A 1 3  ? -7.039  5.871   -4.563  1.00 51.60  ? 3   C   A "C2'" 1 
ATOM   65   O  "O2'" . C   A 1 3  ? -8.080  5.166   -3.927  1.00 53.29  ? 3   C   A "O2'" 1 
ATOM   66   C  "C1'" . C   A 1 3  ? -7.308  5.871   -6.066  1.00 50.04  ? 3   C   A "C1'" 1 
ATOM   67   N  N1    . C   A 1 3  ? -6.092  5.817   -6.888  1.00 50.92  ? 3   C   A N1    1 
ATOM   68   C  C2    . C   A 1 3  ? -5.511  4.574   -7.127  1.00 52.04  ? 3   C   A C2    1 
ATOM   69   O  O2    . C   A 1 3  ? -6.017  3.574   -6.606  1.00 53.76  ? 3   C   A O2    1 
ATOM   70   N  N3    . C   A 1 3  ? -4.415  4.491   -7.907  1.00 53.18  ? 3   C   A N3    1 
ATOM   71   C  C4    . C   A 1 3  ? -3.891  5.598   -8.431  1.00 53.88  ? 3   C   A C4    1 
ATOM   72   N  N4    . C   A 1 3  ? -2.814  5.472   -9.199  1.00 53.20  ? 3   C   A N4    1 
ATOM   73   C  C5    . C   A 1 3  ? -4.450  6.886   -8.187  1.00 52.40  ? 3   C   A C5    1 
ATOM   74   C  C6    . C   A 1 3  ? -5.543  6.948   -7.417  1.00 52.96  ? 3   C   A C6    1 
ATOM   75   P  P     . C   A 1 4  ? -6.147  7.733   -1.826  1.00 55.76  ? 4   C   A P     1 
ATOM   76   O  OP1   . C   A 1 4  ? -6.754  7.853   -0.482  1.00 61.56  ? 4   C   A OP1   1 
ATOM   77   O  OP2   . C   A 1 4  ? -5.166  8.749   -2.277  1.00 50.88  ? 4   C   A OP2   1 
ATOM   78   O  "O5'" . C   A 1 4  ? -5.434  6.314   -1.898  1.00 56.40  ? 4   C   A "O5'" 1 
ATOM   79   C  "C5'" . C   A 1 4  ? -5.695  5.364   -0.883  1.00 52.99  ? 4   C   A "C5'" 1 
ATOM   80   C  "C4'" . C   A 1 4  ? -5.032  4.061   -1.192  1.00 55.19  ? 4   C   A "C4'" 1 
ATOM   81   O  "O4'" . C   A 1 4  ? -4.899  3.918   -2.631  1.00 54.15  ? 4   C   A "O4'" 1 
ATOM   82   C  "C3'" . C   A 1 4  ? -3.591  4.022   -0.728  1.00 57.18  ? 4   C   A "C3'" 1 
ATOM   83   O  "O3'" . C   A 1 4  ? -3.591  3.653   0.639   1.00 58.72  ? 4   C   A "O3'" 1 
ATOM   84   C  "C2'" . C   A 1 4  ? -2.995  2.929   -1.605  1.00 55.46  ? 4   C   A "C2'" 1 
ATOM   85   O  "O2'" . C   A 1 4  ? -3.266  1.619   -1.148  1.00 57.37  ? 4   C   A "O2'" 1 
ATOM   86   C  "C1'" . C   A 1 4  ? -3.741  3.150   -2.914  1.00 53.23  ? 4   C   A "C1'" 1 
ATOM   87   N  N1    . C   A 1 4  ? -2.931  3.789   -3.953  1.00 54.36  ? 4   C   A N1    1 
ATOM   88   C  C2    . C   A 1 4  ? -2.012  2.998   -4.636  1.00 53.56  ? 4   C   A C2    1 
ATOM   89   O  O2    . C   A 1 4  ? -1.898  1.811   -4.322  1.00 56.02  ? 4   C   A O2    1 
ATOM   90   N  N3    . C   A 1 4  ? -1.267  3.541   -5.611  1.00 52.93  ? 4   C   A N3    1 
ATOM   91   C  C4    . C   A 1 4  ? -1.409  4.827   -5.911  1.00 53.24  ? 4   C   A C4    1 
ATOM   92   N  N4    . C   A 1 4  ? -0.667  5.314   -6.895  1.00 50.98  ? 4   C   A N4    1 
ATOM   93   C  C5    . C   A 1 4  ? -2.324  5.667   -5.219  1.00 52.01  ? 4   C   A C5    1 
ATOM   94   C  C6    . C   A 1 4  ? -3.062  5.110   -4.254  1.00 51.96  ? 4   C   A C6    1 
ATOM   95   P  P     . A   A 1 5  ? -2.888  4.597   1.721   1.00 62.98  ? 5   A   A P     1 
ATOM   96   O  OP1   . A   A 1 5  ? -3.419  4.198   3.053   1.00 63.83  ? 5   A   A OP1   1 
ATOM   97   O  OP2   . A   A 1 5  ? -3.012  6.009   1.273   1.00 58.53  ? 5   A   A OP2   1 
ATOM   98   O  "O5'" . A   A 1 5  ? -1.350  4.195   1.617   1.00 63.63  ? 5   A   A "O5'" 1 
ATOM   99   C  "C5'" . A   A 1 5  ? -0.939  2.828   1.554   1.00 61.09  ? 5   A   A "C5'" 1 
ATOM   100  C  "C4'" . A   A 1 5  ? 0.371   2.732   0.820   1.00 65.59  ? 5   A   A "C4'" 1 
ATOM   101  O  "O4'" . A   A 1 5  ? 0.156   3.071   -0.562  1.00 65.76  ? 5   A   A "O4'" 1 
ATOM   102  C  "C3'" . A   A 1 5  ? 1.445   3.694   1.306   1.00 66.29  ? 5   A   A "C3'" 1 
ATOM   103  O  "O3'" . A   A 1 5  ? 2.210   3.017   2.297   1.00 70.97  ? 5   A   A "O3'" 1 
ATOM   104  C  "C2'" . A   A 1 5  ? 2.313   3.882   0.068   1.00 66.71  ? 5   A   A "C2'" 1 
ATOM   105  O  "O2'" . A   A 1 5  ? 3.339   2.919   -0.080  1.00 71.69  ? 5   A   A "O2'" 1 
ATOM   106  C  "C1'" . A   A 1 5  ? 1.277   3.773   -1.055  1.00 63.80  ? 5   A   A "C1'" 1 
ATOM   107  N  N9    . A   A 1 5  ? 0.794   5.038   -1.584  1.00 62.31  ? 5   A   A N9    1 
ATOM   108  C  C8    . A   A 1 5  ? -0.237  5.808   -1.109  1.00 63.80  ? 5   A   A C8    1 
ATOM   109  N  N7    . A   A 1 5  ? -0.468  6.877   -1.830  1.00 64.33  ? 5   A   A N7    1 
ATOM   110  C  C5    . A   A 1 5  ? 0.484   6.807   -2.839  1.00 61.30  ? 5   A   A C5    1 
ATOM   111  C  C6    . A   A 1 5  ? 0.767   7.641   -3.928  1.00 61.10  ? 5   A   A C6    1 
ATOM   112  N  N6    . A   A 1 5  ? 0.094   8.758   -4.192  1.00 62.34  ? 5   A   A N6    1 
ATOM   113  N  N1    . A   A 1 5  ? 1.780   7.283   -4.751  1.00 60.97  ? 5   A   A N1    1 
ATOM   114  C  C2    . A   A 1 5  ? 2.454   6.161   -4.480  1.00 59.95  ? 5   A   A C2    1 
ATOM   115  N  N3    . A   A 1 5  ? 2.284   5.299   -3.485  1.00 59.77  ? 5   A   A N3    1 
ATOM   116  C  C4    . A   A 1 5  ? 1.270   5.685   -2.693  1.00 61.59  ? 5   A   A C4    1 
ATOM   117  P  P     . G   A 1 6  ? 2.725   3.797   3.597   1.00 73.09  ? 6   G   A P     1 
ATOM   118  O  OP1   . G   A 1 6  ? 1.591   3.781   4.565   1.00 74.43  ? 6   G   A OP1   1 
ATOM   119  O  OP2   . G   A 1 6  ? 3.288   5.099   3.136   1.00 70.63  ? 6   G   A OP2   1 
ATOM   120  O  "O5'" . G   A 1 6  ? 3.900   2.868   4.179   1.00 73.12  ? 6   G   A "O5'" 1 
ATOM   121  C  "C5'" . G   A 1 6  ? 5.260   2.999   3.735   1.00 61.87  ? 6   G   A "C5'" 1 
ATOM   122  C  "C4'" . G   A 1 6  ? 6.086   1.795   4.161   1.00 63.73  ? 6   G   A "C4'" 1 
ATOM   123  O  "O4'" . G   A 1 6  ? 5.355   0.565   3.972   1.00 62.16  ? 6   G   A "O4'" 1 
ATOM   124  C  "C3'" . G   A 1 6  ? 7.358   1.653   3.309   1.00 63.45  ? 6   G   A "C3'" 1 
ATOM   125  O  "O3'" . G   A 1 6  ? 8.387   1.925   4.257   1.00 67.07  ? 6   G   A "O3'" 1 
ATOM   126  C  "C2'" . G   A 1 6  ? 7.651   0.155   3.279   1.00 59.82  ? 6   G   A "C2'" 1 
ATOM   127  O  "O2'" . G   A 1 6  ? 8.680   -0.280  4.141   1.00 71.29  ? 6   G   A "O2'" 1 
ATOM   128  C  "C1'" . G   A 1 6  ? 6.300   -0.418  3.667   1.00 57.40  ? 6   G   A "C1'" 1 
ATOM   129  N  N9    . G   A 1 6  ? 5.738   -1.698  3.283   1.00 54.46  ? 6   G   A N9    1 
ATOM   130  C  C8    . G   A 1 6  ? 5.368   -2.701  4.141   1.00 52.36  ? 6   G   A C8    1 
ATOM   131  N  N7    . G   A 1 6  ? 4.972   -3.776  3.523   1.00 50.72  ? 6   G   A N7    1 
ATOM   132  C  C5    . G   A 1 6  ? 5.064   -3.447  2.178   1.00 48.63  ? 6   G   A C5    1 
ATOM   133  C  C6    . G   A 1 6  ? 4.785   -4.222  1.023   1.00 48.45  ? 6   G   A C6    1 
ATOM   134  O  O6    . G   A 1 6  ? 4.415   -5.402  0.959   1.00 50.04  ? 6   G   A O6    1 
ATOM   135  N  N1    . G   A 1 6  ? 4.997   -3.493  -0.146  1.00 48.47  ? 6   G   A N1    1 
ATOM   136  C  C2    . G   A 1 6  ? 5.445   -2.195  -0.196  1.00 49.25  ? 6   G   A C2    1 
ATOM   137  N  N2    . G   A 1 6  ? 5.568   -1.654  -1.409  1.00 47.52  ? 6   G   A N2    1 
ATOM   138  N  N3    . G   A 1 6  ? 5.743   -1.478  0.876   1.00 50.11  ? 6   G   A N3    1 
ATOM   139  C  C4    . G   A 1 6  ? 5.521   -2.161  2.015   1.00 51.78  ? 6   G   A C4    1 
ATOM   140  P  P     . U   A 1 7  ? 9.134   3.330   4.334   1.00 69.60  ? 7   U   A P     1 
ATOM   141  O  OP1   . U   A 1 7  ? 9.791   3.299   5.656   1.00 67.47  ? 7   U   A OP1   1 
ATOM   142  O  OP2   . U   A 1 7  ? 8.221   4.441   4.001   1.00 67.68  ? 7   U   A OP2   1 
ATOM   143  O  "O5'" . U   A 1 7  ? 10.277  3.183   3.249   1.00 66.59  ? 7   U   A "O5'" 1 
ATOM   144  C  "C5'" . U   A 1 7  ? 11.198  2.113   3.339   1.00 62.36  ? 7   U   A "C5'" 1 
ATOM   145  C  "C4'" . U   A 1 7  ? 12.126  2.148   2.166   1.00 68.23  ? 7   U   A "C4'" 1 
ATOM   146  O  "O4'" . U   A 1 7  ? 11.359  1.892   0.967   1.00 68.13  ? 7   U   A "O4'" 1 
ATOM   147  C  "C3'" . U   A 1 7  ? 12.734  3.512   1.920   1.00 69.31  ? 7   U   A "C3'" 1 
ATOM   148  O  "O3'" . U   A 1 7  ? 13.880  3.715   2.721   1.00 71.76  ? 7   U   A "O3'" 1 
ATOM   149  C  "C2'" . U   A 1 7  ? 13.072  3.450   0.441   1.00 69.63  ? 7   U   A "C2'" 1 
ATOM   150  O  "O2'" . U   A 1 7  ? 14.263  2.737   0.190   1.00 70.34  ? 7   U   A "O2'" 1 
ATOM   151  C  "C1'" . U   A 1 7  ? 11.874  2.670   -0.098  1.00 67.50  ? 7   U   A "C1'" 1 
ATOM   152  N  N1    . U   A 1 7  ? 10.802  3.552   -0.573  1.00 68.43  ? 7   U   A N1    1 
ATOM   153  C  C2    . U   A 1 7  ? 10.938  4.096   -1.835  1.00 68.91  ? 7   U   A C2    1 
ATOM   154  O  O2    . U   A 1 7  ? 11.902  3.869   -2.551  1.00 70.83  ? 7   U   A O2    1 
ATOM   155  N  N3    . U   A 1 7  ? 9.903   4.913   -2.233  1.00 69.45  ? 7   U   A N3    1 
ATOM   156  C  C4    . U   A 1 7  ? 8.767   5.224   -1.509  1.00 70.15  ? 7   U   A C4    1 
ATOM   157  O  O4    . U   A 1 7  ? 7.903   5.948   -2.010  1.00 74.69  ? 7   U   A O4    1 
ATOM   158  C  C5    . U   A 1 7  ? 8.704   4.619   -0.210  1.00 68.25  ? 7   U   A C5    1 
ATOM   159  C  C6    . U   A 1 7  ? 9.700   3.826   0.204   1.00 68.42  ? 7   U   A C6    1 
ATOM   160  P  P     . C   A 1 8  ? 14.224  5.194   3.234   1.00 74.13  ? 8   C   A P     1 
ATOM   161  O  OP1   . C   A 1 8  ? 15.500  5.120   3.990   1.00 79.81  ? 8   C   A OP1   1 
ATOM   162  O  OP2   . C   A 1 8  ? 13.009  5.742   3.883   1.00 72.23  ? 8   C   A OP2   1 
ATOM   163  O  "O5'" . C   A 1 8  ? 14.490  6.001   1.894   1.00 75.80  ? 8   C   A "O5'" 1 
ATOM   164  C  "C5'" . C   A 1 8  ? 15.602  5.674   1.080   1.00 76.49  ? 8   C   A "C5'" 1 
ATOM   165  C  "C4'" . C   A 1 8  ? 15.638  6.574   -0.118  1.00 82.20  ? 8   C   A "C4'" 1 
ATOM   166  O  "O4'" . C   A 1 8  ? 14.523  6.254   -0.990  1.00 82.46  ? 8   C   A "O4'" 1 
ATOM   167  C  "C3'" . C   A 1 8  ? 15.434  8.040   0.204   1.00 84.34  ? 8   C   A "C3'" 1 
ATOM   168  O  "O3'" . C   A 1 8  ? 16.627  8.667   0.642   1.00 88.54  ? 8   C   A "O3'" 1 
ATOM   169  C  "C2'" . C   A 1 8  ? 14.922  8.588   -1.118  1.00 84.23  ? 8   C   A "C2'" 1 
ATOM   170  O  "O2'" . C   A 1 8  ? 15.957  8.819   -2.055  1.00 83.94  ? 8   C   A "O2'" 1 
ATOM   171  C  "C1'" . C   A 1 8  ? 14.023  7.441   -1.580  1.00 82.52  ? 8   C   A "C1'" 1 
ATOM   172  N  N1    . C   A 1 8  ? 12.642  7.633   -1.112  1.00 84.33  ? 8   C   A N1    1 
ATOM   173  C  C2    . C   A 1 8  ? 11.790  8.457   -1.855  1.00 85.75  ? 8   C   A C2    1 
ATOM   174  O  O2    . C   A 1 8  ? 12.219  8.981   -2.904  1.00 88.34  ? 8   C   A O2    1 
ATOM   175  N  N3    . C   A 1 8  ? 10.525  8.664   -1.418  1.00 84.05  ? 8   C   A N3    1 
ATOM   176  C  C4    . C   A 1 8  ? 10.102  8.084   -0.291  1.00 84.07  ? 8   C   A C4    1 
ATOM   177  N  N4    . C   A 1 8  ? 8.849   8.331   0.108   1.00 82.36  ? 8   C   A N4    1 
ATOM   178  C  C5    . C   A 1 8  ? 10.946  7.231   0.479   1.00 83.30  ? 8   C   A C5    1 
ATOM   179  C  C6    . C   A 1 8  ? 12.195  7.032   0.035   1.00 83.06  ? 8   C   A C6    1 
ATOM   180  P  P     . C   A 1 9  ? 16.528  9.946   1.605   1.00 88.79  ? 9   C   A P     1 
ATOM   181  O  OP1   . C   A 1 9  ? 17.905  10.477  1.799   1.00 91.75  ? 9   C   A OP1   1 
ATOM   182  O  OP2   . C   A 1 9  ? 15.703  9.573   2.786   1.00 88.50  ? 9   C   A OP2   1 
ATOM   183  O  "O5'" . C   A 1 9  ? 15.694  10.981  0.729   1.00 90.72  ? 9   C   A "O5'" 1 
ATOM   184  C  "C5'" . C   A 1 9  ? 16.227  11.506  -0.484  1.00 92.93  ? 9   C   A "C5'" 1 
ATOM   185  C  "C4'" . C   A 1 9  ? 15.358  12.631  -0.985  1.00 94.78  ? 9   C   A "C4'" 1 
ATOM   186  O  "O4'" . C   A 1 9  ? 14.104  12.083  -1.470  1.00 93.82  ? 9   C   A "O4'" 1 
ATOM   187  C  "C3'" . C   A 1 9  ? 14.936  13.641  0.072   1.00 97.87  ? 9   C   A "C3'" 1 
ATOM   188  O  "O3'" . C   A 1 9  ? 15.919  14.635  0.325   1.00 100.46 ? 9   C   A "O3'" 1 
ATOM   189  C  "C2'" . C   A 1 9  ? 13.668  14.220  -0.534  1.00 97.00  ? 9   C   A "C2'" 1 
ATOM   190  O  "O2'" . C   A 1 9  ? 13.939  15.180  -1.538  1.00 103.78 ? 9   C   A "O2'" 1 
ATOM   191  C  "C1'" . C   A 1 9  ? 13.045  12.971  -1.156  1.00 92.54  ? 9   C   A "C1'" 1 
ATOM   192  N  N1    . C   A 1 9  ? 12.163  12.297  -0.199  1.00 88.82  ? 9   C   A N1    1 
ATOM   193  C  C2    . C   A 1 9  ? 10.865  12.779  -0.033  1.00 87.62  ? 9   C   A C2    1 
ATOM   194  O  O2    . C   A 1 9  ? 10.505  13.763  -0.700  1.00 88.35  ? 9   C   A O2    1 
ATOM   195  N  N3    . C   A 1 9  ? 10.035  12.164  0.842   1.00 86.25  ? 9   C   A N3    1 
ATOM   196  C  C4    . C   A 1 9  ? 10.465  11.108  1.536   1.00 86.78  ? 9   C   A C4    1 
ATOM   197  N  N4    . C   A 1 9  ? 9.609   10.522  2.378   1.00 87.23  ? 9   C   A N4    1 
ATOM   198  C  C5    . C   A 1 9  ? 11.791  10.601  1.393   1.00 86.95  ? 9   C   A C5    1 
ATOM   199  C  C6    . C   A 1 9  ? 12.599  11.221  0.523   1.00 87.90  ? 9   C   A C6    1 
ATOM   200  P  P     . A   A 1 10 ? 15.933  15.385  1.747   1.00 103.70 ? 10  A   A P     1 
ATOM   201  O  OP1   . A   A 1 10 ? 17.090  16.306  1.757   1.00 106.67 ? 10  A   A OP1   1 
ATOM   202  O  OP2   . A   A 1 10 ? 15.795  14.365  2.819   1.00 103.51 ? 10  A   A OP2   1 
ATOM   203  O  "O5'" . A   A 1 10 ? 14.604  16.260  1.728   1.00 105.99 ? 10  A   A "O5'" 1 
ATOM   204  C  "C5'" . A   A 1 10 ? 14.467  17.351  0.828   1.00 106.67 ? 10  A   A "C5'" 1 
ATOM   205  C  "C4'" . A   A 1 10 ? 13.170  18.080  1.082   1.00 108.25 ? 10  A   A "C4'" 1 
ATOM   206  O  "O4'" . A   A 1 10 ? 12.055  17.217  0.725   1.00 106.94 ? 10  A   A "O4'" 1 
ATOM   207  C  "C3'" . A   A 1 10 ? 12.898  18.439  2.533   1.00 110.06 ? 10  A   A "C3'" 1 
ATOM   208  O  "O3'" . A   A 1 10 ? 13.545  19.630  2.945   1.00 114.63 ? 10  A   A "O3'" 1 
ATOM   209  C  "C2'" . A   A 1 10 ? 11.384  18.577  2.556   1.00 108.89 ? 10  A   A "C2'" 1 
ATOM   210  O  "O2'" . A   A 1 10 ? 10.935  19.826  2.061   1.00 108.23 ? 10  A   A "O2'" 1 
ATOM   211  C  "C1'" . A   A 1 10 ? 10.972  17.439  1.620   1.00 106.46 ? 10  A   A "C1'" 1 
ATOM   212  N  N9    . A   A 1 10 ? 10.732  16.207  2.371   1.00 103.92 ? 10  A   A N9    1 
ATOM   213  C  C8    . A   A 1 10 ? 11.593  15.159  2.586   1.00 103.93 ? 10  A   A C8    1 
ATOM   214  N  N7    . A   A 1 10 ? 11.089  14.206  3.335   1.00 103.15 ? 10  A   A N7    1 
ATOM   215  C  C5    . A   A 1 10 ? 9.807   14.654  3.626   1.00 102.32 ? 10  A   A C5    1 
ATOM   216  C  C6    . A   A 1 10 ? 8.756   14.101  4.382   1.00 101.42 ? 10  A   A C6    1 
ATOM   217  N  N6    . A   A 1 10 ? 8.833   12.932  5.015   1.00 100.71 ? 10  A   A N6    1 
ATOM   218  N  N1    . A   A 1 10 ? 7.606   14.805  4.469   1.00 101.05 ? 10  A   A N1    1 
ATOM   219  C  C2    . A   A 1 10 ? 7.528   15.983  3.837   1.00 102.02 ? 10  A   A C2    1 
ATOM   220  N  N3    . A   A 1 10 ? 8.444   16.607  3.099   1.00 102.49 ? 10  A   A N3    1 
ATOM   221  C  C4    . A   A 1 10 ? 9.574   15.881  3.033   1.00 102.86 ? 10  A   A C4    1 
ATOM   222  P  P     . C   A 1 11 ? 13.863  19.845  4.502   1.00 118.56 ? 11  C   A P     1 
ATOM   223  O  OP1   . C   A 1 11 ? 14.690  21.068  4.631   1.00 118.76 ? 11  C   A OP1   1 
ATOM   224  O  OP2   . C   A 1 11 ? 14.361  18.560  5.049   1.00 117.04 ? 11  C   A OP2   1 
ATOM   225  O  "O5'" . C   A 1 11 ? 12.443  20.130  5.155   1.00 116.63 ? 11  C   A "O5'" 1 
ATOM   226  C  "C5'" . C   A 1 11 ? 11.769  21.345  4.888   1.00 117.90 ? 11  C   A "C5'" 1 
ATOM   227  C  "C4'" . C   A 1 11 ? 10.430  21.350  5.565   1.00 120.46 ? 11  C   A "C4'" 1 
ATOM   228  O  "O4'" . C   A 1 11 ? 9.648   20.243  5.042   1.00 120.18 ? 11  C   A "O4'" 1 
ATOM   229  C  "C3'" . C   A 1 11 ? 10.464  21.071  7.059   1.00 121.77 ? 11  C   A "C3'" 1 
ATOM   230  O  "O3'" . C   A 1 11 ? 10.762  22.205  7.854   1.00 125.07 ? 11  C   A "O3'" 1 
ATOM   231  C  "C2'" . C   A 1 11 ? 9.059   20.558  7.319   1.00 121.40 ? 11  C   A "C2'" 1 
ATOM   232  O  "O2'" . C   A 1 11 ? 8.109   21.601  7.396   1.00 121.21 ? 11  C   A "O2'" 1 
ATOM   233  C  "C1'" . C   A 1 11 ? 8.822   19.714  6.069   1.00 119.79 ? 11  C   A "C1'" 1 
ATOM   234  N  N1    . C   A 1 11 ? 9.219   18.328  6.342   1.00 118.82 ? 11  C   A N1    1 
ATOM   235  C  C2    . C   A 1 11 ? 8.301   17.503  6.984   1.00 118.44 ? 11  C   A C2    1 
ATOM   236  O  O2    . C   A 1 11 ? 7.176   17.952  7.238   1.00 118.66 ? 11  C   A O2    1 
ATOM   237  N  N3    . C   A 1 11 ? 8.655   16.242  7.310   1.00 118.00 ? 11  C   A N3    1 
ATOM   238  C  C4    . C   A 1 11 ? 9.873   15.792  7.005   1.00 118.08 ? 11  C   A C4    1 
ATOM   239  N  N4    . C   A 1 11 ? 10.184  14.544  7.364   1.00 118.66 ? 11  C   A N4    1 
ATOM   240  C  C5    . C   A 1 11 ? 10.826  16.605  6.320   1.00 117.86 ? 11  C   A C5    1 
ATOM   241  C  C6    . C   A 1 11 ? 10.459  17.857  6.009   1.00 118.35 ? 11  C   A C6    1 
ATOM   242  P  P     . C   A 1 12 ? 11.208  21.993  9.382   1.00 127.50 ? 12  C   A P     1 
ATOM   243  O  OP1   . C   A 1 12 ? 11.489  23.326  9.967   1.00 127.58 ? 12  C   A OP1   1 
ATOM   244  O  OP2   . C   A 1 12 ? 12.259  20.942  9.393   1.00 127.35 ? 12  C   A OP2   1 
ATOM   245  O  "O5'" . C   A 1 12 ? 9.909   21.407  10.094  1.00 123.51 ? 12  C   A "O5'" 1 
ATOM   246  C  "C5'" . C   A 1 12 ? 8.753   22.217  10.251  1.00 121.65 ? 12  C   A "C5'" 1 
ATOM   247  C  "C4'" . C   A 1 12 ? 7.730   21.521  11.112  1.00 120.72 ? 12  C   A "C4'" 1 
ATOM   248  O  "O4'" . C   A 1 12 ? 7.264   20.324  10.433  1.00 119.50 ? 12  C   A "O4'" 1 
ATOM   249  C  "C3'" . C   A 1 12 ? 8.248   20.992  12.438  1.00 120.91 ? 12  C   A "C3'" 1 
ATOM   250  O  "O3'" . C   A 1 12 ? 8.308   21.970  13.452  1.00 122.34 ? 12  C   A "O3'" 1 
ATOM   251  C  "C2'" . C   A 1 12 ? 7.244   19.902  12.772  1.00 119.98 ? 12  C   A "C2'" 1 
ATOM   252  O  "O2'" . C   A 1 12 ? 6.043   20.399  13.329  1.00 119.28 ? 12  C   A "O2'" 1 
ATOM   253  C  "C1'" . C   A 1 12 ? 6.990   19.308  11.390  1.00 118.19 ? 12  C   A "C1'" 1 
ATOM   254  N  N1    . C   A 1 12 ? 7.888   18.171  11.153  1.00 116.34 ? 12  C   A N1    1 
ATOM   255  C  C2    . C   A 1 12 ? 7.512   16.915  11.641  1.00 114.99 ? 12  C   A C2    1 
ATOM   256  O  O2    . C   A 1 12 ? 6.428   16.805  12.234  1.00 114.43 ? 12  C   A O2    1 
ATOM   257  N  N3    . C   A 1 12 ? 8.334   15.861  11.458  1.00 113.70 ? 12  C   A N3    1 
ATOM   258  C  C4    . C   A 1 12 ? 9.492   16.024  10.814  1.00 113.66 ? 12  C   A C4    1 
ATOM   259  N  N4    . C   A 1 12 ? 10.275  14.956  10.660  1.00 113.72 ? 12  C   A N4    1 
ATOM   260  C  C5    . C   A 1 12 ? 9.897   17.291  10.300  1.00 114.40 ? 12  C   A C5    1 
ATOM   261  C  C6    . C   A 1 12 ? 9.072   18.328  10.487  1.00 115.38 ? 12  C   A C6    1 
ATOM   262  P  P     . G   A 1 13 ? 9.325   21.759  14.671  1.00 123.63 ? 13  G   A P     1 
ATOM   263  O  OP1   . G   A 1 13 ? 9.396   23.021  15.445  1.00 124.98 ? 13  G   A OP1   1 
ATOM   264  O  OP2   . G   A 1 13 ? 10.564  21.165  14.100  1.00 122.10 ? 13  G   A OP2   1 
ATOM   265  O  "O5'" . G   A 1 13 ? 8.628   20.656  15.576  1.00 120.65 ? 13  G   A "O5'" 1 
ATOM   266  C  "C5'" . G   A 1 13 ? 7.419   20.940  16.259  1.00 117.62 ? 13  G   A "C5'" 1 
ATOM   267  C  "C4'" . G   A 1 13 ? 6.961   19.718  16.998  1.00 117.94 ? 13  G   A "C4'" 1 
ATOM   268  O  "O4'" . G   A 1 13 ? 6.734   18.662  16.034  1.00 116.79 ? 13  G   A "O4'" 1 
ATOM   269  C  "C3'" . G   A 1 13 ? 7.991   19.126  17.946  1.00 117.96 ? 13  G   A "C3'" 1 
ATOM   270  O  "O3'" . G   A 1 13 ? 8.081   19.784  19.201  1.00 121.06 ? 13  G   A "O3'" 1 
ATOM   271  C  "C2'" . G   A 1 13 ? 7.540   17.679  18.042  1.00 116.85 ? 13  G   A "C2'" 1 
ATOM   272  O  "O2'" . G   A 1 13 ? 6.433   17.504  18.901  1.00 118.25 ? 13  G   A "O2'" 1 
ATOM   273  C  "C1'" . G   A 1 13 ? 7.101   17.419  16.603  1.00 115.16 ? 13  G   A "C1'" 1 
ATOM   274  N  N9    . G   A 1 13 ? 8.176   16.842  15.806  1.00 112.67 ? 13  G   A N9    1 
ATOM   275  C  C8    . G   A 1 13 ? 9.061   17.492  14.978  1.00 111.96 ? 13  G   A C8    1 
ATOM   276  N  N7    . G   A 1 13 ? 9.909   16.682  14.401  1.00 110.68 ? 13  G   A N7    1 
ATOM   277  C  C5    . G   A 1 13 ? 9.563   15.424  14.881  1.00 110.43 ? 13  G   A C5    1 
ATOM   278  C  C6    . G   A 1 13 ? 10.125  14.147  14.617  1.00 109.86 ? 13  G   A C6    1 
ATOM   279  O  O6    . G   A 1 13 ? 11.073  13.862  13.878  1.00 109.55 ? 13  G   A O6    1 
ATOM   280  N  N1    . G   A 1 13 ? 9.468   13.142  15.324  1.00 109.46 ? 13  G   A N1    1 
ATOM   281  C  C2    . G   A 1 13 ? 8.406   13.337  16.177  1.00 109.79 ? 13  G   A C2    1 
ATOM   282  N  N2    . G   A 1 13 ? 7.908   12.244  16.777  1.00 109.18 ? 13  G   A N2    1 
ATOM   283  N  N3    . G   A 1 13 ? 7.872   14.520  16.428  1.00 110.37 ? 13  G   A N3    1 
ATOM   284  C  C4    . G   A 1 13 ? 8.496   15.510  15.751  1.00 111.26 ? 13  G   A C4    1 
ATOM   285  O  "O5'" . C   B 2 1  ? 10.651  4.588   14.348  1.00 124.24 ? 2   C   B "O5'" 1 
ATOM   286  C  "C5'" . C   B 2 1  ? 9.956   3.866   15.362  1.00 120.86 ? 2   C   B "C5'" 1 
ATOM   287  C  "C4'" . C   B 2 1  ? 9.219   4.781   16.311  1.00 120.72 ? 2   C   B "C4'" 1 
ATOM   288  O  "O4'" . C   B 2 1  ? 10.125  5.826   16.759  1.00 118.87 ? 2   C   B "O4'" 1 
ATOM   289  C  "C3'" . C   B 2 1  ? 8.072   5.564   15.689  1.00 120.53 ? 2   C   B "C3'" 1 
ATOM   290  O  "O3'" . C   B 2 1  ? 6.875   4.815   15.606  1.00 120.84 ? 2   C   B "O3'" 1 
ATOM   291  C  "C2'" . C   B 2 1  ? 7.939   6.750   16.630  1.00 118.70 ? 2   C   B "C2'" 1 
ATOM   292  O  "O2'" . C   B 2 1  ? 7.258   6.435   17.832  1.00 121.18 ? 2   C   B "O2'" 1 
ATOM   293  C  "C1'" . C   B 2 1  ? 9.405   7.038   16.937  1.00 115.68 ? 2   C   B "C1'" 1 
ATOM   294  N  N1    . C   B 2 1  ? 9.952   8.069   16.042  1.00 112.25 ? 2   C   B N1    1 
ATOM   295  C  C2    . C   B 2 1  ? 9.496   9.382   16.204  1.00 111.42 ? 2   C   B C2    1 
ATOM   296  O  O2    . C   B 2 1  ? 8.650   9.616   17.083  1.00 110.88 ? 2   C   B O2    1 
ATOM   297  N  N3    . C   B 2 1  ? 9.980   10.358  15.405  1.00 110.36 ? 2   C   B N3    1 
ATOM   298  C  C4    . C   B 2 1  ? 10.884  10.064  14.468  1.00 110.67 ? 2   C   B C4    1 
ATOM   299  N  N4    . C   B 2 1  ? 11.340  11.063  13.702  1.00 109.43 ? 2   C   B N4    1 
ATOM   300  C  C5    . C   B 2 1  ? 11.365  8.732   14.274  1.00 110.62 ? 2   C   B C5    1 
ATOM   301  C  C6    . C   B 2 1  ? 10.876  7.774   15.078  1.00 110.98 ? 2   C   B C6    1 
ATOM   302  P  P     . G   B 2 2  ? 5.900   5.027   14.348  1.00 120.46 ? 3   G   B P     1 
ATOM   303  O  OP1   . G   B 2 2  ? 4.844   3.983   14.416  1.00 120.90 ? 3   G   B OP1   1 
ATOM   304  O  OP2   . G   B 2 2  ? 6.754   5.133   13.136  1.00 118.48 ? 3   G   B OP2   1 
ATOM   305  O  "O5'" . G   B 2 2  ? 5.217   6.443   14.612  1.00 118.32 ? 3   G   B "O5'" 1 
ATOM   306  C  "C5'" . G   B 2 2  ? 4.208   6.583   15.609  1.00 114.24 ? 3   G   B "C5'" 1 
ATOM   307  C  "C4'" . G   B 2 2  ? 3.774   8.023   15.722  1.00 112.10 ? 3   G   B "C4'" 1 
ATOM   308  O  "O4'" . G   B 2 2  ? 4.926   8.830   16.090  1.00 107.92 ? 3   G   B "O4'" 1 
ATOM   309  C  "C3'" . G   B 2 2  ? 3.306   8.659   14.424  1.00 112.60 ? 3   G   B "C3'" 1 
ATOM   310  O  "O3'" . G   B 2 2  ? 1.966   8.359   14.086  1.00 114.80 ? 3   G   B "O3'" 1 
ATOM   311  C  "C2'" . G   B 2 2  ? 3.527   10.143  14.687  1.00 108.73 ? 3   G   B "C2'" 1 
ATOM   312  O  "O2'" . G   B 2 2  ? 2.515   10.769  15.452  1.00 110.77 ? 3   G   B "O2'" 1 
ATOM   313  C  "C1'" . G   B 2 2  ? 4.839   10.102  15.462  1.00 104.27 ? 3   G   B "C1'" 1 
ATOM   314  N  N9    . G   B 2 2  ? 5.947   10.248  14.528  1.00 98.33  ? 3   G   B N9    1 
ATOM   315  C  C8    . G   B 2 2  ? 6.787   9.271   14.042  1.00 96.54  ? 3   G   B C8    1 
ATOM   316  N  N7    . G   B 2 2  ? 7.658   9.728   13.183  1.00 95.04  ? 3   G   B N7    1 
ATOM   317  C  C5    . G   B 2 2  ? 7.380   11.090  13.105  1.00 94.59  ? 3   G   B C5    1 
ATOM   318  C  C6    . G   B 2 2  ? 7.995   12.117  12.337  1.00 93.98  ? 3   G   B C6    1 
ATOM   319  O  O6    . G   B 2 2  ? 8.938   12.021  11.536  1.00 95.01  ? 3   G   B O6    1 
ATOM   320  N  N1    . G   B 2 2  ? 7.398   13.359  12.566  1.00 94.18  ? 3   G   B N1    1 
ATOM   321  C  C2    . G   B 2 2  ? 6.342   13.584  13.421  1.00 95.65  ? 3   G   B C2    1 
ATOM   322  N  N2    . G   B 2 2  ? 5.896   14.848  13.506  1.00 95.35  ? 3   G   B N2    1 
ATOM   323  N  N3    . G   B 2 2  ? 5.762   12.635  14.139  1.00 95.84  ? 3   G   B N3    1 
ATOM   324  C  C4    . G   B 2 2  ? 6.330   11.423  13.933  1.00 95.63  ? 3   G   B C4    1 
ATOM   325  P  P     . G   B 2 3  ? 1.503   8.500   12.558  1.00 116.75 ? 4   G   B P     1 
ATOM   326  O  OP1   . G   B 2 3  ? 0.068   8.136   12.486  1.00 118.48 ? 4   G   B OP1   1 
ATOM   327  O  OP2   . G   B 2 3  ? 2.493   7.773   11.721  1.00 117.27 ? 4   G   B OP2   1 
ATOM   328  O  "O5'" . G   B 2 3  ? 1.640   10.057  12.270  1.00 114.75 ? 4   G   B "O5'" 1 
ATOM   329  C  "C5'" . G   B 2 3  ? 0.851   10.974  13.008  1.00 114.53 ? 4   G   B "C5'" 1 
ATOM   330  C  "C4'" . G   B 2 3  ? 0.982   12.362  12.450  1.00 113.88 ? 4   G   B "C4'" 1 
ATOM   331  O  "O4'" . G   B 2 3  ? 2.291   12.894  12.786  1.00 111.57 ? 4   G   B "O4'" 1 
ATOM   332  C  "C3'" . G   B 2 3  ? 0.950   12.447  10.934  1.00 113.82 ? 4   G   B "C3'" 1 
ATOM   333  O  "O3'" . G   B 2 3  ? -0.357  12.394  10.383  1.00 116.32 ? 4   G   B "O3'" 1 
ATOM   334  C  "C2'" . G   B 2 3  ? 1.647   13.773  10.675  1.00 111.96 ? 4   G   B "C2'" 1 
ATOM   335  O  "O2'" . G   B 2 3  ? 0.820   14.900  10.878  1.00 112.50 ? 4   G   B "O2'" 1 
ATOM   336  C  "C1'" . G   B 2 3  ? 2.739   13.738  11.739  1.00 109.05 ? 4   G   B "C1'" 1 
ATOM   337  N  N9    . G   B 2 3  ? 3.936   13.174  11.140  1.00 105.54 ? 4   G   B N9    1 
ATOM   338  C  C8    . G   B 2 3  ? 4.405   11.886  11.222  1.00 103.86 ? 4   G   B C8    1 
ATOM   339  N  N7    . G   B 2 3  ? 5.493   11.698  10.523  1.00 103.02 ? 4   G   B N7    1 
ATOM   340  C  C5    . G   B 2 3  ? 5.755   12.941  9.955   1.00 102.33 ? 4   G   B C5    1 
ATOM   341  C  C6    . G   B 2 3  ? 6.801   13.367  9.087   1.00 101.33 ? 4   G   B C6    1 
ATOM   342  O  O6    . G   B 2 3  ? 7.746   12.709  8.631   1.00 100.45 ? 4   G   B O6    1 
ATOM   343  N  N1    . G   B 2 3  ? 6.673   14.712  8.757   1.00 100.87 ? 4   G   B N1    1 
ATOM   344  C  C2    . G   B 2 3  ? 5.674   15.542  9.200   1.00 101.48 ? 4   G   B C2    1 
ATOM   345  N  N2    . G   B 2 3  ? 5.719   16.808  8.771   1.00 101.00 ? 4   G   B N2    1 
ATOM   346  N  N3    . G   B 2 3  ? 4.702   15.161  10.003  1.00 101.96 ? 4   G   B N3    1 
ATOM   347  C  C4    . G   B 2 3  ? 4.804   13.859  10.337  1.00 103.41 ? 4   G   B C4    1 
ATOM   348  P  P     . U   B 2 4  ? -0.556  11.832  8.891   1.00 117.22 ? 5   U   B P     1 
ATOM   349  O  OP1   . U   B 2 4  ? -2.010  11.625  8.662   1.00 117.31 ? 5   U   B OP1   1 
ATOM   350  O  OP2   . U   B 2 4  ? 0.390   10.696  8.724   1.00 116.96 ? 5   U   B OP2   1 
ATOM   351  O  "O5'" . U   B 2 4  ? -0.059  13.026  7.963   1.00 112.78 ? 5   U   B "O5'" 1 
ATOM   352  C  "C5'" . U   B 2 4  ? -0.581  14.331  8.138   1.00 109.28 ? 5   U   B "C5'" 1 
ATOM   353  C  "C4'" . U   B 2 4  ? 0.294   15.338  7.442   1.00 106.95 ? 5   U   B "C4'" 1 
ATOM   354  O  "O4'" . U   B 2 4  ? 1.629   15.288  8.014   1.00 105.68 ? 5   U   B "O4'" 1 
ATOM   355  C  "C3'" . U   B 2 4  ? 0.531   15.049  5.973   1.00 106.99 ? 5   U   B "C3'" 1 
ATOM   356  O  "O3'" . U   B 2 4  ? -0.542  15.511  5.170   1.00 109.28 ? 5   U   B "O3'" 1 
ATOM   357  C  "C2'" . U   B 2 4  ? 1.830   15.792  5.702   1.00 105.67 ? 5   U   B "C2'" 1 
ATOM   358  O  "O2'" . U   B 2 4  ? 1.648   17.178  5.498   1.00 106.02 ? 5   U   B "O2'" 1 
ATOM   359  C  "C1'" . U   B 2 4  ? 2.590   15.546  7.004   1.00 104.87 ? 5   U   B "C1'" 1 
ATOM   360  N  N1    . U   B 2 4  ? 3.474   14.381  6.877   1.00 102.56 ? 5   U   B N1    1 
ATOM   361  C  C2    . U   B 2 4  ? 4.622   14.548  6.130   1.00 101.74 ? 5   U   B C2    1 
ATOM   362  O  O2    . U   B 2 4  ? 4.934   15.618  5.640   1.00 101.71 ? 5   U   B O2    1 
ATOM   363  N  N3    . U   B 2 4  ? 5.388   13.421  5.976   1.00 101.59 ? 5   U   B N3    1 
ATOM   364  C  C4    . U   B 2 4  ? 5.127   12.167  6.486   1.00 101.88 ? 5   U   B C4    1 
ATOM   365  O  O4    . U   B 2 4  ? 5.845   11.222  6.152   1.00 101.62 ? 5   U   B O4    1 
ATOM   366  C  C5    . U   B 2 4  ? 3.935   12.080  7.283   1.00 101.97 ? 5   U   B C5    1 
ATOM   367  C  C6    . U   B 2 4  ? 3.168   13.166  7.447   1.00 102.21 ? 5   U   B C6    1 
ATOM   368  P  P     . G   B 2 5  ? -0.830  14.805  3.760   1.00 108.98 ? 6   G   B P     1 
ATOM   369  O  OP1   . G   B 2 5  ? -2.208  15.184  3.370   1.00 108.02 ? 6   G   B OP1   1 
ATOM   370  O  OP2   . G   B 2 5  ? -0.462  13.369  3.862   1.00 109.78 ? 6   G   B OP2   1 
ATOM   371  O  "O5'" . G   B 2 5  ? 0.182   15.525  2.772   1.00 103.18 ? 6   G   B "O5'" 1 
ATOM   372  C  "C5'" . G   B 2 5  ? 0.173   16.933  2.666   1.00 98.12  ? 6   G   B "C5'" 1 
ATOM   373  C  "C4'" . G   B 2 5  ? 1.365   17.392  1.888   1.00 94.26  ? 6   G   B "C4'" 1 
ATOM   374  O  "O4'" . G   B 2 5  ? 2.563   17.154  2.658   1.00 92.54  ? 6   G   B "O4'" 1 
ATOM   375  C  "C3'" . G   B 2 5  ? 1.596   16.600  0.624   1.00 93.71  ? 6   G   B "C3'" 1 
ATOM   376  O  "O3'" . G   B 2 5  ? 0.777   17.061  -0.419  1.00 94.98  ? 6   G   B "O3'" 1 
ATOM   377  C  "C2'" . G   B 2 5  ? 3.073   16.823  0.364   1.00 93.41  ? 6   G   B "C2'" 1 
ATOM   378  O  "O2'" . G   B 2 5  ? 3.351   18.066  -0.245  1.00 92.25  ? 6   G   B "O2'" 1 
ATOM   379  C  "C1'" . G   B 2 5  ? 3.621   16.794  1.788   1.00 92.26  ? 6   G   B "C1'" 1 
ATOM   380  N  N9    . G   B 2 5  ? 4.077   15.460  2.153   1.00 90.63  ? 6   G   B N9    1 
ATOM   381  C  C8    . G   B 2 5  ? 3.450   14.554  2.975   1.00 89.76  ? 6   G   B C8    1 
ATOM   382  N  N7    . G   B 2 5  ? 4.121   13.443  3.116   1.00 88.72  ? 6   G   B N7    1 
ATOM   383  C  C5    . G   B 2 5  ? 5.257   13.630  2.336   1.00 88.43  ? 6   G   B C5    1 
ATOM   384  C  C6    . G   B 2 5  ? 6.363   12.772  2.094   1.00 87.58  ? 6   G   B C6    1 
ATOM   385  O  O6    . G   B 2 5  ? 6.570   11.636  2.534   1.00 87.76  ? 6   G   B O6    1 
ATOM   386  N  N1    . G   B 2 5  ? 7.287   13.359  1.235   1.00 84.94  ? 6   G   B N1    1 
ATOM   387  C  C2    . G   B 2 5  ? 7.166   14.606  0.677   1.00 85.52  ? 6   G   B C2    1 
ATOM   388  N  N2    . G   B 2 5  ? 8.157   14.988  -0.146  1.00 83.77  ? 6   G   B N2    1 
ATOM   389  N  N3    . G   B 2 5  ? 6.148   15.416  0.900   1.00 86.48  ? 6   G   B N3    1 
ATOM   390  C  C4    . G   B 2 5  ? 5.238   14.867  1.732   1.00 88.63  ? 6   G   B C4    1 
ATOM   391  P  P     . A   B 2 6  ? 0.266   16.017  -1.505  1.00 96.11  ? 7   A   B P     1 
ATOM   392  O  OP1   . A   B 2 6  ? -0.740  16.681  -2.366  1.00 97.23  ? 7   A   B OP1   1 
ATOM   393  O  OP2   . A   B 2 6  ? -0.105  14.800  -0.735  1.00 91.72  ? 7   A   B OP2   1 
ATOM   394  O  "O5'" . A   B 2 6  ? 1.571   15.749  -2.374  1.00 89.91  ? 7   A   B "O5'" 1 
ATOM   395  C  "C5'" . A   B 2 6  ? 2.245   16.830  -3.001  1.00 87.60  ? 7   A   B "C5'" 1 
ATOM   396  C  "C4'" . A   B 2 6  ? 3.572   16.372  -3.541  1.00 89.14  ? 7   A   B "C4'" 1 
ATOM   397  O  "O4'" . A   B 2 6  ? 4.429   15.997  -2.434  1.00 88.26  ? 7   A   B "O4'" 1 
ATOM   398  C  "C3'" . A   B 2 6  ? 3.530   15.130  -4.413  1.00 88.05  ? 7   A   B "C3'" 1 
ATOM   399  O  "O3'" . A   B 2 6  ? 3.176   15.415  -5.759  1.00 90.15  ? 7   A   B "O3'" 1 
ATOM   400  C  "C2'" . A   B 2 6  ? 4.948   14.588  -4.274  1.00 86.22  ? 7   A   B "C2'" 1 
ATOM   401  O  "O2'" . A   B 2 6  ? 5.896   15.247  -5.097  1.00 82.94  ? 7   A   B "O2'" 1 
ATOM   402  C  "C1'" . A   B 2 6  ? 5.225   14.882  -2.801  1.00 84.76  ? 7   A   B "C1'" 1 
ATOM   403  N  N9    . A   B 2 6  ? 4.846   13.765  -1.938  1.00 83.11  ? 7   A   B N9    1 
ATOM   404  C  C8    . A   B 2 6  ? 3.659   13.570  -1.267  1.00 82.22  ? 7   A   B C8    1 
ATOM   405  N  N7    . A   B 2 6  ? 3.633   12.476  -0.545  1.00 81.73  ? 7   A   B N7    1 
ATOM   406  C  C5    . A   B 2 6  ? 4.884   11.910  -0.755  1.00 81.91  ? 7   A   B C5    1 
ATOM   407  C  C6    . A   B 2 6  ? 5.491   10.741  -0.258  1.00 80.60  ? 7   A   B C6    1 
ATOM   408  N  N6    . A   B 2 6  ? 4.894   9.907   0.597   1.00 80.22  ? 7   A   B N6    1 
ATOM   409  N  N1    . A   B 2 6  ? 6.750   10.459  -0.669  1.00 80.89  ? 7   A   B N1    1 
ATOM   410  C  C2    . A   B 2 6  ? 7.351   11.305  -1.522  1.00 81.82  ? 7   A   B C2    1 
ATOM   411  N  N3    . A   B 2 6  ? 6.888   12.438  -2.054  1.00 82.52  ? 7   A   B N3    1 
ATOM   412  C  C4    . A   B 2 6  ? 5.636   12.687  -1.622  1.00 82.26  ? 7   A   B C4    1 
ATOM   413  P  P     . U   B 2 7  ? 2.704   14.215  -6.709  1.00 89.68  ? 8   U   B P     1 
ATOM   414  O  OP1   . U   B 2 7  ? 2.786   14.617  -8.146  1.00 88.85  ? 8   U   B OP1   1 
ATOM   415  O  OP2   . U   B 2 7  ? 1.424   13.702  -6.149  1.00 90.33  ? 8   U   B OP2   1 
ATOM   416  O  "O5'" . U   B 2 7  ? 3.811   13.120  -6.420  1.00 89.75  ? 8   U   B "O5'" 1 
ATOM   417  C  "C5'" . U   B 2 7  ? 4.065   12.056  -7.312  1.00 89.29  ? 8   U   B "C5'" 1 
ATOM   418  C  "C4'" . U   B 2 7  ? 5.469   11.589  -7.098  1.00 89.28  ? 8   U   B "C4'" 1 
ATOM   419  O  "O4'" . U   B 2 7  ? 5.752   11.667  -5.683  1.00 89.75  ? 8   U   B "O4'" 1 
ATOM   420  C  "C3'" . U   B 2 7  ? 5.770   10.158  -7.469  1.00 87.01  ? 8   U   B "C3'" 1 
ATOM   421  O  "O3'" . U   B 2 7  ? 6.036   10.028  -8.847  1.00 85.53  ? 8   U   B "O3'" 1 
ATOM   422  C  "C2'" . U   B 2 7  ? 6.973   9.856   -6.591  1.00 88.24  ? 8   U   B "C2'" 1 
ATOM   423  O  "O2'" . U   B 2 7  ? 8.160   10.443  -7.088  1.00 86.69  ? 8   U   B "O2'" 1 
ATOM   424  C  "C1'" . U   B 2 7  ? 6.579   10.587  -5.307  1.00 87.40  ? 8   U   B "C1'" 1 
ATOM   425  N  N1    . U   B 2 7  ? 5.831   9.756   -4.357  1.00 85.84  ? 8   U   B N1    1 
ATOM   426  C  C2    . U   B 2 7  ? 6.527   8.767   -3.696  1.00 85.26  ? 8   U   B C2    1 
ATOM   427  O  O2    . U   B 2 7  ? 7.714   8.552   -3.897  1.00 86.30  ? 8   U   B O2    1 
ATOM   428  N  N3    . U   B 2 7  ? 5.792   8.041   -2.791  1.00 83.94  ? 8   U   B N3    1 
ATOM   429  C  C4    . U   B 2 7  ? 4.456   8.197   -2.481  1.00 85.33  ? 8   U   B C4    1 
ATOM   430  O  O4    . U   B 2 7  ? 3.950   7.491   -1.598  1.00 86.54  ? 8   U   B O4    1 
ATOM   431  C  C5    . U   B 2 7  ? 3.794   9.236   -3.224  1.00 85.19  ? 8   U   B C5    1 
ATOM   432  C  C6    . U   B 2 7  ? 4.487   9.959   -4.117  1.00 85.45  ? 8   U   B C6    1 
ATOM   433  P  P     . A   B 2 8  ? 5.511   8.729   -9.602  1.00 86.05  ? 9   A   B P     1 
ATOM   434  O  OP1   . A   B 2 8  ? 5.391   9.007   -11.050 1.00 87.89  ? 9   A   B OP1   1 
ATOM   435  O  OP2   . A   B 2 8  ? 4.327   8.263   -8.831  1.00 83.84  ? 9   A   B OP2   1 
ATOM   436  O  "O5'" . A   B 2 8  ? 6.682   7.683   -9.381  1.00 83.82  ? 9   A   B "O5'" 1 
ATOM   437  C  "C5'" . A   B 2 8  ? 8.024   8.038   -9.650  1.00 75.45  ? 9   A   B "C5'" 1 
ATOM   438  C  "C4'" . A   B 2 8  ? 8.937   6.948   -9.168  1.00 75.02  ? 9   A   B "C4'" 1 
ATOM   439  O  "O4'" . A   B 2 8  ? 8.939   6.929   -7.720  1.00 74.70  ? 9   A   B "O4'" 1 
ATOM   440  C  "C3'" . A   B 2 8  ? 8.474   5.559   -9.546  1.00 73.36  ? 9   A   B "C3'" 1 
ATOM   441  O  "O3'" . A   B 2 8  ? 8.904   5.239   -10.853 1.00 71.63  ? 9   A   B "O3'" 1 
ATOM   442  C  "C2'" . A   B 2 8  ? 9.150   4.697   -8.492  1.00 71.84  ? 9   A   B "C2'" 1 
ATOM   443  O  "O2'" . A   B 2 8  ? 10.511  4.459   -8.775  1.00 76.59  ? 9   A   B "O2'" 1 
ATOM   444  C  "C1'" . A   B 2 8  ? 9.053   5.597   -7.264  1.00 70.08  ? 9   A   B "C1'" 1 
ATOM   445  N  N9    . A   B 2 8  ? 7.905   5.320   -6.412  1.00 68.91  ? 9   A   B N9    1 
ATOM   446  C  C8    . A   B 2 8  ? 6.726   6.016   -6.330  1.00 68.77  ? 9   A   B C8    1 
ATOM   447  N  N7    . A   B 2 8  ? 5.911   5.563   -5.412  1.00 69.30  ? 9   A   B N7    1 
ATOM   448  C  C5    . A   B 2 8  ? 6.594   4.488   -4.863  1.00 67.92  ? 9   A   B C5    1 
ATOM   449  C  C6    . A   B 2 8  ? 6.278   3.595   -3.829  1.00 67.48  ? 9   A   B C6    1 
ATOM   450  N  N6    . A   B 2 8  ? 5.147   3.660   -3.109  1.00 64.47  ? 9   A   B N6    1 
ATOM   451  N  N1    . A   B 2 8  ? 7.176   2.623   -3.543  1.00 67.93  ? 9   A   B N1    1 
ATOM   452  C  C2    . A   B 2 8  ? 8.317   2.570   -4.246  1.00 67.37  ? 9   A   B C2    1 
ATOM   453  N  N3    . A   B 2 8  ? 8.732   3.361   -5.227  1.00 68.30  ? 9   A   B N3    1 
ATOM   454  C  C4    . A   B 2 8  ? 7.815   4.311   -5.488  1.00 68.48  ? 9   A   B C4    1 
ATOM   455  P  P     . A   B 2 9  ? 7.908   4.472   -11.840 1.00 72.67  ? 10  A   B P     1 
ATOM   456  O  OP1   . A   B 2 9  ? 8.583   4.407   -13.158 1.00 75.14  ? 10  A   B OP1   1 
ATOM   457  O  OP2   . A   B 2 9  ? 6.557   5.071   -11.726 1.00 72.23  ? 10  A   B OP2   1 
ATOM   458  O  "O5'" . A   B 2 9  ? 7.849   3.004   -11.244 1.00 73.34  ? 10  A   B "O5'" 1 
ATOM   459  C  "C5'" . A   B 2 9  ? 8.989   2.166   -11.274 1.00 64.05  ? 10  A   B "C5'" 1 
ATOM   460  C  "C4'" . A   B 2 9  ? 8.726   0.923   -10.471 1.00 58.72  ? 10  A   B "C4'" 1 
ATOM   461  O  "O4'" . A   B 2 9  ? 8.647   1.272   -9.066  1.00 58.85  ? 10  A   B "O4'" 1 
ATOM   462  C  "C3'" . A   B 2 9  ? 7.403   0.241   -10.756 1.00 58.67  ? 10  A   B "C3'" 1 
ATOM   463  O  "O3'" . A   B 2 9  ? 7.511   -0.617  -11.872 1.00 60.78  ? 10  A   B "O3'" 1 
ATOM   464  C  "C2'" . A   B 2 9  ? 7.151   -0.527  -9.471  1.00 60.91  ? 10  A   B "C2'" 1 
ATOM   465  O  "O2'" . A   B 2 9  ? 7.884   -1.730  -9.415  1.00 59.88  ? 10  A   B "O2'" 1 
ATOM   466  C  "C1'" . A   B 2 9  ? 7.680   0.460   -8.428  1.00 58.64  ? 10  A   B "C1'" 1 
ATOM   467  N  N9    . A   B 2 9  ? 6.632   1.332   -7.912  1.00 57.65  ? 10  A   B N9    1 
ATOM   468  C  C8    . A   B 2 9  ? 6.268   2.585   -8.331  1.00 58.40  ? 10  A   B C8    1 
ATOM   469  N  N7    . A   B 2 9  ? 5.262   3.093   -7.661  1.00 58.04  ? 10  A   B N7    1 
ATOM   470  C  C5    . A   B 2 9  ? 4.951   2.109   -6.735  1.00 57.26  ? 10  A   B C5    1 
ATOM   471  C  C6    . A   B 2 9  ? 3.978   2.034   -5.724  1.00 57.07  ? 10  A   B C6    1 
ATOM   472  N  N6    . A   B 2 9  ? 3.096   2.998   -5.469  1.00 56.88  ? 10  A   B N6    1 
ATOM   473  N  N1    . A   B 2 9  ? 3.941   0.914   -4.974  1.00 56.40  ? 10  A   B N1    1 
ATOM   474  C  C2    . A   B 2 9  ? 4.822   -0.060  -5.237  1.00 55.06  ? 10  A   B C2    1 
ATOM   475  N  N3    . A   B 2 9  ? 5.777   -0.106  -6.158  1.00 56.01  ? 10  A   B N3    1 
ATOM   476  C  C4    . A   B 2 9  ? 5.790   1.024   -6.878  1.00 56.00  ? 10  A   B C4    1 
ATOM   477  P  P     . G   B 2 10 ? 6.227   -0.881  -12.784 1.00 63.69  ? 11  G   B P     1 
ATOM   478  O  OP1   . G   B 2 10 ? 6.647   -1.868  -13.802 1.00 61.76  ? 11  G   B OP1   1 
ATOM   479  O  OP2   . G   B 2 10 ? 5.658   0.420   -13.211 1.00 64.22  ? 11  G   B OP2   1 
ATOM   480  O  "O5'" . G   B 2 10 ? 5.211   -1.601  -11.797 1.00 60.55  ? 11  G   B "O5'" 1 
ATOM   481  C  "C5'" . G   B 2 10 ? 5.485   -2.911  -11.330 1.00 56.18  ? 11  G   B "C5'" 1 
ATOM   482  C  "C4'" . G   B 2 10 ? 4.471   -3.318  -10.304 1.00 58.46  ? 11  G   B "C4'" 1 
ATOM   483  O  "O4'" . G   B 2 10 ? 4.592   -2.442  -9.159  1.00 57.25  ? 11  G   B "O4'" 1 
ATOM   484  C  "C3'" . G   B 2 10 ? 3.028   -3.157  -10.726 1.00 55.32  ? 11  G   B "C3'" 1 
ATOM   485  O  "O3'" . G   B 2 10 ? 2.567   -4.241  -11.498 1.00 53.18  ? 11  G   B "O3'" 1 
ATOM   486  C  "C2'" . G   B 2 10 ? 2.324   -3.060  -9.387  1.00 55.73  ? 11  G   B "C2'" 1 
ATOM   487  O  "O2'" . G   B 2 10 ? 2.248   -4.314  -8.742  1.00 53.02  ? 11  G   B "O2'" 1 
ATOM   488  C  "C1'" . G   B 2 10 ? 3.310   -2.192  -8.618  1.00 57.07  ? 11  G   B "C1'" 1 
ATOM   489  N  N9    . G   B 2 10 ? 3.019   -0.777  -8.794  1.00 54.63  ? 11  G   B N9    1 
ATOM   490  C  C8    . G   B 2 10 ? 3.632   0.101   -9.657  1.00 53.91  ? 11  G   B C8    1 
ATOM   491  N  N7    . G   B 2 10 ? 3.172   1.319   -9.558  1.00 53.23  ? 11  G   B N7    1 
ATOM   492  C  C5    . G   B 2 10 ? 2.198   1.238   -8.569  1.00 51.85  ? 11  G   B C5    1 
ATOM   493  C  C6    . G   B 2 10 ? 1.371   2.244   -8.010  1.00 52.24  ? 11  G   B C6    1 
ATOM   494  O  O6    . G   B 2 10 ? 1.349   3.451   -8.272  1.00 53.86  ? 11  G   B O6    1 
ATOM   495  N  N1    . G   B 2 10 ? 0.513   1.725   -7.045  1.00 48.69  ? 11  G   B N1    1 
ATOM   496  C  C2    . G   B 2 10 ? 0.460   0.406   -6.669  1.00 49.78  ? 11  G   B C2    1 
ATOM   497  N  N2    . G   B 2 10 ? -0.439  0.091   -5.731  1.00 45.29  ? 11  G   B N2    1 
ATOM   498  N  N3    . G   B 2 10 ? 1.233   -0.538  -7.176  1.00 50.97  ? 11  G   B N3    1 
ATOM   499  C  C4    . G   B 2 10 ? 2.077   -0.052  -8.109  1.00 52.89  ? 11  G   B C4    1 
ATOM   500  P  P     . G   B 2 11 ? 1.347   -4.009  -12.503 1.00 56.25  ? 12  G   B P     1 
ATOM   501  O  OP1   . G   B 2 11 ? 1.227   -5.223  -13.341 1.00 58.49  ? 12  G   B OP1   1 
ATOM   502  O  OP2   . G   B 2 11 ? 1.514   -2.677  -13.139 1.00 55.81  ? 12  G   B OP2   1 
ATOM   503  O  "O5'" . G   B 2 11 ? 0.085   -3.970  -11.548 1.00 55.03  ? 12  G   B "O5'" 1 
ATOM   504  C  "C5'" . G   B 2 11 ? -0.217  -5.102  -10.759 1.00 55.23  ? 12  G   B "C5'" 1 
ATOM   505  C  "C4'" . G   B 2 11 ? -1.340  -4.799  -9.816  1.00 55.03  ? 12  G   B "C4'" 1 
ATOM   506  O  "O4'" . G   B 2 11 ? -0.892  -3.811  -8.864  1.00 54.54  ? 12  G   B "O4'" 1 
ATOM   507  C  "C3'" . G   B 2 11 ? -2.550  -4.154  -10.450 1.00 55.44  ? 12  G   B "C3'" 1 
ATOM   508  O  "O3'" . G   B 2 11 ? -3.396  -5.104  -11.052 1.00 56.83  ? 12  G   B "O3'" 1 
ATOM   509  C  "C2'" . G   B 2 11 ? -3.194  -3.482  -9.258  1.00 54.72  ? 12  G   B "C2'" 1 
ATOM   510  O  "O2'" . G   B 2 11 ? -3.828  -4.405  -8.400  1.00 53.56  ? 12  G   B "O2'" 1 
ATOM   511  C  "C1'" . G   B 2 11 ? -1.962  -2.951  -8.548  1.00 52.83  ? 12  G   B "C1'" 1 
ATOM   512  N  N9    . G   B 2 11 ? -1.660  -1.633  -9.075  1.00 51.71  ? 12  G   B N9    1 
ATOM   513  C  C8    . G   B 2 11 ? -0.717  -1.274  -10.007 1.00 49.70  ? 12  G   B C8    1 
ATOM   514  N  N7    . G   B 2 11 ? -0.698  0.012   -10.235 1.00 50.80  ? 12  G   B N7    1 
ATOM   515  C  C5    . G   B 2 11 ? -1.689  0.517   -9.400  1.00 49.49  ? 12  G   B C5    1 
ATOM   516  C  C6    . G   B 2 11 ? -2.127  1.843   -9.182  1.00 51.93  ? 12  G   B C6    1 
ATOM   517  O  O6    . G   B 2 11 ? -1.692  2.883   -9.674  1.00 53.55  ? 12  G   B O6    1 
ATOM   518  N  N1    . G   B 2 11 ? -3.179  1.898   -8.274  1.00 50.85  ? 12  G   B N1    1 
ATOM   519  C  C2    . G   B 2 11 ? -3.731  0.821   -7.649  1.00 50.43  ? 12  G   B C2    1 
ATOM   520  N  N2    . G   B 2 11 ? -4.756  1.068   -6.827  1.00 46.92  ? 12  G   B N2    1 
ATOM   521  N  N3    . G   B 2 11 ? -3.316  -0.413  -7.820  1.00 52.12  ? 12  G   B N3    1 
ATOM   522  C  C4    . G   B 2 11 ? -2.299  -0.489  -8.702  1.00 50.36  ? 12  G   B C4    1 
ATOM   523  P  P     . G   B 2 12 ? -4.329  -4.663  -12.279 1.00 56.31  ? 13  G   B P     1 
ATOM   524  O  OP1   . G   B 2 12 ? -5.030  -5.905  -12.689 1.00 61.61  ? 13  G   B OP1   1 
ATOM   525  O  OP2   . G   B 2 12 ? -3.523  -3.899  -13.281 1.00 53.20  ? 13  G   B OP2   1 
ATOM   526  O  "O5'" . G   B 2 12 ? -5.392  -3.690  -11.599 1.00 57.19  ? 13  G   B "O5'" 1 
ATOM   527  C  "C5'" . G   B 2 12 ? -6.251  -4.181  -10.577 1.00 52.06  ? 13  G   B "C5'" 1 
ATOM   528  C  "C4'" . G   B 2 12 ? -7.075  -3.071  -9.976  1.00 55.61  ? 13  G   B "C4'" 1 
ATOM   529  O  "O4'" . G   B 2 12 ? -6.183  -2.079  -9.412  1.00 57.80  ? 13  G   B "O4'" 1 
ATOM   530  C  "C3'" . G   B 2 12 ? -7.915  -2.277  -10.958 1.00 52.76  ? 13  G   B "C3'" 1 
ATOM   531  O  "O3'" . G   B 2 12 ? -9.127  -2.909  -11.338 1.00 56.97  ? 13  G   B "O3'" 1 
ATOM   532  C  "C2'" . G   B 2 12 ? -8.114  -0.966  -10.224 1.00 54.25  ? 13  G   B "C2'" 1 
ATOM   533  O  "O2'" . G   B 2 12 ? -9.125  -1.016  -9.239  1.00 62.58  ? 13  G   B "O2'" 1 
ATOM   534  C  "C1'" . G   B 2 12 ? -6.759  -0.800  -9.548  1.00 52.81  ? 13  G   B "C1'" 1 
ATOM   535  N  N9    . G   B 2 12 ? -5.866  0.037   -10.328 1.00 53.38  ? 13  G   B N9    1 
ATOM   536  C  C8    . G   B 2 12 ? -4.789  -0.329  -11.101 1.00 50.64  ? 13  G   B C8    1 
ATOM   537  N  N7    . G   B 2 12 ? -4.196  0.693   -11.662 1.00 49.50  ? 13  G   B N7    1 
ATOM   538  C  C5    . G   B 2 12 ? -4.926  1.790   -11.222 1.00 50.55  ? 13  G   B C5    1 
ATOM   539  C  C6    . G   B 2 12 ? -4.755  3.171   -11.473 1.00 52.21  ? 13  G   B C6    1 
ATOM   540  O  O6    . G   B 2 12 ? -3.885  3.724   -12.158 1.00 53.37  ? 13  G   B O6    1 
ATOM   541  N  N1    . G   B 2 12 ? -5.730  3.935   -10.827 1.00 52.12  ? 13  G   B N1    1 
ATOM   542  C  C2    . G   B 2 12 ? -6.746  3.432   -10.048 1.00 51.18  ? 13  G   B C2    1 
ATOM   543  N  N2    . G   B 2 12 ? -7.604  4.314   -9.509  1.00 50.07  ? 13  G   B N2    1 
ATOM   544  N  N3    . G   B 2 12 ? -6.910  2.149   -9.808  1.00 49.52  ? 13  G   B N3    1 
ATOM   545  C  C4    . G   B 2 12 ? -5.967  1.394   -10.416 1.00 51.49  ? 13  G   B C4    1 
ATOM   546  O  "O5'" . G   C 3 1  ? -18.025 2.759   -8.965  1.00 56.30  ? 15  G   C "O5'" 1 
ATOM   547  C  "C5'" . G   C 3 1  ? -17.742 4.060   -9.467  1.00 54.44  ? 15  G   C "C5'" 1 
ATOM   548  C  "C4'" . G   C 3 1  ? -18.469 5.070   -8.627  1.00 58.49  ? 15  G   C "C4'" 1 
ATOM   549  O  "O4'" . G   C 3 1  ? -19.887 4.806   -8.723  1.00 62.70  ? 15  G   C "O4'" 1 
ATOM   550  C  "C3'" . G   C 3 1  ? -18.183 4.992   -7.138  1.00 59.08  ? 15  G   C "C3'" 1 
ATOM   551  O  "O3'" . G   C 3 1  ? -17.034 5.762   -6.829  1.00 58.44  ? 15  G   C "O3'" 1 
ATOM   552  C  "C2'" . G   C 3 1  ? -19.435 5.611   -6.537  1.00 62.26  ? 15  G   C "C2'" 1 
ATOM   553  O  "O2'" . G   C 3 1  ? -19.418 7.021   -6.594  1.00 65.47  ? 15  G   C "O2'" 1 
ATOM   554  C  "C1'" . G   C 3 1  ? -20.511 5.091   -7.487  1.00 62.70  ? 15  G   C "C1'" 1 
ATOM   555  N  N9    . G   C 3 1  ? -21.193 3.887   -7.035  1.00 62.78  ? 15  G   C N9    1 
ATOM   556  C  C8    . G   C 3 1  ? -21.046 2.617   -7.530  1.00 62.01  ? 15  G   C C8    1 
ATOM   557  N  N7    . G   C 3 1  ? -21.820 1.748   -6.943  1.00 64.24  ? 15  G   C N7    1 
ATOM   558  C  C5    . G   C 3 1  ? -22.511 2.494   -5.997  1.00 63.95  ? 15  G   C C5    1 
ATOM   559  C  C6    . G   C 3 1  ? -23.500 2.103   -5.063  1.00 63.10  ? 15  G   C C6    1 
ATOM   560  O  O6    . G   C 3 1  ? -23.974 0.980   -4.880  1.00 60.57  ? 15  G   C O6    1 
ATOM   561  N  N1    . G   C 3 1  ? -23.939 3.178   -4.296  1.00 64.65  ? 15  G   C N1    1 
ATOM   562  C  C2    . G   C 3 1  ? -23.487 4.466   -4.417  1.00 65.60  ? 15  G   C C2    1 
ATOM   563  N  N2    . G   C 3 1  ? -24.031 5.366   -3.590  1.00 66.67  ? 15  G   C N2    1 
ATOM   564  N  N3    . G   C 3 1  ? -22.567 4.846   -5.286  1.00 65.42  ? 15  G   C N3    1 
ATOM   565  C  C4    . G   C 3 1  ? -22.129 3.814   -6.039  1.00 62.70  ? 15  G   C C4    1 
ATOM   566  P  P     . G   C 3 2  ? -16.174 5.416   -5.523  1.00 53.06  ? 16  G   C P     1 
ATOM   567  O  OP1   . G   C 3 2  ? -14.884 6.132   -5.627  1.00 56.93  ? 16  G   C OP1   1 
ATOM   568  O  OP2   . G   C 3 2  ? -16.193 3.963   -5.296  1.00 52.28  ? 16  G   C OP2   1 
ATOM   569  O  "O5'" . G   C 3 2  ? -16.996 6.074   -4.345  1.00 59.22  ? 16  G   C "O5'" 1 
ATOM   570  C  "C5'" . G   C 3 2  ? -17.182 7.470   -4.282  1.00 59.12  ? 16  G   C "C5'" 1 
ATOM   571  C  "C4'" . G   C 3 2  ? -18.071 7.773   -3.127  1.00 59.80  ? 16  G   C "C4'" 1 
ATOM   572  O  "O4'" . G   C 3 2  ? -19.406 7.293   -3.427  1.00 61.05  ? 16  G   C "O4'" 1 
ATOM   573  C  "C3'" . G   C 3 2  ? -17.693 6.975   -1.895  1.00 60.95  ? 16  G   C "C3'" 1 
ATOM   574  O  "O3'" . G   C 3 2  ? -16.624 7.546   -1.170  1.00 59.09  ? 16  G   C "O3'" 1 
ATOM   575  C  "C2'" . G   C 3 2  ? -18.994 6.964   -1.117  1.00 58.01  ? 16  G   C "C2'" 1 
ATOM   576  O  "O2'" . G   C 3 2  ? -19.252 8.201   -0.471  1.00 57.98  ? 16  G   C "O2'" 1 
ATOM   577  C  "C1'" . G   C 3 2  ? -19.994 6.766   -2.252  1.00 59.06  ? 16  G   C "C1'" 1 
ATOM   578  N  N9    . G   C 3 2  ? -20.260 5.349   -2.473  1.00 60.90  ? 16  G   C N9    1 
ATOM   579  C  C8    . G   C 3 2  ? -19.647 4.505   -3.372  1.00 60.56  ? 16  G   C C8    1 
ATOM   580  N  N7    . G   C 3 2  ? -20.133 3.292   -3.347  1.00 60.12  ? 16  G   C N7    1 
ATOM   581  C  C5    . G   C 3 2  ? -21.120 3.340   -2.371  1.00 59.89  ? 16  G   C C5    1 
ATOM   582  C  C6    . G   C 3 2  ? -22.005 2.337   -1.914  1.00 61.62  ? 16  G   C C6    1 
ATOM   583  O  O6    . G   C 3 2  ? -22.100 1.170   -2.295  1.00 64.41  ? 16  G   C O6    1 
ATOM   584  N  N1    . G   C 3 2  ? -22.844 2.813   -0.908  1.00 62.69  ? 16  G   C N1    1 
ATOM   585  C  C2    . G   C 3 2  ? -22.834 4.092   -0.405  1.00 62.07  ? 16  G   C C2    1 
ATOM   586  N  N2    . G   C 3 2  ? -23.708 4.358   0.573   1.00 61.38  ? 16  G   C N2    1 
ATOM   587  N  N3    . G   C 3 2  ? -22.020 5.040   -0.831  1.00 60.76  ? 16  G   C N3    1 
ATOM   588  C  C4    . G   C 3 2  ? -21.198 4.597   -1.811  1.00 61.18  ? 16  G   C C4    1 
ATOM   589  P  P     . C   C 3 3  ? -15.742 6.615   -0.209  1.00 56.75  ? 17  C   C P     1 
ATOM   590  O  OP1   . C   C 3 3  ? -14.718 7.491   0.420   1.00 60.56  ? 17  C   C OP1   1 
ATOM   591  O  OP2   . C   C 3 3  ? -15.325 5.395   -0.958  1.00 62.14  ? 17  C   C OP2   1 
ATOM   592  O  "O5'" . C   C 3 3  ? -16.756 6.166   0.929   1.00 61.20  ? 17  C   C "O5'" 1 
ATOM   593  C  "C5'" . C   C 3 3  ? -17.158 7.093   1.924   1.00 59.63  ? 17  C   C "C5'" 1 
ATOM   594  C  "C4'" . C   C 3 3  ? -18.138 6.450   2.857   1.00 58.39  ? 17  C   C "C4'" 1 
ATOM   595  O  "O4'" . C   C 3 3  ? -19.263 5.985   2.073   1.00 62.51  ? 17  C   C "O4'" 1 
ATOM   596  C  "C3'" . C   C 3 3  ? -17.643 5.184   3.525   1.00 58.73  ? 17  C   C "C3'" 1 
ATOM   597  O  "O3'" . C   C 3 3  ? -16.851 5.422   4.671   1.00 59.60  ? 17  C   C "O3'" 1 
ATOM   598  C  "C2'" . C   C 3 3  ? -18.943 4.490   3.875   1.00 59.35  ? 17  C   C "C2'" 1 
ATOM   599  O  "O2'" . C   C 3 3  ? -19.568 5.076   4.997   1.00 60.31  ? 17  C   C "O2'" 1 
ATOM   600  C  "C1'" . C   C 3 3  ? -19.762 4.784   2.626   1.00 56.29  ? 17  C   C "C1'" 1 
ATOM   601  N  N1    . C   C 3 3  ? -19.573 3.710   1.654   1.00 57.58  ? 17  C   C N1    1 
ATOM   602  C  C2    . C   C 3 3  ? -20.343 2.571   1.794   1.00 57.56  ? 17  C   C C2    1 
ATOM   603  O  O2    . C   C 3 3  ? -21.164 2.524   2.720   1.00 60.94  ? 17  C   C O2    1 
ATOM   604  N  N3    . C   C 3 3  ? -20.185 1.550   0.932   1.00 56.33  ? 17  C   C N3    1 
ATOM   605  C  C4    . C   C 3 3  ? -19.295 1.646   -0.050  1.00 56.17  ? 17  C   C C4    1 
ATOM   606  N  N4    . C   C 3 3  ? -19.184 0.612   -0.878  1.00 55.98  ? 17  C   C N4    1 
ATOM   607  C  C5    . C   C 3 3  ? -18.487 2.808   -0.224  1.00 54.98  ? 17  C   C C5    1 
ATOM   608  C  C6    . C   C 3 3  ? -18.659 3.810   0.644   1.00 54.56  ? 17  C   C C6    1 
ATOM   609  P  P     . A   C 3 4  ? -15.763 4.324   5.103   1.00 61.31  ? 18  A   C P     1 
ATOM   610  O  OP1   . A   C 3 4  ? -15.012 4.850   6.275   1.00 62.94  ? 18  A   C OP1   1 
ATOM   611  O  OP2   . A   C 3 4  ? -15.032 3.910   3.878   1.00 55.87  ? 18  A   C OP2   1 
ATOM   612  O  "O5'" . A   C 3 4  ? -16.634 3.087   5.586   1.00 61.82  ? 18  A   C "O5'" 1 
ATOM   613  C  "C5'" . A   C 3 4  ? -17.316 3.156   6.818   1.00 58.14  ? 18  A   C "C5'" 1 
ATOM   614  C  "C4'" . A   C 3 4  ? -18.046 1.877   7.075   1.00 58.66  ? 18  A   C "C4'" 1 
ATOM   615  O  "O4'" . A   C 3 4  ? -18.986 1.649   5.993   1.00 59.72  ? 18  A   C "O4'" 1 
ATOM   616  C  "C3'" . A   C 3 4  ? -17.165 0.650   7.030   1.00 62.27  ? 18  A   C "C3'" 1 
ATOM   617  O  "O3'" . A   C 3 4  ? -16.487 0.454   8.250   1.00 65.74  ? 18  A   C "O3'" 1 
ATOM   618  C  "C2'" . A   C 3 4  ? -18.166 -0.451  6.732   1.00 62.31  ? 18  A   C "C2'" 1 
ATOM   619  O  "O2'" . A   C 3 4  ? -18.910 -0.836  7.872   1.00 66.10  ? 18  A   C "O2'" 1 
ATOM   620  C  "C1'" . A   C 3 4  ? -19.087 0.260   5.746   1.00 59.24  ? 18  A   C "C1'" 1 
ATOM   621  N  N9    . A   C 3 4  ? -18.672 0.006   4.378   1.00 60.29  ? 18  A   C N9    1 
ATOM   622  C  C8    . A   C 3 4  ? -17.991 0.804   3.499   1.00 58.06  ? 18  A   C C8    1 
ATOM   623  N  N7    . A   C 3 4  ? -17.780 0.235   2.337   1.00 56.21  ? 18  A   C N7    1 
ATOM   624  C  C5    . A   C 3 4  ? -18.370 -1.018  2.466   1.00 55.21  ? 18  A   C C5    1 
ATOM   625  C  C6    . A   C 3 4  ? -18.505 -2.109  1.586   1.00 56.59  ? 18  A   C C6    1 
ATOM   626  N  N6    . A   C 3 4  ? -18.047 -2.109  0.341   1.00 55.03  ? 18  A   C N6    1 
ATOM   627  N  N1    . A   C 3 4  ? -19.141 -3.215  2.040   1.00 59.19  ? 18  A   C N1    1 
ATOM   628  C  C2    . A   C 3 4  ? -19.608 -3.212  3.294   1.00 61.93  ? 18  A   C C2    1 
ATOM   629  N  N3    . A   C 3 4  ? -19.548 -2.247  4.210   1.00 61.47  ? 18  A   C N3    1 
ATOM   630  C  C4    . A   C 3 4  ? -18.912 -1.169  3.721   1.00 58.84  ? 18  A   C C4    1 
ATOM   631  P  P     . G   C 3 5  ? -15.102 -0.350  8.254   1.00 67.79  ? 19  G   C P     1 
ATOM   632  O  OP1   . G   C 3 5  ? -14.537 -0.220  9.629   1.00 67.17  ? 19  G   C OP1   1 
ATOM   633  O  OP2   . G   C 3 5  ? -14.301 0.098   7.077   1.00 71.11  ? 19  G   C OP2   1 
ATOM   634  O  "O5'" . G   C 3 5  ? -15.560 -1.853  7.998   1.00 67.03  ? 19  G   C "O5'" 1 
ATOM   635  C  "C5'" . G   C 3 5  ? -16.466 -2.470  8.892   1.00 63.51  ? 19  G   C "C5'" 1 
ATOM   636  C  "C4'" . G   C 3 5  ? -16.823 -3.855  8.431   1.00 66.93  ? 19  G   C "C4'" 1 
ATOM   637  O  "O4'" . G   C 3 5  ? -17.627 -3.764  7.223   1.00 64.79  ? 19  G   C "O4'" 1 
ATOM   638  C  "C3'" . G   C 3 5  ? -15.648 -4.708  7.992   1.00 69.85  ? 19  G   C "C3'" 1 
ATOM   639  O  "O3'" . G   C 3 5  ? -14.920 -5.271  9.073   1.00 73.22  ? 19  G   C "O3'" 1 
ATOM   640  C  "C2'" . G   C 3 5  ? -16.320 -5.742  7.098   1.00 69.32  ? 19  G   C "C2'" 1 
ATOM   641  O  "O2'" . G   C 3 5  ? -16.985 -6.784  7.783   1.00 72.96  ? 19  G   C "O2'" 1 
ATOM   642  C  "C1'" . G   C 3 5  ? -17.362 -4.884  6.398   1.00 64.73  ? 19  G   C "C1'" 1 
ATOM   643  N  N9    . G   C 3 5  ? -16.852 -4.430  5.119   1.00 63.84  ? 19  G   C N9    1 
ATOM   644  C  C8    . G   C 3 5  ? -16.347 -3.195  4.791   1.00 62.96  ? 19  G   C C8    1 
ATOM   645  N  N7    . G   C 3 5  ? -15.966 -3.120  3.543   1.00 64.91  ? 19  G   C N7    1 
ATOM   646  C  C5    . G   C 3 5  ? -16.242 -4.381  3.021   1.00 63.24  ? 19  G   C C5    1 
ATOM   647  C  C6    . G   C 3 5  ? -16.055 -4.910  1.711   1.00 62.47  ? 19  G   C C6    1 
ATOM   648  O  O6    . G   C 3 5  ? -15.610 -4.346  0.706   1.00 63.47  ? 19  G   C O6    1 
ATOM   649  N  N1    . G   C 3 5  ? -16.454 -6.241  1.633   1.00 62.20  ? 19  G   C N1    1 
ATOM   650  C  C2    . G   C 3 5  ? -16.975 -6.971  2.668   1.00 62.06  ? 19  G   C C2    1 
ATOM   651  N  N2    . G   C 3 5  ? -17.291 -8.247  2.394   1.00 60.94  ? 19  G   C N2    1 
ATOM   652  N  N3    . G   C 3 5  ? -17.168 -6.489  3.881   1.00 61.54  ? 19  G   C N3    1 
ATOM   653  C  C4    . G   C 3 5  ? -16.781 -5.198  3.986   1.00 62.94  ? 19  G   C C4    1 
ATOM   654  P  P     . A   C 3 6  ? -13.350 -5.597  8.886   1.00 74.96  ? 20  A   C P     1 
ATOM   655  O  OP1   . A   C 3 6  ? -12.854 -6.211  10.152  1.00 77.25  ? 20  A   C OP1   1 
ATOM   656  O  OP2   . A   C 3 6  ? -12.687 -4.373  8.348   1.00 77.17  ? 20  A   C OP2   1 
ATOM   657  O  "O5'" . A   C 3 6  ? -13.324 -6.714  7.746   1.00 70.57  ? 20  A   C "O5'" 1 
ATOM   658  C  "C5'" . A   C 3 6  ? -13.890 -7.991  7.991   1.00 65.40  ? 20  A   C "C5'" 1 
ATOM   659  C  "C4'" . A   C 3 6  ? -13.851 -8.840  6.750   1.00 67.83  ? 20  A   C "C4'" 1 
ATOM   660  O  "O4'" . A   C 3 6  ? -14.653 -8.207  5.726   1.00 65.90  ? 20  A   C "O4'" 1 
ATOM   661  C  "C3'" . A   C 3 6  ? -12.491 -8.996  6.103   1.00 68.57  ? 20  A   C "C3'" 1 
ATOM   662  O  "O3'" . A   C 3 6  ? -11.731 -10.025 6.693   1.00 72.68  ? 20  A   C "O3'" 1 
ATOM   663  C  "C2'" . A   C 3 6  ? -12.852 -9.332  4.669   1.00 67.56  ? 20  A   C "C2'" 1 
ATOM   664  O  "O2'" . A   C 3 6  ? -13.212 -10.680 4.483   1.00 70.88  ? 20  A   C "O2'" 1 
ATOM   665  C  "C1'" . A   C 3 6  ? -14.061 -8.429  4.457   1.00 66.16  ? 20  A   C "C1'" 1 
ATOM   666  N  N9    . A   C 3 6  ? -13.621 -7.147  3.924   1.00 63.83  ? 20  A   C N9    1 
ATOM   667  C  C8    . A   C 3 6  ? -13.426 -5.947  4.577   1.00 63.48  ? 20  A   C C8    1 
ATOM   668  N  N7    . A   C 3 6  ? -12.999 -4.985  3.793   1.00 60.77  ? 20  A   C N7    1 
ATOM   669  C  C5    . A   C 3 6  ? -12.914 -5.592  2.543   1.00 58.20  ? 20  A   C C5    1 
ATOM   670  C  C6    . A   C 3 6  ? -12.528 -5.114  1.288   1.00 57.60  ? 20  A   C C6    1 
ATOM   671  N  N6    . A   C 3 6  ? -12.149 -3.854  1.071   1.00 55.55  ? 20  A   C N6    1 
ATOM   672  N  N1    . A   C 3 6  ? -12.544 -5.984  0.244   1.00 58.64  ? 20  A   C N1    1 
ATOM   673  C  C2    . A   C 3 6  ? -12.932 -7.251  0.466   1.00 61.87  ? 20  A   C C2    1 
ATOM   674  N  N3    . A   C 3 6  ? -13.325 -7.818  1.603   1.00 62.28  ? 20  A   C N3    1 
ATOM   675  C  C4    . A   C 3 6  ? -13.292 -6.923  2.612   1.00 60.49  ? 20  A   C C4    1 
ATOM   676  P  P     . G   C 3 7  ? -10.135 -9.899  6.707   1.00 74.89  ? 21  G   C P     1 
ATOM   677  O  OP1   . G   C 3 7  ? -9.569  -11.153 7.268   1.00 77.01  ? 21  G   C OP1   1 
ATOM   678  O  OP2   . G   C 3 7  ? -9.814  -8.582  7.342   1.00 73.59  ? 21  G   C OP2   1 
ATOM   679  O  "O5'" . G   C 3 7  ? -9.748  -9.841  5.163   1.00 70.19  ? 21  G   C "O5'" 1 
ATOM   680  C  "C5'" . G   C 3 7  ? -9.964  -10.966 4.327   1.00 65.38  ? 21  G   C "C5'" 1 
ATOM   681  C  "C4'" . G   C 3 7  ? -9.531  -10.670 2.914   1.00 65.31  ? 21  G   C "C4'" 1 
ATOM   682  O  "O4'" . G   C 3 7  ? -10.337 -9.583  2.389   1.00 67.60  ? 21  G   C "O4'" 1 
ATOM   683  C  "C3'" . G   C 3 7  ? -8.106  -10.177 2.751   1.00 67.27  ? 21  G   C "C3'" 1 
ATOM   684  O  "O3'" . G   C 3 7  ? -7.196  -11.254 2.680   1.00 70.99  ? 21  G   C "O3'" 1 
ATOM   685  C  "C2'" . G   C 3 7  ? -8.178  -9.436  1.425   1.00 68.57  ? 21  G   C "C2'" 1 
ATOM   686  O  "O2'" . G   C 3 7  ? -8.187  -10.314 0.316   1.00 67.15  ? 21  G   C "O2'" 1 
ATOM   687  C  "C1'" . G   C 3 7  ? -9.548  -8.773  1.533   1.00 65.94  ? 21  G   C "C1'" 1 
ATOM   688  N  N9    . G   C 3 7  ? -9.466  -7.428  2.097   1.00 61.68  ? 21  G   C N9    1 
ATOM   689  C  C8    . G   C 3 7  ? -9.533  -7.069  3.431   1.00 60.41  ? 21  G   C C8    1 
ATOM   690  N  N7    . G   C 3 7  ? -9.427  -5.777  3.620   1.00 59.39  ? 21  G   C N7    1 
ATOM   691  C  C5    . G   C 3 7  ? -9.285  -5.250  2.337   1.00 57.34  ? 21  G   C C5    1 
ATOM   692  C  C6    . G   C 3 7  ? -9.130  -3.901  1.906   1.00 56.03  ? 21  G   C C6    1 
ATOM   693  O  O6    . G   C 3 7  ? -9.100  -2.869  2.601   1.00 60.31  ? 21  G   C O6    1 
ATOM   694  N  N1    . G   C 3 7  ? -8.998  -3.814  0.514   1.00 54.70  ? 21  G   C N1    1 
ATOM   695  C  C2    . G   C 3 7  ? -9.016  -4.885  -0.352  1.00 56.21  ? 21  G   C C2    1 
ATOM   696  N  N2    . G   C 3 7  ? -8.848  -4.599  -1.656  1.00 54.02  ? 21  G   C N2    1 
ATOM   697  N  N3    . G   C 3 7  ? -9.176  -6.144  0.035   1.00 56.70  ? 21  G   C N3    1 
ATOM   698  C  C4    . G   C 3 7  ? -9.300  -6.252  1.385   1.00 57.49  ? 21  G   C C4    1 
ATOM   699  P  P     . A   C 3 8  ? -5.794  -11.155 3.451   1.00 73.16  ? 22  A   C P     1 
ATOM   700  O  OP1   . A   C 3 8  ? -5.983  -11.771 4.788   1.00 73.25  ? 22  A   C OP1   1 
ATOM   701  O  OP2   . A   C 3 8  ? -5.304  -9.760  3.357   1.00 73.31  ? 22  A   C OP2   1 
ATOM   702  O  "O5'" . A   C 3 8  ? -4.842  -12.086 2.586   1.00 70.26  ? 22  A   C "O5'" 1 
ATOM   703  C  "C5'" . A   C 3 8  ? -4.021  -11.548 1.563   1.00 69.74  ? 22  A   C "C5'" 1 
ATOM   704  C  "C4'" . A   C 3 8  ? -4.458  -12.072 0.223   1.00 69.49  ? 22  A   C "C4'" 1 
ATOM   705  O  "O4'" . A   C 3 8  ? -5.602  -11.307 -0.229  1.00 67.70  ? 22  A   C "O4'" 1 
ATOM   706  C  "C3'" . A   C 3 8  ? -3.444  -11.850 -0.874  1.00 68.58  ? 22  A   C "C3'" 1 
ATOM   707  O  "O3'" . A   C 3 8  ? -2.484  -12.872 -0.855  1.00 69.38  ? 22  A   C "O3'" 1 
ATOM   708  C  "C2'" . A   C 3 8  ? -4.293  -11.871 -2.129  1.00 67.23  ? 22  A   C "C2'" 1 
ATOM   709  O  "O2'" . A   C 3 8  ? -4.620  -13.169 -2.569  1.00 69.01  ? 22  A   C "O2'" 1 
ATOM   710  C  "C1'" . A   C 3 8  ? -5.537  -11.138 -1.638  1.00 65.95  ? 22  A   C "C1'" 1 
ATOM   711  N  N9    . A   C 3 8  ? -5.426  -9.709  -1.922  1.00 63.53  ? 22  A   C N9    1 
ATOM   712  C  C8    . A   C 3 8  ? -5.307  -8.668  -1.039  1.00 63.01  ? 22  A   C C8    1 
ATOM   713  N  N7    . A   C 3 8  ? -5.212  -7.494  -1.616  1.00 63.36  ? 22  A   C N7    1 
ATOM   714  C  C5    . A   C 3 8  ? -5.280  -7.782  -2.969  1.00 61.86  ? 22  A   C C5    1 
ATOM   715  C  C6    . A   C 3 8  ? -5.243  -6.963  -4.110  1.00 60.85  ? 22  A   C C6    1 
ATOM   716  N  N6    . A   C 3 8  ? -5.136  -5.632  -4.062  1.00 57.42  ? 22  A   C N6    1 
ATOM   717  N  N1    . A   C 3 8  ? -5.323  -7.564  -5.317  1.00 60.33  ? 22  A   C N1    1 
ATOM   718  C  C2    . A   C 3 8  ? -5.441  -8.900  -5.357  1.00 61.79  ? 22  A   C C2    1 
ATOM   719  N  N3    . A   C 3 8  ? -5.494  -9.777  -4.353  1.00 61.52  ? 22  A   C N3    1 
ATOM   720  C  C4    . A   C 3 8  ? -5.407  -9.144  -3.172  1.00 62.10  ? 22  A   C C4    1 
ATOM   721  P  P     . A   C 3 9  ? -0.938  -12.479 -0.930  1.00 67.82  ? 23  A   C P     1 
ATOM   722  O  OP1   . A   C 3 9  ? -0.127  -13.672 -0.596  1.00 73.16  ? 23  A   C OP1   1 
ATOM   723  O  OP2   . A   C 3 9  ? -0.765  -11.231 -0.155  1.00 63.05  ? 23  A   C OP2   1 
ATOM   724  O  "O5'" . A   C 3 9  ? -0.744  -12.184 -2.469  1.00 64.89  ? 23  A   C "O5'" 1 
ATOM   725  C  "C5'" . A   C 3 9  ? -1.265  -13.083 -3.412  1.00 57.71  ? 23  A   C "C5'" 1 
ATOM   726  C  "C4'" . A   C 3 9  ? -1.418  -12.394 -4.719  1.00 61.13  ? 23  A   C "C4'" 1 
ATOM   727  O  "O4'" . A   C 3 9  ? -2.429  -11.371 -4.586  1.00 63.79  ? 23  A   C "O4'" 1 
ATOM   728  C  "C3'" . A   C 3 9  ? -0.182  -11.617 -5.124  1.00 60.74  ? 23  A   C "C3'" 1 
ATOM   729  O  "O3'" . A   C 3 9  ? 0.744   -12.447 -5.787  1.00 63.12  ? 23  A   C "O3'" 1 
ATOM   730  C  "C2'" . A   C 3 9  ? -0.751  -10.584 -6.074  1.00 60.50  ? 23  A   C "C2'" 1 
ATOM   731  O  "O2'" . A   C 3 9  ? -0.983  -11.114 -7.359  1.00 61.19  ? 23  A   C "O2'" 1 
ATOM   732  C  "C1'" . A   C 3 9  ? -2.076  -10.259 -5.390  1.00 61.75  ? 23  A   C "C1'" 1 
ATOM   733  N  N9    . A   C 3 9  ? -1.956  -9.087  -4.533  1.00 58.44  ? 23  A   C N9    1 
ATOM   734  C  C8    . A   C 3 9  ? -1.945  -9.031  -3.162  1.00 57.86  ? 23  A   C C8    1 
ATOM   735  N  N7    . A   C 3 9  ? -1.843  -7.815  -2.689  1.00 58.02  ? 23  A   C N7    1 
ATOM   736  C  C5    . A   C 3 9  ? -1.772  -7.017  -3.826  1.00 53.85  ? 23  A   C C5    1 
ATOM   737  C  C6    . A   C 3 9  ? -1.657  -5.629  -4.002  1.00 52.50  ? 23  A   C C6    1 
ATOM   738  N  N6    . A   C 3 9  ? -1.584  -4.756  -2.993  1.00 48.91  ? 23  A   C N6    1 
ATOM   739  N  N1    . A   C 3 9  ? -1.618  -5.155  -5.266  1.00 50.68  ? 23  A   C N1    1 
ATOM   740  C  C2    . A   C 3 9  ? -1.691  -6.023  -6.279  1.00 53.16  ? 23  A   C C2    1 
ATOM   741  N  N3    . A   C 3 9  ? -1.801  -7.353  -6.241  1.00 53.74  ? 23  A   C N3    1 
ATOM   742  C  C4    . A   C 3 9  ? -1.837  -7.791  -4.967  1.00 54.24  ? 23  A   C C4    1 
ATOM   743  P  P     . A   C 3 10 ? 2.300   -12.070 -5.760  1.00 64.28  ? 24  A   C P     1 
ATOM   744  O  OP1   . A   C 3 10 ? 3.021   -13.104 -6.551  1.00 69.17  ? 24  A   C OP1   1 
ATOM   745  O  OP2   . A   C 3 10 ? 2.680   -11.817 -4.343  1.00 60.10  ? 24  A   C OP2   1 
ATOM   746  O  "O5'" . A   C 3 10 ? 2.382   -10.695 -6.558  1.00 64.28  ? 24  A   C "O5'" 1 
ATOM   747  C  "C5'" . A   C 3 10 ? 2.298   -10.685 -7.974  1.00 61.26  ? 24  A   C "C5'" 1 
ATOM   748  C  "C4'" . A   C 3 10 ? 2.419   -9.278  -8.488  1.00 61.18  ? 24  A   C "C4'" 1 
ATOM   749  O  "O4'" . A   C 3 10 ? 1.320   -8.505  -7.953  1.00 61.69  ? 24  A   C "O4'" 1 
ATOM   750  C  "C3'" . A   C 3 10 ? 3.647   -8.519  -8.037  1.00 61.16  ? 24  A   C "C3'" 1 
ATOM   751  O  "O3'" . A   C 3 10 ? 4.762   -8.799  -8.852  1.00 64.16  ? 24  A   C "O3'" 1 
ATOM   752  C  "C2'" . A   C 3 10 ? 3.191   -7.084  -8.180  1.00 61.63  ? 24  A   C "C2'" 1 
ATOM   753  O  "O2'" . A   C 3 10 ? 3.148   -6.700  -9.540  1.00 66.53  ? 24  A   C "O2'" 1 
ATOM   754  C  "C1'" . A   C 3 10 ? 1.765   -7.198  -7.661  1.00 59.08  ? 24  A   C "C1'" 1 
ATOM   755  N  N9    . A   C 3 10 ? 1.731   -7.036  -6.213  1.00 55.26  ? 24  A   C N9    1 
ATOM   756  C  C8    . A   C 3 10 ? 1.643   -7.991  -5.228  1.00 54.62  ? 24  A   C C8    1 
ATOM   757  N  N7    . A   C 3 10 ? 1.598   -7.494  -4.016  1.00 54.42  ? 24  A   C N7    1 
ATOM   758  C  C5    . A   C 3 10 ? 1.669   -6.119  -4.219  1.00 54.22  ? 24  A   C C5    1 
ATOM   759  C  C6    . A   C 3 10 ? 1.655   -5.018  -3.335  1.00 53.66  ? 24  A   C C6    1 
ATOM   760  N  N6    . A   C 3 10 ? 1.541   -5.124  -2.004  1.00 49.74  ? 24  A   C N6    1 
ATOM   761  N  N1    . A   C 3 10 ? 1.751   -3.780  -3.875  1.00 54.12  ? 24  A   C N1    1 
ATOM   762  C  C2    . A   C 3 10 ? 1.839   -3.664  -5.208  1.00 54.06  ? 24  A   C C2    1 
ATOM   763  N  N3    . A   C 3 10 ? 1.850   -4.613  -6.135  1.00 54.80  ? 24  A   C N3    1 
ATOM   764  C  C4    . A   C 3 10 ? 1.762   -5.830  -5.568  1.00 53.42  ? 24  A   C C4    1 
ATOM   765  P  P     . C   C 3 11 ? 6.229   -8.765  -8.206  1.00 62.90  ? 25  C   C P     1 
ATOM   766  O  OP1   . C   C 3 11 ? 7.213   -9.043  -9.281  1.00 66.59  ? 25  C   C OP1   1 
ATOM   767  O  OP2   . C   C 3 11 ? 6.213   -9.593  -6.971  1.00 59.87  ? 25  C   C OP2   1 
ATOM   768  O  "O5'" . C   C 3 11 ? 6.414   -7.248  -7.789  1.00 59.08  ? 25  C   C "O5'" 1 
ATOM   769  C  "C5'" . C   C 3 11 ? 6.498   -6.252  -8.786  1.00 54.85  ? 25  C   C "C5'" 1 
ATOM   770  C  "C4'" . C   C 3 11 ? 6.519   -4.898  -8.153  1.00 55.77  ? 25  C   C "C4'" 1 
ATOM   771  O  "O4'" . C   C 3 11 ? 5.331   -4.759  -7.340  1.00 54.37  ? 25  C   C "O4'" 1 
ATOM   772  C  "C3'" . C   C 3 11 ? 7.652   -4.677  -7.171  1.00 53.48  ? 25  C   C "C3'" 1 
ATOM   773  O  "O3'" . C   C 3 11 ? 8.812   -4.235  -7.840  1.00 54.93  ? 25  C   C "O3'" 1 
ATOM   774  C  "C2'" . C   C 3 11 ? 7.096   -3.570  -6.304  1.00 53.29  ? 25  C   C "C2'" 1 
ATOM   775  O  "O2'" . C   C 3 11 ? 7.159   -2.326  -6.964  1.00 55.30  ? 25  C   C "O2'" 1 
ATOM   776  C  "C1'" . C   C 3 11 ? 5.638   -3.993  -6.198  1.00 51.47  ? 25  C   C "C1'" 1 
ATOM   777  N  N1    . C   C 3 11 ? 5.406   -4.810  -5.012  1.00 50.01  ? 25  C   C N1    1 
ATOM   778  C  C2    . C   C 3 11 ? 5.323   -4.164  -3.790  1.00 51.09  ? 25  C   C C2    1 
ATOM   779  O  O2    . C   C 3 11 ? 5.477   -2.943  -3.764  1.00 54.12  ? 25  C   C O2    1 
ATOM   780  N  N3    . C   C 3 11 ? 5.083   -4.871  -2.671  1.00 46.99  ? 25  C   C N3    1 
ATOM   781  C  C4    . C   C 3 11 ? 4.929   -6.187  -2.745  1.00 47.81  ? 25  C   C C4    1 
ATOM   782  N  N4    . C   C 3 11 ? 4.681   -6.844  -1.608  1.00 47.44  ? 25  C   C N4    1 
ATOM   783  C  C5    . C   C 3 11 ? 5.026   -6.889  -3.986  1.00 48.41  ? 25  C   C C5    1 
ATOM   784  C  C6    . C   C 3 11 ? 5.263   -6.163  -5.089  1.00 50.11  ? 25  C   C C6    1 
ATOM   785  P  P     . A   C 3 12 ? 10.247  -4.437  -7.154  1.00 57.45  ? 26  A   C P     1 
ATOM   786  O  OP1   . A   C 3 12 ? 11.259  -4.040  -8.164  1.00 53.91  ? 26  A   C OP1   1 
ATOM   787  O  OP2   . A   C 3 12 ? 10.290  -5.791  -6.545  1.00 54.74  ? 26  A   C OP2   1 
ATOM   788  O  "O5'" . A   C 3 12 ? 10.278  -3.381  -5.968  1.00 51.72  ? 26  A   C "O5'" 1 
ATOM   789  C  "C5'" . A   C 3 12 ? 10.391  -1.996  -6.227  1.00 55.43  ? 26  A   C "C5'" 1 
ATOM   790  C  "C4'" . A   C 3 12 ? 10.290  -1.244  -4.934  1.00 56.12  ? 26  A   C "C4'" 1 
ATOM   791  O  "O4'" . A   C 3 12 ? 9.047   -1.628  -4.304  1.00 56.63  ? 26  A   C "O4'" 1 
ATOM   792  C  "C3'" . A   C 3 12 ? 11.323  -1.632  -3.901  1.00 56.59  ? 26  A   C "C3'" 1 
ATOM   793  O  "O3'" . A   C 3 12 ? 12.548  -0.955  -4.074  1.00 62.64  ? 26  A   C "O3'" 1 
ATOM   794  C  "C2'" . A   C 3 12 ? 10.641  -1.262  -2.596  1.00 54.68  ? 26  A   C "C2'" 1 
ATOM   795  O  "O2'" . A   C 3 12 ? 10.653  0.118   -2.317  1.00 58.78  ? 26  A   C "O2'" 1 
ATOM   796  C  "C1'" . A   C 3 12 ? 9.216   -1.684  -2.899  1.00 52.62  ? 26  A   C "C1'" 1 
ATOM   797  N  N9    . A   C 3 12 ? 8.953   -3.047  -2.466  1.00 49.48  ? 26  A   C N9    1 
ATOM   798  C  C8    . A   C 3 12 ? 8.856   -4.187  -3.228  1.00 46.50  ? 26  A   C C8    1 
ATOM   799  N  N7    . A   C 3 12 ? 8.545   -5.254  -2.536  1.00 46.43  ? 26  A   C N7    1 
ATOM   800  C  C5    . A   C 3 12 ? 8.442   -4.784  -1.234  1.00 44.78  ? 26  A   C C5    1 
ATOM   801  C  C6    . A   C 3 12 ? 8.113   -5.416  -0.032  1.00 46.85  ? 26  A   C C6    1 
ATOM   802  N  N6    . A   C 3 12 ? 7.807   -6.716  0.058   1.00 45.06  ? 26  A   C N6    1 
ATOM   803  N  N1    . A   C 3 12 ? 8.103   -4.666  1.094   1.00 47.22  ? 26  A   C N1    1 
ATOM   804  C  C2    . A   C 3 12 ? 8.409   -3.367  1.000   1.00 46.55  ? 26  A   C C2    1 
ATOM   805  N  N3    . A   C 3 12 ? 8.728   -2.658  -0.077  1.00 47.98  ? 26  A   C N3    1 
ATOM   806  C  C4    . A   C 3 12 ? 8.718   -3.436  -1.174  1.00 45.55  ? 26  A   C C4    1 
ATOM   807  P  P     . C   C 3 13 ? 13.895  -1.659  -3.569  1.00 62.37  ? 27  C   C P     1 
ATOM   808  O  OP1   . C   C 3 13 ? 15.004  -0.725  -3.874  1.00 62.55  ? 27  C   C OP1   1 
ATOM   809  O  OP2   . C   C 3 13 ? 13.891  -3.025  -4.153  1.00 58.36  ? 27  C   C OP2   1 
ATOM   810  O  "O5'" . C   C 3 13 ? 13.718  -1.772  -1.986  1.00 54.14  ? 27  C   C "O5'" 1 
ATOM   811  C  "C5'" . C   C 3 13 ? 13.681  -0.600  -1.183  1.00 53.80  ? 27  C   C "C5'" 1 
ATOM   812  C  "C4'" . C   C 3 13 ? 13.389  -0.943  0.261   1.00 55.38  ? 27  C   C "C4'" 1 
ATOM   813  O  "O4'" . C   C 3 13 ? 12.107  -1.618  0.355   1.00 58.03  ? 27  C   C "O4'" 1 
ATOM   814  C  "C3'" . C   C 3 13 ? 14.352  -1.922  0.901   1.00 58.09  ? 27  C   C "C3'" 1 
ATOM   815  O  "O3'" . C   C 3 13 ? 15.539  -1.269  1.333   1.00 62.35  ? 27  C   C "O3'" 1 
ATOM   816  C  "C2'" . C   C 3 13 ? 13.521  -2.501  2.043   1.00 60.41  ? 27  C   C "C2'" 1 
ATOM   817  O  "O2'" . C   C 3 13 ? 13.434  -1.649  3.165   1.00 64.98  ? 27  C   C "O2'" 1 
ATOM   818  C  "C1'" . C   C 3 13 ? 12.144  -2.583  1.394   1.00 54.41  ? 27  C   C "C1'" 1 
ATOM   819  N  N1    . C   C 3 13 ? 11.857  -3.904  0.823   1.00 49.46  ? 27  C   C N1    1 
ATOM   820  C  C2    . C   C 3 13 ? 11.312  -4.888  1.660   1.00 50.70  ? 27  C   C C2    1 
ATOM   821  O  O2    . C   C 3 13 ? 11.086  -4.604  2.850   1.00 51.99  ? 27  C   C O2    1 
ATOM   822  N  N3    . C   C 3 13 ? 11.038  -6.113  1.153   1.00 49.80  ? 27  C   C N3    1 
ATOM   823  C  C4    . C   C 3 13 ? 11.282  -6.368  -0.135  1.00 47.93  ? 27  C   C C4    1 
ATOM   824  N  N4    . C   C 3 13 ? 10.981  -7.587  -0.606  1.00 52.57  ? 27  C   C N4    1 
ATOM   825  C  C5    . C   C 3 13 ? 11.840  -5.384  -1.007  1.00 47.68  ? 27  C   C C5    1 
ATOM   826  C  C6    . C   C 3 13 ? 12.111  -4.177  -0.491  1.00 49.10  ? 27  C   C C6    1 
ATOM   827  P  P     . A   C 3 14 ? 16.926  -2.091  1.386   1.00 57.76  ? 28  A   C P     1 
ATOM   828  O  OP1   . A   C 3 14 ? 18.004  -1.139  1.758   1.00 62.31  ? 28  A   C OP1   1 
ATOM   829  O  OP2   . A   C 3 14 ? 17.051  -2.887  0.137   1.00 61.08  ? 28  A   C OP2   1 
ATOM   830  O  "O5'" . A   C 3 14 ? 16.707  -3.076  2.613   1.00 55.50  ? 28  A   C "O5'" 1 
ATOM   831  C  "C5'" . A   C 3 14 ? 16.537  -2.533  3.907   1.00 56.11  ? 28  A   C "C5'" 1 
ATOM   832  C  "C4'" . A   C 3 14 ? 16.240  -3.612  4.896   1.00 59.23  ? 28  A   C "C4'" 1 
ATOM   833  O  "O4'" . A   C 3 14 ? 14.923  -4.140  4.631   1.00 60.04  ? 28  A   C "O4'" 1 
ATOM   834  C  "C3'" . A   C 3 14 ? 17.148  -4.821  4.820   1.00 61.00  ? 28  A   C "C3'" 1 
ATOM   835  O  "O3'" . A   C 3 14 ? 18.342  -4.617  5.543   1.00 62.26  ? 28  A   C "O3'" 1 
ATOM   836  C  "C2'" . A   C 3 14 ? 16.283  -5.884  5.466   1.00 60.29  ? 28  A   C "C2'" 1 
ATOM   837  O  "O2'" . A   C 3 14 ? 16.231  -5.714  6.868   1.00 62.48  ? 28  A   C "O2'" 1 
ATOM   838  C  "C1'" . A   C 3 14 ? 14.915  -5.526  4.897   1.00 58.40  ? 28  A   C "C1'" 1 
ATOM   839  N  N9    . A   C 3 14 ? 14.663  -6.218  3.643   1.00 53.87  ? 28  A   C N9    1 
ATOM   840  C  C8    . A   C 3 14 ? 14.938  -5.797  2.368   1.00 52.09  ? 28  A   C C8    1 
ATOM   841  N  N7    . A   C 3 14 ? 14.573  -6.652  1.441   1.00 50.59  ? 28  A   C N7    1 
ATOM   842  C  C5    . A   C 3 14 ? 14.027  -7.710  2.161   1.00 49.75  ? 28  A   C C5    1 
ATOM   843  C  C6    . A   C 3 14 ? 13.444  -8.934  1.766   1.00 50.44  ? 28  A   C C6    1 
ATOM   844  N  N6    . A   C 3 14 ? 13.299  -9.320  0.496   1.00 46.11  ? 28  A   C N6    1 
ATOM   845  N  N1    . A   C 3 14 ? 13.002  -9.759  2.740   1.00 51.68  ? 28  A   C N1    1 
ATOM   846  C  C2    . A   C 3 14 ? 13.131  -9.374  4.016   1.00 51.70  ? 28  A   C C2    1 
ATOM   847  N  N3    . A   C 3 14 ? 13.650  -8.252  4.508   1.00 52.03  ? 28  A   C N3    1 
ATOM   848  C  C4    . A   C 3 14 ? 14.084  -7.454  3.517   1.00 50.09  ? 28  A   C C4    1 
ATOM   849  P  P     . C   C 3 15 ? 19.662  -5.418  5.120   1.00 62.11  ? 29  C   C P     1 
ATOM   850  O  OP1   . C   C 3 15 ? 20.740  -4.939  6.020   1.00 69.39  ? 29  C   C OP1   1 
ATOM   851  O  OP2   . C   C 3 15 ? 19.831  -5.318  3.650   1.00 58.07  ? 29  C   C OP2   1 
ATOM   852  O  "O5'" . C   C 3 15 ? 19.322  -6.926  5.509   1.00 59.56  ? 29  C   C "O5'" 1 
ATOM   853  C  "C5'" . C   C 3 15 ? 19.254  -7.297  6.879   1.00 53.74  ? 29  C   C "C5'" 1 
ATOM   854  C  "C4'" . C   C 3 15 ? 18.625  -8.660  7.052   1.00 54.67  ? 29  C   C "C4'" 1 
ATOM   855  O  "O4'" . C   C 3 15 ? 17.325  -8.663  6.405   1.00 56.69  ? 29  C   C "O4'" 1 
ATOM   856  C  "C3'" . C   C 3 15 ? 19.343  -9.815  6.376   1.00 56.49  ? 29  C   C "C3'" 1 
ATOM   857  O  "O3'" . C   C 3 15 ? 20.418  -10.330 7.137   1.00 60.94  ? 29  C   C "O3'" 1 
ATOM   858  C  "C2'" . C   C 3 15 ? 18.237  -10.844 6.228   1.00 57.84  ? 29  C   C "C2'" 1 
ATOM   859  O  "O2'" . C   C 3 15 ? 17.978  -11.578 7.405   1.00 55.42  ? 29  C   C "O2'" 1 
ATOM   860  C  "C1'" . C   C 3 15 ? 17.054  -9.950  5.885   1.00 54.63  ? 29  C   C "C1'" 1 
ATOM   861  N  N1    . C   C 3 15 ? 16.948  -9.867  4.436   1.00 50.54  ? 29  C   C N1    1 
ATOM   862  C  C2    . C   C 3 15 ? 16.278  -10.889 3.783   1.00 49.97  ? 29  C   C C2    1 
ATOM   863  O  O2    . C   C 3 15 ? 15.769  -11.792 4.462   1.00 50.51  ? 29  C   C O2    1 
ATOM   864  N  N3    . C   C 3 15 ? 16.205  -10.880 2.439   1.00 46.52  ? 29  C   C N3    1 
ATOM   865  C  C4    . C   C 3 15 ? 16.773  -9.891  1.751   1.00 50.04  ? 29  C   C C4    1 
ATOM   866  N  N4    . C   C 3 15 ? 16.698  -9.939  0.421   1.00 49.30  ? 29  C   C N4    1 
ATOM   867  C  C5    . C   C 3 15 ? 17.450  -8.816  2.396   1.00 47.45  ? 29  C   C C5    1 
ATOM   868  C  C6    . C   C 3 15 ? 17.506  -8.841  3.731   1.00 49.35  ? 29  C   C C6    1 
ATOM   869  P  P     . G   C 3 16 ? 21.648  -11.020 6.376   1.00 64.11  ? 30  G   C P     1 
ATOM   870  O  OP1   . G   C 3 16 ? 22.710  -11.233 7.383   1.00 69.61  ? 30  G   C OP1   1 
ATOM   871  O  OP2   . G   C 3 16 ? 21.937  -10.220 5.154   1.00 59.07  ? 30  G   C OP2   1 
ATOM   872  O  "O5'" . G   C 3 16 ? 21.071  -12.440 5.958   1.00 61.28  ? 30  G   C "O5'" 1 
ATOM   873  C  "C5'" . G   C 3 16 ? 20.615  -13.334 6.957   1.00 62.25  ? 30  G   C "C5'" 1 
ATOM   874  C  "C4'" . G   C 3 16 ? 19.942  -14.535 6.341   1.00 65.55  ? 30  G   C "C4'" 1 
ATOM   875  O  "O4'" . G   C 3 16 ? 18.723  -14.114 5.669   1.00 66.87  ? 30  G   C "O4'" 1 
ATOM   876  C  "C3'" . G   C 3 16 ? 20.714  -15.251 5.248   1.00 63.99  ? 30  G   C "C3'" 1 
ATOM   877  O  "O3'" . G   C 3 16 ? 21.708  -16.122 5.747   1.00 61.56  ? 30  G   C "O3'" 1 
ATOM   878  C  "C2'" . G   C 3 16 ? 19.601  -15.975 4.503   1.00 63.46  ? 30  G   C "C2'" 1 
ATOM   879  O  "O2'" . G   C 3 16 ? 19.110  -17.103 5.201   1.00 60.84  ? 30  G   C "O2'" 1 
ATOM   880  C  "C1'" . G   C 3 16 ? 18.517  -14.905 4.511   1.00 60.40  ? 30  G   C "C1'" 1 
ATOM   881  N  N9    . G   C 3 16 ? 18.649  -14.057 3.331   1.00 59.46  ? 30  G   C N9    1 
ATOM   882  C  C8    . G   C 3 16 ? 19.194  -12.793 3.239   1.00 58.42  ? 30  G   C C8    1 
ATOM   883  N  N7    . G   C 3 16 ? 19.170  -12.314 2.022   1.00 54.98  ? 30  G   C N7    1 
ATOM   884  C  C5    . G   C 3 16 ? 18.568  -13.321 1.273   1.00 53.88  ? 30  G   C C5    1 
ATOM   885  C  C6    . G   C 3 16 ? 18.262  -13.382 -0.110  1.00 53.68  ? 30  G   C C6    1 
ATOM   886  O  O6    . G   C 3 16 ? 18.436  -12.518 -0.978  1.00 53.89  ? 30  G   C O6    1 
ATOM   887  N  N1    . G   C 3 16 ? 17.686  -14.605 -0.452  1.00 53.50  ? 30  G   C N1    1 
ATOM   888  C  C2    . G   C 3 16 ? 17.421  -15.630 0.428   1.00 56.61  ? 30  G   C C2    1 
ATOM   889  N  N2    . G   C 3 16 ? 16.880  -16.746 -0.087  1.00 57.68  ? 30  G   C N2    1 
ATOM   890  N  N3    . G   C 3 16 ? 17.675  -15.572 1.719   1.00 56.61  ? 30  G   C N3    1 
ATOM   891  C  C4    . G   C 3 16 ? 18.248  -14.401 2.067   1.00 56.73  ? 30  G   C C4    1 
ATOM   892  P  P     . A   C 3 17 ? 23.075  -16.295 4.927   1.00 66.23  ? 31  A   C P     1 
ATOM   893  O  OP1   . A   C 3 17 ? 23.960  -17.162 5.751   1.00 68.64  ? 31  A   C OP1   1 
ATOM   894  O  OP2   . A   C 3 17 ? 23.545  -14.943 4.509   1.00 62.47  ? 31  A   C OP2   1 
ATOM   895  O  "O5'" . A   C 3 17 ? 22.628  -17.058 3.600   1.00 66.43  ? 31  A   C "O5'" 1 
ATOM   896  C  "C5'" . A   C 3 17 ? 22.002  -18.333 3.664   1.00 61.79  ? 31  A   C "C5'" 1 
ATOM   897  C  "C4'" . A   C 3 17 ? 21.557  -18.781 2.290   1.00 60.85  ? 31  A   C "C4'" 1 
ATOM   898  O  "O4'" . A   C 3 17 ? 20.545  -17.871 1.785   1.00 59.71  ? 31  A   C "O4'" 1 
ATOM   899  C  "C3'" . A   C 3 17 ? 22.629  -18.736 1.214   1.00 59.83  ? 31  A   C "C3'" 1 
ATOM   900  O  "O3'" . A   C 3 17 ? 23.516  -19.846 1.193   1.00 67.47  ? 31  A   C "O3'" 1 
ATOM   901  C  "C2'" . A   C 3 17 ? 21.809  -18.678 -0.057  1.00 59.28  ? 31  A   C "C2'" 1 
ATOM   902  O  "O2'" . A   C 3 17 ? 21.290  -19.941 -0.421  1.00 64.07  ? 31  A   C "O2'" 1 
ATOM   903  C  "C1'" . A   C 3 17 ? 20.655  -17.781 0.374   1.00 59.85  ? 31  A   C "C1'" 1 
ATOM   904  N  N9    . A   C 3 17 ? 20.882  -16.397 -0.011  1.00 56.75  ? 31  A   C N9    1 
ATOM   905  C  C8    . A   C 3 17 ? 21.439  -15.367 0.705   1.00 55.75  ? 31  A   C C8    1 
ATOM   906  N  N7    . A   C 3 17 ? 21.529  -14.248 0.028   1.00 54.99  ? 31  A   C N7    1 
ATOM   907  C  C5    . A   C 3 17 ? 20.988  -14.563 -1.214  1.00 53.85  ? 31  A   C C5    1 
ATOM   908  C  C6    . A   C 3 17 ? 20.802  -13.812 -2.391  1.00 53.21  ? 31  A   C C6    1 
ATOM   909  N  N6    . A   C 3 17 ? 21.166  -12.531 -2.522  1.00 49.74  ? 31  A   C N6    1 
ATOM   910  N  N1    . A   C 3 17 ? 20.230  -14.431 -3.449  1.00 52.78  ? 31  A   C N1    1 
ATOM   911  C  C2    . A   C 3 17 ? 19.880  -15.713 -3.323  1.00 51.07  ? 31  A   C C2    1 
ATOM   912  N  N3    . A   C 3 17 ? 20.009  -16.521 -2.277  1.00 54.95  ? 31  A   C N3    1 
ATOM   913  C  C4    . A   C 3 17 ? 20.578  -15.878 -1.245  1.00 54.77  ? 31  A   C C4    1 
ATOM   914  O  "O5'" . U   D 4 1  ? 16.552  -11.163 -10.350 1.00 60.94  ? 31  U   D "O5'" 1 
ATOM   915  C  "C5'" . U   D 4 1  ? 16.336  -12.129 -11.376 1.00 60.82  ? 31  U   D "C5'" 1 
ATOM   916  C  "C4'" . U   D 4 1  ? 16.517  -13.538 -10.864 1.00 58.09  ? 31  U   D "C4'" 1 
ATOM   917  O  "O4'" . U   D 4 1  ? 17.894  -13.720 -10.452 1.00 62.82  ? 31  U   D "O4'" 1 
ATOM   918  C  "C3'" . U   D 4 1  ? 15.710  -13.903 -9.631  1.00 53.89  ? 31  U   D "C3'" 1 
ATOM   919  O  "O3'" . U   D 4 1  ? 14.413  -14.328 -9.994  1.00 55.05  ? 31  U   D "O3'" 1 
ATOM   920  C  "C2'" . U   D 4 1  ? 16.522  -15.044 -9.045  1.00 57.87  ? 31  U   D "C2'" 1 
ATOM   921  O  "O2'" . U   D 4 1  ? 16.291  -16.250 -9.731  1.00 60.61  ? 31  U   D "O2'" 1 
ATOM   922  C  "C1'" . U   D 4 1  ? 17.948  -14.568 -9.318  1.00 60.16  ? 31  U   D "C1'" 1 
ATOM   923  N  N1    . U   D 4 1  ? 18.482  -13.788 -8.193  1.00 59.72  ? 31  U   D N1    1 
ATOM   924  C  C2    . U   D 4 1  ? 18.800  -14.456 -7.022  1.00 57.45  ? 31  U   D C2    1 
ATOM   925  O  O2    . U   D 4 1  ? 18.709  -15.670 -6.893  1.00 56.26  ? 31  U   D O2    1 
ATOM   926  N  N3    . U   D 4 1  ? 19.236  -13.651 -5.999  1.00 56.62  ? 31  U   D N3    1 
ATOM   927  C  C4    . U   D 4 1  ? 19.405  -12.286 -6.023  1.00 59.22  ? 31  U   D C4    1 
ATOM   928  O  O4    . U   D 4 1  ? 19.767  -11.702 -5.002  1.00 59.09  ? 31  U   D O4    1 
ATOM   929  C  C5    . U   D 4 1  ? 19.089  -11.676 -7.268  1.00 59.52  ? 31  U   D C5    1 
ATOM   930  C  C6    . U   D 4 1  ? 18.647  -12.429 -8.288  1.00 57.44  ? 31  U   D C6    1 
ATOM   931  P  P     . C   D 4 2  ? 13.178  -14.002 -9.029  1.00 58.20  ? 32  C   D P     1 
ATOM   932  O  OP1   . C   D 4 2  ? 11.952  -14.225 -9.822  1.00 65.28  ? 32  C   D OP1   1 
ATOM   933  O  OP2   . C   D 4 2  ? 13.409  -12.689 -8.377  1.00 56.99  ? 32  C   D OP2   1 
ATOM   934  O  "O5'" . C   D 4 2  ? 13.239  -15.138 -7.920  1.00 50.65  ? 32  C   D "O5'" 1 
ATOM   935  C  "C5'" . C   D 4 2  ? 13.195  -16.503 -8.308  1.00 50.63  ? 32  C   D "C5'" 1 
ATOM   936  C  "C4'" . C   D 4 2  ? 13.677  -17.377 -7.189  1.00 57.96  ? 32  C   D "C4'" 1 
ATOM   937  O  "O4'" . C   D 4 2  ? 15.066  -17.064 -6.925  1.00 57.85  ? 32  C   D "O4'" 1 
ATOM   938  C  "C3'" . C   D 4 2  ? 12.996  -17.122 -5.860  1.00 56.33  ? 32  C   D "C3'" 1 
ATOM   939  O  "O3'" . C   D 4 2  ? 11.798  -17.848 -5.723  1.00 52.31  ? 32  C   D "O3'" 1 
ATOM   940  C  "C2'" . C   D 4 2  ? 14.026  -17.635 -4.877  1.00 57.46  ? 32  C   D "C2'" 1 
ATOM   941  O  "O2'" . C   D 4 2  ? 14.021  -19.044 -4.840  1.00 60.76  ? 32  C   D "O2'" 1 
ATOM   942  C  "C1'" . C   D 4 2  ? 15.313  -17.154 -5.536  1.00 56.87  ? 32  C   D "C1'" 1 
ATOM   943  N  N1    . C   D 4 2  ? 15.697  -15.823 -5.042  1.00 57.70  ? 32  C   D N1    1 
ATOM   944  C  C2    . C   D 4 2  ? 16.135  -15.705 -3.729  1.00 58.38  ? 32  C   D C2    1 
ATOM   945  O  O2    . C   D 4 2  ? 16.135  -16.706 -3.008  1.00 60.48  ? 32  C   D O2    1 
ATOM   946  N  N3    . C   D 4 2  ? 16.539  -14.506 -3.268  1.00 57.73  ? 32  C   D N3    1 
ATOM   947  C  C4    . C   D 4 2  ? 16.510  -13.445 -4.065  1.00 58.91  ? 32  C   D C4    1 
ATOM   948  N  N4    . C   D 4 2  ? 16.947  -12.288 -3.570  1.00 59.77  ? 32  C   D N4    1 
ATOM   949  C  C5    . C   D 4 2  ? 16.036  -13.523 -5.406  1.00 59.86  ? 32  C   D C5    1 
ATOM   950  C  C6    . C   D 4 2  ? 15.643  -14.725 -5.850  1.00 57.21  ? 32  C   D C6    1 
ATOM   951  P  P     . G   D 4 3  ? 10.622  -17.239 -4.835  1.00 55.28  ? 33  G   D P     1 
ATOM   952  O  OP1   . G   D 4 3  ? 9.387   -17.959 -5.203  1.00 54.78  ? 33  G   D OP1   1 
ATOM   953  O  OP2   . G   D 4 3  ? 10.705  -15.766 -4.992  1.00 55.56  ? 33  G   D OP2   1 
ATOM   954  O  "O5'" . G   D 4 3  ? 11.003  -17.597 -3.338  1.00 60.32  ? 33  G   D "O5'" 1 
ATOM   955  C  "C5'" . G   D 4 3  ? 11.157  -18.944 -2.910  1.00 59.00  ? 33  G   D "C5'" 1 
ATOM   956  C  "C4'" . G   D 4 3  ? 11.694  -18.951 -1.507  1.00 56.88  ? 33  G   D "C4'" 1 
ATOM   957  O  "O4'" . G   D 4 3  ? 12.993  -18.315 -1.504  1.00 56.45  ? 33  G   D "O4'" 1 
ATOM   958  C  "C3'" . G   D 4 3  ? 10.869  -18.134 -0.534  1.00 59.27  ? 33  G   D "C3'" 1 
ATOM   959  O  "O3'" . G   D 4 3  ? 9.853   -18.968 0.006   1.00 59.00  ? 33  G   D "O3'" 1 
ATOM   960  C  "C2'" . G   D 4 3  ? 11.895  -17.753 0.528   1.00 55.61  ? 33  G   D "C2'" 1 
ATOM   961  O  "O2'" . G   D 4 3  ? 12.141  -18.756 1.492   1.00 58.57  ? 33  G   D "O2'" 1 
ATOM   962  C  "C1'" . G   D 4 3  ? 13.147  -17.551 -0.325  1.00 54.35  ? 33  G   D "C1'" 1 
ATOM   963  N  N9    . G   D 4 3  ? 13.413  -16.177 -0.731  1.00 56.44  ? 33  G   D N9    1 
ATOM   964  C  C8    . G   D 4 3  ? 13.264  -15.642 -1.990  1.00 56.70  ? 33  G   D C8    1 
ATOM   965  N  N7    . G   D 4 3  ? 13.645  -14.394 -2.066  1.00 56.76  ? 33  G   D N7    1 
ATOM   966  C  C5    . G   D 4 3  ? 14.057  -14.086 -0.776  1.00 55.11  ? 33  G   D C5    1 
ATOM   967  C  C6    . G   D 4 3  ? 14.586  -12.887 -0.248  1.00 55.08  ? 33  G   D C6    1 
ATOM   968  O  O6    . G   D 4 3  ? 14.805  -11.825 -0.835  1.00 54.96  ? 33  G   D O6    1 
ATOM   969  N  N1    . G   D 4 3  ? 14.872  -13.008 1.112   1.00 54.01  ? 33  G   D N1    1 
ATOM   970  C  C2    . G   D 4 3  ? 14.677  -14.146 1.865   1.00 54.50  ? 33  G   D C2    1 
ATOM   971  N  N2    . G   D 4 3  ? 15.025  -14.084 3.163   1.00 56.03  ? 33  G   D N2    1 
ATOM   972  N  N3    . G   D 4 3  ? 14.180  -15.270 1.381   1.00 53.47  ? 33  G   D N3    1 
ATOM   973  C  C4    . G   D 4 3  ? 13.901  -15.171 0.063   1.00 55.68  ? 33  G   D C4    1 
ATOM   974  P  P     . U   D 4 4  ? 8.566   -18.311 0.702   1.00 65.33  ? 34  U   D P     1 
ATOM   975  O  OP1   . U   D 4 4  ? 7.721   -19.424 1.217   1.00 64.37  ? 34  U   D OP1   1 
ATOM   976  O  OP2   . U   D 4 4  ? 7.998   -17.332 -0.257  1.00 68.84  ? 34  U   D OP2   1 
ATOM   977  O  "O5'" . U   D 4 4  ? 9.159   -17.509 1.941   1.00 63.79  ? 34  U   D "O5'" 1 
ATOM   978  C  "C5'" . U   D 4 4  ? 9.505   -18.199 3.126   1.00 62.17  ? 34  U   D "C5'" 1 
ATOM   979  C  "C4'" . U   D 4 4  ? 10.104  -17.262 4.141   1.00 61.91  ? 34  U   D "C4'" 1 
ATOM   980  O  "O4'" . U   D 4 4  ? 11.252  -16.597 3.551   1.00 61.70  ? 34  U   D "O4'" 1 
ATOM   981  C  "C3'" . U   D 4 4  ? 9.218   -16.104 4.575   1.00 61.79  ? 34  U   D "C3'" 1 
ATOM   982  O  "O3'" . U   D 4 4  ? 8.309   -16.475 5.598   1.00 63.15  ? 34  U   D "O3'" 1 
ATOM   983  C  "C2'" . U   D 4 4  ? 10.237  -15.100 5.085   1.00 62.57  ? 34  U   D "C2'" 1 
ATOM   984  O  "O2'" . U   D 4 4  ? 10.743  -15.466 6.350   1.00 63.73  ? 34  U   D "O2'" 1 
ATOM   985  C  "C1'" . U   D 4 4  ? 11.361  -15.287 4.078   1.00 61.41  ? 34  U   D "C1'" 1 
ATOM   986  N  N1    . U   D 4 4  ? 11.329  -14.307 2.991   1.00 63.56  ? 34  U   D N1    1 
ATOM   987  C  C2    . U   D 4 4  ? 11.799  -13.051 3.288   1.00 63.40  ? 34  U   D C2    1 
ATOM   988  O  O2    . U   D 4 4  ? 12.174  -12.746 4.404   1.00 65.82  ? 34  U   D O2    1 
ATOM   989  N  N3    . U   D 4 4  ? 11.817  -12.167 2.241   1.00 62.42  ? 34  U   D N3    1 
ATOM   990  C  C4    . U   D 4 4  ? 11.400  -12.406 0.954   1.00 61.18  ? 34  U   D C4    1 
ATOM   991  O  O4    . U   D 4 4  ? 11.565  -11.536 0.093   1.00 62.07  ? 34  U   D O4    1 
ATOM   992  C  C5    . U   D 4 4  ? 10.889  -13.725 0.731   1.00 62.14  ? 34  U   D C5    1 
ATOM   993  C  C6    . U   D 4 4  ? 10.872  -14.609 1.736   1.00 64.29  ? 34  U   D C6    1 
ATOM   994  P  P     . G   D 4 5  ? 6.989   -15.585 5.849   1.00 60.92  ? 35  G   D P     1 
ATOM   995  O  OP1   . G   D 4 5  ? 6.133   -16.268 6.863   1.00 67.48  ? 35  G   D OP1   1 
ATOM   996  O  OP2   . G   D 4 5  ? 6.422   -15.250 4.515   1.00 62.40  ? 35  G   D OP2   1 
ATOM   997  O  "O5'" . G   D 4 5  ? 7.534   -14.227 6.486   1.00 59.27  ? 35  G   D "O5'" 1 
ATOM   998  C  "C5'" . G   D 4 5  ? 8.099   -14.215 7.791   1.00 53.85  ? 35  G   D "C5'" 1 
ATOM   999  C  "C4'" . G   D 4 5  ? 8.627   -12.846 8.119   1.00 55.35  ? 35  G   D "C4'" 1 
ATOM   1000 O  "O4'" . G   D 4 5  ? 9.565   -12.464 7.090   1.00 55.76  ? 35  G   D "O4'" 1 
ATOM   1001 C  "C3'" . G   D 4 5  ? 7.592   -11.738 8.110   1.00 57.39  ? 35  G   D "C3'" 1 
ATOM   1002 O  "O3'" . G   D 4 5  ? 6.985   -11.666 9.394   1.00 63.00  ? 35  G   D "O3'" 1 
ATOM   1003 C  "C2'" . G   D 4 5  ? 8.446   -10.512 7.834   1.00 59.39  ? 35  G   D "C2'" 1 
ATOM   1004 O  "O2'" . G   D 4 5  ? 9.120   -10.067 8.990   1.00 55.68  ? 35  G   D "O2'" 1 
ATOM   1005 C  "C1'" . G   D 4 5  ? 9.483   -11.076 6.865   1.00 55.82  ? 35  G   D "C1'" 1 
ATOM   1006 N  N9    . G   D 4 5  ? 9.245   -10.853 5.442   1.00 57.97  ? 35  G   D N9    1 
ATOM   1007 C  C8    . G   D 4 5  ? 8.670   -11.719 4.541   1.00 56.53  ? 35  G   D C8    1 
ATOM   1008 N  N7    . G   D 4 5  ? 8.681   -11.264 3.317   1.00 56.39  ? 35  G   D N7    1 
ATOM   1009 C  C5    . G   D 4 5  ? 9.287   -10.018 3.420   1.00 53.45  ? 35  G   D C5    1 
ATOM   1010 C  C6    . G   D 4 5  ? 9.601   -9.063  2.420   1.00 53.27  ? 35  G   D C6    1 
ATOM   1011 O  O6    . G   D 4 5  ? 9.430   -9.134  1.196   1.00 53.93  ? 35  G   D O6    1 
ATOM   1012 N  N1    . G   D 4 5  ? 10.185  -7.928  2.966   1.00 51.63  ? 35  G   D N1    1 
ATOM   1013 C  C2    . G   D 4 5  ? 10.437  -7.733  4.295   1.00 52.34  ? 35  G   D C2    1 
ATOM   1014 N  N2    . G   D 4 5  ? 10.959  -6.548  4.633   1.00 53.12  ? 35  G   D N2    1 
ATOM   1015 N  N3    . G   D 4 5  ? 10.184  -8.627  5.229   1.00 51.86  ? 35  G   D N3    1 
ATOM   1016 C  C4    . G   D 4 5  ? 9.610   -9.736  4.725   1.00 54.48  ? 35  G   D C4    1 
ATOM   1017 P  P     . G   D 4 6  ? 5.475   -11.144 9.539   1.00 63.80  ? 36  G   D P     1 
ATOM   1018 O  OP1   . G   D 4 6  ? 4.911   -11.751 10.770  1.00 65.50  ? 36  G   D OP1   1 
ATOM   1019 O  OP2   . G   D 4 6  ? 4.797   -11.366 8.239   1.00 65.82  ? 36  G   D OP2   1 
ATOM   1020 O  "O5'" . G   D 4 6  ? 5.648   -9.579  9.784   1.00 62.31  ? 36  G   D "O5'" 1 
ATOM   1021 C  "C5'" . G   D 4 6  ? 6.676   -9.091  10.642  1.00 62.69  ? 36  G   D "C5'" 1 
ATOM   1022 C  "C4'" . G   D 4 6  ? 6.926   -7.631  10.373  1.00 61.76  ? 36  G   D "C4'" 1 
ATOM   1023 O  "O4'" . G   D 4 6  ? 7.341   -7.439  9.007   1.00 63.93  ? 36  G   D "O4'" 1 
ATOM   1024 C  "C3'" . G   D 4 6  ? 5.645   -6.834  10.542  1.00 61.63  ? 36  G   D "C3'" 1 
ATOM   1025 O  "O3'" . G   D 4 6  ? 6.048   -5.579  11.083  1.00 63.27  ? 36  G   D "O3'" 1 
ATOM   1026 C  "C2'" . G   D 4 6  ? 5.063   -6.730  9.135   1.00 62.45  ? 36  G   D "C2'" 1 
ATOM   1027 O  "O2'" . G   D 4 6  ? 4.348   -5.550  8.879   1.00 64.12  ? 36  G   D "O2'" 1 
ATOM   1028 C  "C1'" . G   D 4 6  ? 6.340   -6.758  8.305   1.00 59.46  ? 36  G   D "C1'" 1 
ATOM   1029 N  N9    . G   D 4 6  ? 6.321   -7.252  6.941   1.00 53.27  ? 36  G   D N9    1 
ATOM   1030 C  C8    . G   D 4 6  ? 5.761   -8.405  6.460   1.00 53.66  ? 36  G   D C8    1 
ATOM   1031 N  N7    . G   D 4 6  ? 5.932   -8.547  5.170   1.00 53.83  ? 36  G   D N7    1 
ATOM   1032 C  C5    . G   D 4 6  ? 6.645   -7.412  4.791   1.00 51.10  ? 36  G   D C5    1 
ATOM   1033 C  C6    . G   D 4 6  ? 7.107   -6.992  3.505   1.00 50.09  ? 36  G   D C6    1 
ATOM   1034 O  O6    . G   D 4 6  ? 6.948   -7.562  2.403   1.00 53.88  ? 36  G   D O6    1 
ATOM   1035 N  N1    . G   D 4 6  ? 7.801   -5.781  3.576   1.00 48.44  ? 36  G   D N1    1 
ATOM   1036 C  C2    . G   D 4 6  ? 8.012   -5.062  4.728   1.00 51.27  ? 36  G   D C2    1 
ATOM   1037 N  N2    . G   D 4 6  ? 8.716   -3.932  4.598   1.00 49.68  ? 36  G   D N2    1 
ATOM   1038 N  N3    . G   D 4 6  ? 7.567   -5.433  5.922   1.00 52.02  ? 36  G   D N3    1 
ATOM   1039 C  C4    . G   D 4 6  ? 6.898   -6.609  5.876   1.00 51.76  ? 36  G   D C4    1 
ATOM   1040 P  P     . U   D 4 7  ? 5.091   -4.759  12.056  1.00 65.94  ? 37  U   D P     1 
ATOM   1041 O  OP1   . U   D 4 7  ? 5.955   -3.886  12.896  1.00 62.15  ? 37  U   D OP1   1 
ATOM   1042 O  OP2   . U   D 4 7  ? 4.193   -5.756  12.692  1.00 66.28  ? 37  U   D OP2   1 
ATOM   1043 O  "O5'" . U   D 4 7  ? 4.256   -3.804  11.098  1.00 69.26  ? 37  U   D "O5'" 1 
ATOM   1044 C  "C5'" . U   D 4 7  ? 3.572   -2.703  11.654  1.00 64.14  ? 37  U   D "C5'" 1 
ATOM   1045 C  "C4'" . U   D 4 7  ? 3.597   -1.530  10.714  1.00 64.82  ? 37  U   D "C4'" 1 
ATOM   1046 O  "O4'" . U   D 4 7  ? 4.965   -1.195  10.354  1.00 65.51  ? 37  U   D "O4'" 1 
ATOM   1047 C  "C3'" . U   D 4 7  ? 2.909   -1.913  9.409   1.00 64.33  ? 37  U   D "C3'" 1 
ATOM   1048 O  "O3'" . U   D 4 7  ? 1.967   -0.941  9.002   1.00 60.20  ? 37  U   D "O3'" 1 
ATOM   1049 C  "C2'" . U   D 4 7  ? 4.014   -2.248  8.414   1.00 61.72  ? 37  U   D "C2'" 1 
ATOM   1050 O  "O2'" . U   D 4 7  ? 3.774   -1.769  7.105   1.00 64.98  ? 37  U   D "O2'" 1 
ATOM   1051 C  "C1'" . U   D 4 7  ? 5.164   -1.428  8.981   1.00 65.28  ? 37  U   D "C1'" 1 
ATOM   1052 N  N1    . U   D 4 7  ? 6.516   -1.909  8.720   1.00 68.39  ? 37  U   D N1    1 
ATOM   1053 C  C2    . U   D 4 7  ? 7.225   -1.218  7.763   1.00 68.29  ? 37  U   D C2    1 
ATOM   1054 O  O2    . U   D 4 7  ? 6.793   -0.213  7.221   1.00 68.14  ? 37  U   D O2    1 
ATOM   1055 N  N3    . U   D 4 7  ? 8.455   -1.735  7.469   1.00 71.09  ? 37  U   D N3    1 
ATOM   1056 C  C4    . U   D 4 7  ? 9.039   -2.848  8.035   1.00 72.41  ? 37  U   D C4    1 
ATOM   1057 O  O4    . U   D 4 7  ? 10.107  -3.271  7.574   1.00 75.84  ? 37  U   D O4    1 
ATOM   1058 C  C5    . U   D 4 7  ? 8.250   -3.481  9.056   1.00 71.12  ? 37  U   D C5    1 
ATOM   1059 C  C6    . U   D 4 7  ? 7.044   -2.997  9.355   1.00 70.04  ? 37  U   D C6    1 
ATOM   1060 P  P     . A   D 4 8  ? 0.437   -1.335  8.846   1.00 67.53  ? 38  A   D P     1 
ATOM   1061 O  OP1   . A   D 4 8  ? -0.143  -0.213  8.070   1.00 68.33  ? 38  A   D OP1   1 
ATOM   1062 O  OP2   . A   D 4 8  ? -0.141  -1.707  10.159  1.00 66.91  ? 38  A   D OP2   1 
ATOM   1063 O  "O5'" . A   D 4 8  ? 0.466   -2.639  7.941   1.00 66.35  ? 38  A   D "O5'" 1 
ATOM   1064 C  "C5'" . A   D 4 8  ? 0.150   -2.555  6.566   1.00 59.71  ? 38  A   D "C5'" 1 
ATOM   1065 C  "C4'" . A   D 4 8  ? 0.156   -3.926  5.949   1.00 60.06  ? 38  A   D "C4'" 1 
ATOM   1066 O  "O4'" . A   D 4 8  ? 0.089   -3.779  4.515   1.00 58.60  ? 38  A   D "O4'" 1 
ATOM   1067 C  "C3'" . A   D 4 8  ? 1.482   -4.608  6.261   1.00 57.85  ? 38  A   D "C3'" 1 
ATOM   1068 O  "O3'" . A   D 4 8  ? 1.321   -6.028  6.437   1.00 56.60  ? 38  A   D "O3'" 1 
ATOM   1069 C  "C2'" . A   D 4 8  ? 2.359   -4.301  5.048   1.00 57.30  ? 38  A   D "C2'" 1 
ATOM   1070 O  "O2'" . A   D 4 8  ? 3.262   -5.335  4.719   1.00 53.80  ? 38  A   D "O2'" 1 
ATOM   1071 C  "C1'" . A   D 4 8  ? 1.302   -4.174  3.948   1.00 57.31  ? 38  A   D "C1'" 1 
ATOM   1072 N  N9    . A   D 4 8  ? 1.544   -3.391  2.745   1.00 56.86  ? 38  A   D N9    1 
ATOM   1073 C  C8    . A   D 4 8  ? 1.452   -3.840  1.447   1.00 56.06  ? 38  A   D C8    1 
ATOM   1074 N  N7    . A   D 4 8  ? 1.753   -2.933  0.556   1.00 56.90  ? 38  A   D N7    1 
ATOM   1075 C  C5    . A   D 4 8  ? 2.051   -1.813  1.315   1.00 55.36  ? 38  A   D C5    1 
ATOM   1076 C  C6    . A   D 4 8  ? 2.457   -0.535  0.963   1.00 57.33  ? 38  A   D C6    1 
ATOM   1077 N  N6    . A   D 4 8  ? 2.635   -0.140  -0.303  1.00 58.29  ? 38  A   D N6    1 
ATOM   1078 N  N1    . A   D 4 8  ? 2.685   0.349   1.965   1.00 57.63  ? 38  A   D N1    1 
ATOM   1079 C  C2    . A   D 4 8  ? 2.505   -0.052  3.237   1.00 58.97  ? 38  A   D C2    1 
ATOM   1080 N  N3    . A   D 4 8  ? 2.123   -1.235  3.691   1.00 58.43  ? 38  A   D N3    1 
ATOM   1081 C  C4    . A   D 4 8  ? 1.916   -2.081  2.666   1.00 55.43  ? 38  A   D C4    1 
ATOM   1082 P  P     . C   D 4 9  ? 0.777   -6.657  7.819   1.00 60.68  ? 39  C   D P     1 
ATOM   1083 O  OP1   . C   D 4 9  ? 1.800   -6.464  8.891   1.00 58.97  ? 39  C   D OP1   1 
ATOM   1084 O  OP2   . C   D 4 9  ? 0.368   -8.030  7.442   1.00 54.92  ? 39  C   D OP2   1 
ATOM   1085 O  "O5'" . C   D 4 9  ? -0.563  -5.858  8.175   1.00 62.34  ? 39  C   D "O5'" 1 
ATOM   1086 C  "C5'" . C   D 4 9  ? -1.858  -6.418  7.901   1.00 64.63  ? 39  C   D "C5'" 1 
ATOM   1087 C  "C4'" . C   D 4 9  ? -2.896  -5.865  8.860   1.00 64.89  ? 39  C   D "C4'" 1 
ATOM   1088 O  "O4'" . C   D 4 9  ? -2.453  -6.132  10.212  1.00 65.59  ? 39  C   D "O4'" 1 
ATOM   1089 C  "C3'" . C   D 4 9  ? -2.994  -4.339  8.739   1.00 66.34  ? 39  C   D "C3'" 1 
ATOM   1090 O  "O3'" . C   D 4 9  ? -4.312  -3.839  8.965   1.00 63.35  ? 39  C   D "O3'" 1 
ATOM   1091 C  "C2'" . C   D 4 9  ? -2.107  -3.784  9.842   1.00 67.72  ? 39  C   D "C2'" 1 
ATOM   1092 O  "O2'" . C   D 4 9  ? -2.700  -2.650  10.440  1.00 73.27  ? 39  C   D "O2'" 1 
ATOM   1093 C  "C1'" . C   D 4 9  ? -2.165  -4.920  10.857  1.00 70.85  ? 39  C   D "C1'" 1 
ATOM   1094 N  N1    . C   D 4 9  ? -1.036  -5.076  11.745  1.00 74.83  ? 39  C   D N1    1 
ATOM   1095 C  C2    . C   D 4 9  ? -1.249  -4.822  13.095  1.00 77.02  ? 39  C   D C2    1 
ATOM   1096 O  O2    . C   D 4 9  ? -2.402  -4.545  13.478  1.00 79.52  ? 39  C   D O2    1 
ATOM   1097 N  N3    . C   D 4 9  ? -0.218  -4.892  13.946  1.00 78.40  ? 39  C   D N3    1 
ATOM   1098 C  C4    . C   D 4 9  ? 0.993   -5.217  13.494  1.00 79.03  ? 39  C   D C4    1 
ATOM   1099 N  N4    . C   D 4 9  ? 1.990   -5.258  14.373  1.00 82.24  ? 39  C   D N4    1 
ATOM   1100 C  C5    . C   D 4 9  ? 1.236   -5.512  12.120  1.00 77.96  ? 39  C   D C5    1 
ATOM   1101 C  C6    . C   D 4 9  ? 0.201   -5.430  11.288  1.00 75.67  ? 39  C   D C6    1 
ATOM   1102 P  P     . A   D 4 10 ? -5.385  -3.780  7.792   1.00 64.75  ? 40  A   D P     1 
ATOM   1103 O  OP1   . A   D 4 10 ? -6.496  -2.973  8.367   1.00 64.55  ? 40  A   D OP1   1 
ATOM   1104 O  OP2   . A   D 4 10 ? -5.644  -5.168  7.302   1.00 63.11  ? 40  A   D OP2   1 
ATOM   1105 O  "O5'" . A   D 4 10 ? -4.664  -2.917  6.674   1.00 66.57  ? 40  A   D "O5'" 1 
ATOM   1106 C  "C5'" . A   D 4 10 ? -4.008  -1.715  7.018   1.00 58.27  ? 40  A   D "C5'" 1 
ATOM   1107 C  "C4'" . A   D 4 10 ? -3.327  -1.143  5.810   1.00 57.37  ? 40  A   D "C4'" 1 
ATOM   1108 O  "O4'" . A   D 4 10 ? -2.308  -2.067  5.348   1.00 59.88  ? 40  A   D "O4'" 1 
ATOM   1109 C  "C3'" . A   D 4 10 ? -4.223  -0.969  4.600   1.00 58.91  ? 40  A   D "C3'" 1 
ATOM   1110 O  "O3'" . A   D 4 10 ? -4.910  0.262   4.673   1.00 59.01  ? 40  A   D "O3'" 1 
ATOM   1111 C  "C2'" . A   D 4 10 ? -3.217  -0.963  3.459   1.00 55.59  ? 40  A   D "C2'" 1 
ATOM   1112 O  "O2'" . A   D 4 10 ? -2.541  0.277   3.344   1.00 57.61  ? 40  A   D "O2'" 1 
ATOM   1113 C  "C1'" . A   D 4 10 ? -2.222  -2.017  3.936   1.00 56.27  ? 40  A   D "C1'" 1 
ATOM   1114 N  N9    . A   D 4 10 ? -2.480  -3.357  3.416   1.00 53.07  ? 40  A   D N9    1 
ATOM   1115 C  C8    . A   D 4 10 ? -3.015  -4.435  4.084   1.00 51.44  ? 40  A   D C8    1 
ATOM   1116 N  N7    . A   D 4 10 ? -3.109  -5.518  3.346   1.00 52.73  ? 40  A   D N7    1 
ATOM   1117 C  C5    . A   D 4 10 ? -2.609  -5.125  2.108   1.00 50.85  ? 40  A   D C5    1 
ATOM   1118 C  C6    . A   D 4 10 ? -2.445  -5.816  0.884   1.00 51.71  ? 40  A   D C6    1 
ATOM   1119 N  N6    . A   D 4 10 ? -2.784  -7.099  0.699   1.00 54.39  ? 40  A   D N6    1 
ATOM   1120 N  N1    . A   D 4 10 ? -1.919  -5.134  -0.157  1.00 52.67  ? 40  A   D N1    1 
ATOM   1121 C  C2    . A   D 4 10 ? -1.584  -3.852  0.022   1.00 50.51  ? 40  A   D C2    1 
ATOM   1122 N  N3    . A   D 4 10 ? -1.692  -3.092  1.116   1.00 51.86  ? 40  A   D N3    1 
ATOM   1123 C  C4    . A   D 4 10 ? -2.219  -3.797  2.138   1.00 50.72  ? 40  A   D C4    1 
ATOM   1124 P  P     . U   D 4 11 ? -6.411  0.361   4.128   1.00 61.07  ? 41  U   D P     1 
ATOM   1125 O  OP1   . U   D 4 11 ? -6.819  1.766   4.370   1.00 60.19  ? 41  U   D OP1   1 
ATOM   1126 O  OP2   . U   D 4 11 ? -7.193  -0.765  4.700   1.00 58.30  ? 41  U   D OP2   1 
ATOM   1127 O  "O5'" . U   D 4 11 ? -6.274  0.153   2.559   1.00 55.90  ? 41  U   D "O5'" 1 
ATOM   1128 C  "C5'" . U   D 4 11 ? -5.457  1.024   1.808   1.00 53.75  ? 41  U   D "C5'" 1 
ATOM   1129 C  "C4'" . U   D 4 11 ? -5.403  0.594   0.365   1.00 56.05  ? 41  U   D "C4'" 1 
ATOM   1130 O  "O4'" . U   D 4 11 ? -4.928  -0.773  0.267   1.00 56.91  ? 41  U   D "O4'" 1 
ATOM   1131 C  "C3'" . U   D 4 11 ? -6.790  0.598   -0.268  1.00 52.42  ? 41  U   D "C3'" 1 
ATOM   1132 O  "O3'" . U   D 4 11 ? -6.730  1.347   -1.485  1.00 55.70  ? 41  U   D "O3'" 1 
ATOM   1133 C  "C2'" . U   D 4 11 ? -7.273  -0.854  -0.218  1.00 53.34  ? 41  U   D "C2'" 1 
ATOM   1134 O  "O2'" . U   D 4 11 ? -8.004  -1.344  -1.310  1.00 58.10  ? 41  U   D "O2'" 1 
ATOM   1135 C  "C1'" . U   D 4 11 ? -5.947  -1.592  -0.238  1.00 55.20  ? 41  U   D "C1'" 1 
ATOM   1136 N  N1    . U   D 4 11 ? -5.877  -2.933  0.338   1.00 55.85  ? 41  U   D N1    1 
ATOM   1137 C  C2    . U   D 4 11 ? -5.711  -3.960  -0.568  1.00 56.74  ? 41  U   D C2    1 
ATOM   1138 O  O2    . U   D 4 11 ? -5.592  -3.765  -1.773  1.00 58.11  ? 41  U   D O2    1 
ATOM   1139 N  N3    . U   D 4 11 ? -5.690  -5.218  -0.019  1.00 57.03  ? 41  U   D N3    1 
ATOM   1140 C  C4    . U   D 4 11 ? -5.816  -5.540  1.319   1.00 57.41  ? 41  U   D C4    1 
ATOM   1141 O  O4    . U   D 4 11 ? -5.831  -6.729  1.657   1.00 59.50  ? 41  U   D O4    1 
ATOM   1142 C  C5    . U   D 4 11 ? -5.964  -4.408  2.196   1.00 57.21  ? 41  U   D C5    1 
ATOM   1143 C  C6    . U   D 4 11 ? -5.985  -3.171  1.682   1.00 58.03  ? 41  U   D C6    1 
ATOM   1144 P  P     . U   D 4 12 ? -8.007  1.492   -2.441  1.00 52.90  ? 42  U   D P     1 
ATOM   1145 O  OP1   . U   D 4 12 ? -8.195  2.946   -2.659  1.00 57.28  ? 42  U   D OP1   1 
ATOM   1146 O  OP2   . U   D 4 12 ? -9.109  0.664   -1.906  1.00 52.18  ? 42  U   D OP2   1 
ATOM   1147 O  "O5'" . U   D 4 12 ? -7.504  0.848   -3.801  1.00 55.06  ? 42  U   D "O5'" 1 
ATOM   1148 C  "C5'" . U   D 4 12 ? -8.203  1.050   -5.012  1.00 51.13  ? 42  U   D "C5'" 1 
ATOM   1149 C  "C4'" . U   D 4 12 ? -8.175  -0.219  -5.806  1.00 52.33  ? 42  U   D "C4'" 1 
ATOM   1150 O  "O4'" . U   D 4 12 ? -6.804  -0.620  -6.017  1.00 53.09  ? 42  U   D "O4'" 1 
ATOM   1151 C  "C3'" . U   D 4 12 ? -8.806  -1.332  -4.985  1.00 53.11  ? 42  U   D "C3'" 1 
ATOM   1152 O  "O3'" . U   D 4 12 ? -9.467  -2.173  -5.899  1.00 59.68  ? 42  U   D "O3'" 1 
ATOM   1153 C  "C2'" . U   D 4 12 ? -7.652  -2.043  -4.299  1.00 53.51  ? 42  U   D "C2'" 1 
ATOM   1154 O  "O2'" . U   D 4 12 ? -7.844  -3.426  -4.205  1.00 56.45  ? 42  U   D "O2'" 1 
ATOM   1155 C  "C1'" . U   D 4 12 ? -6.531  -1.795  -5.298  1.00 50.87  ? 42  U   D "C1'" 1 
ATOM   1156 N  N1    . U   D 4 12 ? -5.169  -1.757  -4.799  1.00 51.45  ? 42  U   D N1    1 
ATOM   1157 C  C2    . U   D 4 12 ? -4.305  -2.687  -5.317  1.00 50.96  ? 42  U   D C2    1 
ATOM   1158 O  O2    . U   D 4 12 ? -4.650  -3.503  -6.154  1.00 51.21  ? 42  U   D O2    1 
ATOM   1159 N  N3    . U   D 4 12 ? -3.031  -2.626  -4.833  1.00 52.40  ? 42  U   D N3    1 
ATOM   1160 C  C4    . U   D 4 12 ? -2.554  -1.739  -3.897  1.00 54.26  ? 42  U   D C4    1 
ATOM   1161 O  O4    . U   D 4 12 ? -1.392  -1.828  -3.525  1.00 58.82  ? 42  U   D O4    1 
ATOM   1162 C  C5    . U   D 4 12 ? -3.516  -0.802  -3.411  1.00 55.39  ? 42  U   D C5    1 
ATOM   1163 C  C6    . U   D 4 12 ? -4.760  -0.847  -3.868  1.00 55.11  ? 42  U   D C6    1 
ATOM   1164 P  P     . A   D 4 13 ? -10.937 -2.698  -5.607  1.00 58.19  ? 43  A   D P     1 
ATOM   1165 O  OP1   . A   D 4 13 ? -11.860 -1.653  -6.096  1.00 61.03  ? 43  A   D OP1   1 
ATOM   1166 O  OP2   . A   D 4 13 ? -11.026 -3.159  -4.194  1.00 59.50  ? 43  A   D OP2   1 
ATOM   1167 O  "O5'" . A   D 4 13 ? -11.028 -3.910  -6.631  1.00 56.42  ? 43  A   D "O5'" 1 
ATOM   1168 C  "C5'" . A   D 4 13 ? -10.620 -3.725  -7.985  1.00 56.31  ? 43  A   D "C5'" 1 
ATOM   1169 C  "C4'" . A   D 4 13 ? -9.956  -4.969  -8.497  1.00 59.79  ? 43  A   D "C4'" 1 
ATOM   1170 O  "O4'" . A   D 4 13 ? -8.775  -5.243  -7.709  1.00 64.07  ? 43  A   D "O4'" 1 
ATOM   1171 C  "C3'" . A   D 4 13 ? -10.795 -6.220  -8.374  1.00 62.01  ? 43  A   D "C3'" 1 
ATOM   1172 O  "O3'" . A   D 4 13 ? -11.630 -6.318  -9.513  1.00 66.82  ? 43  A   D "O3'" 1 
ATOM   1173 C  "C2'" . A   D 4 13 ? -9.734  -7.307  -8.352  1.00 61.71  ? 43  A   D "C2'" 1 
ATOM   1174 O  "O2'" . A   D 4 13 ? -9.242  -7.584  -9.645  1.00 64.68  ? 43  A   D "O2'" 1 
ATOM   1175 C  "C1'" . A   D 4 13 ? -8.635  -6.633  -7.535  1.00 58.90  ? 43  A   D "C1'" 1 
ATOM   1176 N  N9    . A   D 4 13 ? -8.706  -6.898  -6.102  1.00 58.87  ? 43  A   D N9    1 
ATOM   1177 C  C8    . A   D 4 13 ? -8.712  -5.973  -5.089  1.00 57.27  ? 43  A   D C8    1 
ATOM   1178 N  N7    . A   D 4 13 ? -8.728  -6.501  -3.892  1.00 56.85  ? 43  A   D N7    1 
ATOM   1179 C  C5    . A   D 4 13 ? -8.750  -7.869  -4.132  1.00 56.85  ? 43  A   D C5    1 
ATOM   1180 C  C6    . A   D 4 13 ? -8.771  -8.985  -3.268  1.00 57.27  ? 43  A   D C6    1 
ATOM   1181 N  N6    . A   D 4 13 ? -8.779  -8.891  -1.935  1.00 57.80  ? 43  A   D N6    1 
ATOM   1182 N  N1    . A   D 4 13 ? -8.783  -10.215 -3.829  1.00 59.01  ? 43  A   D N1    1 
ATOM   1183 C  C2    . A   D 4 13 ? -8.780  -10.306 -5.162  1.00 59.37  ? 43  A   D C2    1 
ATOM   1184 N  N3    . A   D 4 13 ? -8.765  -9.332  -6.078  1.00 58.91  ? 43  A   D N3    1 
ATOM   1185 C  C4    . A   D 4 13 ? -8.747  -8.124  -5.488  1.00 57.26  ? 43  A   D C4    1 
ATOM   1186 P  P     . C   D 4 14 ? -13.207 -6.504  -9.318  1.00 70.62  ? 44  C   D P     1 
ATOM   1187 O  OP1   . C   D 4 14 ? -13.779 -6.760  -10.653 1.00 69.54  ? 44  C   D OP1   1 
ATOM   1188 O  OP2   . C   D 4 14 ? -13.726 -5.387  -8.500  1.00 61.48  ? 44  C   D OP2   1 
ATOM   1189 O  "O5'" . C   D 4 14 ? -13.309 -7.822  -8.443  1.00 67.41  ? 44  C   D "O5'" 1 
ATOM   1190 C  "C5'" . C   D 4 14 ? -13.030 -9.097  -8.997  1.00 67.64  ? 44  C   D "C5'" 1 
ATOM   1191 C  "C4'" . C   D 4 14 ? -13.193 -10.134 -7.924  1.00 69.16  ? 44  C   D "C4'" 1 
ATOM   1192 O  "O4'" . C   D 4 14 ? -12.112 -10.008 -6.971  1.00 67.52  ? 44  C   D "O4'" 1 
ATOM   1193 C  "C3'" . C   D 4 14 ? -14.439 -9.941  -7.089  1.00 68.44  ? 44  C   D "C3'" 1 
ATOM   1194 O  "O3'" . C   D 4 14 ? -15.567 -10.511 -7.720  1.00 70.14  ? 44  C   D "O3'" 1 
ATOM   1195 C  "C2'" . C   D 4 14 ? -14.073 -10.623 -5.783  1.00 67.11  ? 44  C   D "C2'" 1 
ATOM   1196 O  "O2'" . C   D 4 14 ? -14.225 -12.024 -5.839  1.00 72.09  ? 44  C   D "O2'" 1 
ATOM   1197 C  "C1'" . C   D 4 14 ? -12.596 -10.241 -5.663  1.00 66.37  ? 44  C   D "C1'" 1 
ATOM   1198 N  N1    . C   D 4 14 ? -12.404 -8.997  -4.923  1.00 65.27  ? 44  C   D N1    1 
ATOM   1199 C  C2    . C   D 4 14 ? -12.332 -9.028  -3.522  1.00 65.83  ? 44  C   D C2    1 
ATOM   1200 O  O2    . C   D 4 14 ? -12.455 -10.115 -2.927  1.00 68.35  ? 44  C   D O2    1 
ATOM   1201 N  N3    . C   D 4 14 ? -12.133 -7.871  -2.852  1.00 64.23  ? 44  C   D N3    1 
ATOM   1202 C  C4    . C   D 4 14 ? -12.017 -6.723  -3.523  1.00 62.59  ? 44  C   D C4    1 
ATOM   1203 N  N4    . C   D 4 14 ? -11.826 -5.607  -2.820  1.00 64.30  ? 44  C   D N4    1 
ATOM   1204 C  C5    . C   D 4 14 ? -12.096 -6.667  -4.944  1.00 63.52  ? 44  C   D C5    1 
ATOM   1205 C  C6    . C   D 4 14 ? -12.288 -7.814  -5.596  1.00 62.69  ? 44  C   D C6    1 
ATOM   1206 P  P     . C   D 4 15 ? -17.004 -9.851  -7.479  1.00 70.60  ? 45  C   D P     1 
ATOM   1207 O  OP1   . C   D 4 15 ? -17.943 -10.478 -8.442  1.00 73.35  ? 45  C   D OP1   1 
ATOM   1208 O  OP2   . C   D 4 15 ? -16.841 -8.371  -7.456  1.00 71.73  ? 45  C   D OP2   1 
ATOM   1209 O  "O5'" . C   D 4 15 ? -17.366 -10.331 -6.010  1.00 68.04  ? 45  C   D "O5'" 1 
ATOM   1210 C  "C5'" . C   D 4 15 ? -17.473 -11.712 -5.728  1.00 68.62  ? 45  C   D "C5'" 1 
ATOM   1211 C  "C4'" . C   D 4 15 ? -17.730 -11.920 -4.267  1.00 71.63  ? 45  C   D "C4'" 1 
ATOM   1212 O  "O4'" . C   D 4 15 ? -16.554 -11.533 -3.516  1.00 75.19  ? 45  C   D "O4'" 1 
ATOM   1213 C  "C3'" . C   D 4 15 ? -18.820 -11.033 -3.707  1.00 75.08  ? 45  C   D "C3'" 1 
ATOM   1214 O  "O3'" . C   D 4 15 ? -20.101 -11.571 -3.941  1.00 77.12  ? 45  C   D "O3'" 1 
ATOM   1215 C  "C2'" . C   D 4 15 ? -18.477 -10.982 -2.227  1.00 75.43  ? 45  C   D "C2'" 1 
ATOM   1216 O  "O2'" . C   D 4 15 ? -18.926 -12.094 -1.487  1.00 79.26  ? 45  C   D "O2'" 1 
ATOM   1217 C  "C1'" . C   D 4 15 ? -16.952 -10.958 -2.283  1.00 74.63  ? 45  C   D "C1'" 1 
ATOM   1218 N  N1    . C   D 4 15 ? -16.474 -9.582  -2.236  1.00 73.13  ? 45  C   D N1    1 
ATOM   1219 C  C2    . C   D 4 15 ? -16.399 -8.962  -0.993  1.00 72.90  ? 45  C   D C2    1 
ATOM   1220 O  O2    . C   D 4 15 ? -16.738 -9.609  0.017   1.00 72.06  ? 45  C   D O2    1 
ATOM   1221 N  N3    . C   D 4 15 ? -15.969 -7.687  -0.919  1.00 71.78  ? 45  C   D N3    1 
ATOM   1222 C  C4    . C   D 4 15 ? -15.632 -7.032  -2.036  1.00 70.40  ? 45  C   D C4    1 
ATOM   1223 N  N4    . C   D 4 15 ? -15.220 -5.769  -1.919  1.00 67.23  ? 45  C   D N4    1 
ATOM   1224 C  C5    . C   D 4 15 ? -15.702 -7.646  -3.323  1.00 70.08  ? 45  C   D C5    1 
ATOM   1225 C  C6    . C   D 4 15 ? -16.120 -8.911  -3.374  1.00 70.82  ? 45  C   D C6    1 
ATOM   1226 P  P     . U   D 4 16 ? -21.373 -10.599 -3.878  1.00 76.27  ? 46  U   D P     1 
ATOM   1227 O  OP1   . U   D 4 16 ? -22.556 -11.438 -4.193  1.00 80.66  ? 46  U   D OP1   1 
ATOM   1228 O  OP2   . U   D 4 16 ? -21.068 -9.406  -4.711  1.00 76.67  ? 46  U   D OP2   1 
ATOM   1229 O  "O5'" . U   D 4 16 ? -21.443 -10.170 -2.345  1.00 72.12  ? 46  U   D "O5'" 1 
ATOM   1230 C  "C5'" . U   D 4 16 ? -21.743 -11.144 -1.362  1.00 70.70  ? 46  U   D "C5'" 1 
ATOM   1231 C  "C4'" . U   D 4 16 ? -21.989 -10.502 -0.022  1.00 71.64  ? 46  U   D "C4'" 1 
ATOM   1232 O  "O4'" . U   D 4 16 ? -20.739 -9.985  0.497   1.00 69.70  ? 46  U   D "O4'" 1 
ATOM   1233 C  "C3'" . U   D 4 16 ? -22.926 -9.305  -0.002  1.00 73.02  ? 46  U   D "C3'" 1 
ATOM   1234 O  "O3'" . U   D 4 16 ? -24.296 -9.667  0.031   1.00 75.20  ? 46  U   D "O3'" 1 
ATOM   1235 C  "C2'" . U   D 4 16 ? -22.498 -8.592  1.273   1.00 73.31  ? 46  U   D "C2'" 1 
ATOM   1236 O  "O2'" . U   D 4 16 ? -23.034 -9.166  2.451   1.00 73.90  ? 46  U   D "O2'" 1 
ATOM   1237 C  "C1'" . U   D 4 16 ? -20.986 -8.796  1.228   1.00 70.15  ? 46  U   D "C1'" 1 
ATOM   1238 N  N1    . U   D 4 16 ? -20.348 -7.686  0.516   1.00 68.53  ? 46  U   D N1    1 
ATOM   1239 C  C2    . U   D 4 16 ? -20.008 -6.576  1.259   1.00 68.57  ? 46  U   D C2    1 
ATOM   1240 O  O2    . U   D 4 16 ? -20.204 -6.497  2.460   1.00 68.00  ? 46  U   D O2    1 
ATOM   1241 N  N3    . U   D 4 16 ? -19.428 -5.562  0.545   1.00 69.00  ? 46  U   D N3    1 
ATOM   1242 C  C4    . U   D 4 16 ? -19.161 -5.549  -0.808  1.00 68.63  ? 46  U   D C4    1 
ATOM   1243 O  O4    . U   D 4 16 ? -18.607 -4.566  -1.307  1.00 67.48  ? 46  U   D O4    1 
ATOM   1244 C  C5    . U   D 4 16 ? -19.546 -6.741  -1.507  1.00 68.72  ? 46  U   D C5    1 
ATOM   1245 C  C6    . U   D 4 16 ? -20.110 -7.744  -0.836  1.00 67.86  ? 46  U   D C6    1 
ATOM   1246 P  P     . G   D 4 17 ? -25.411 -8.563  -0.325  1.00 75.39  ? 47  G   D P     1 
ATOM   1247 O  OP1   . G   D 4 17 ? -26.747 -9.212  -0.230  1.00 80.25  ? 47  G   D OP1   1 
ATOM   1248 O  OP2   . G   D 4 17 ? -25.004 -7.907  -1.593  1.00 75.83  ? 47  G   D OP2   1 
ATOM   1249 O  "O5'" . G   D 4 17 ? -25.292 -7.505  0.862   1.00 69.89  ? 47  G   D "O5'" 1 
ATOM   1250 C  "C5'" . G   D 4 17 ? -25.669 -7.862  2.183   1.00 66.92  ? 47  G   D "C5'" 1 
ATOM   1251 C  "C4'" . G   D 4 17 ? -25.585 -6.668  3.093   1.00 69.51  ? 47  G   D "C4'" 1 
ATOM   1252 O  "O4'" . G   D 4 17 ? -24.203 -6.238  3.177   1.00 70.66  ? 47  G   D "O4'" 1 
ATOM   1253 C  "C3'" . G   D 4 17 ? -26.325 -5.428  2.618   1.00 70.49  ? 47  G   D "C3'" 1 
ATOM   1254 O  "O3'" . G   D 4 17 ? -27.699 -5.451  2.954   1.00 69.00  ? 47  G   D "O3'" 1 
ATOM   1255 C  "C2'" . G   D 4 17 ? -25.593 -4.317  3.353   1.00 70.69  ? 47  G   D "C2'" 1 
ATOM   1256 O  "O2'" . G   D 4 17 ? -26.002 -4.169  4.700   1.00 72.38  ? 47  G   D "O2'" 1 
ATOM   1257 C  "C1'" . G   D 4 17 ? -24.153 -4.823  3.287   1.00 69.98  ? 47  G   D "C1'" 1 
ATOM   1258 N  N9    . G   D 4 17 ? -23.457 -4.281  2.124   1.00 65.94  ? 47  G   D N9    1 
ATOM   1259 C  C8    . G   D 4 17 ? -23.242 -4.889  0.908   1.00 64.71  ? 47  G   D C8    1 
ATOM   1260 N  N7    . G   D 4 17 ? -22.594 -4.130  0.066   1.00 62.11  ? 47  G   D N7    1 
ATOM   1261 C  C5    . G   D 4 17 ? -22.361 -2.955  0.774   1.00 61.69  ? 47  G   D C5    1 
ATOM   1262 C  C6    . G   D 4 17 ? -21.685 -1.755  0.391   1.00 63.17  ? 47  G   D C6    1 
ATOM   1263 O  O6    . G   D 4 17 ? -21.127 -1.487  -0.689  1.00 61.64  ? 47  G   D O6    1 
ATOM   1264 N  N1    . G   D 4 17 ? -21.693 -0.815  1.417   1.00 61.50  ? 47  G   D N1    1 
ATOM   1265 C  C2    . G   D 4 17 ? -22.268 -0.997  2.647   1.00 62.44  ? 47  G   D C2    1 
ATOM   1266 N  N2    . G   D 4 17 ? -22.180 0.030   3.497   1.00 62.15  ? 47  G   D N2    1 
ATOM   1267 N  N3    . G   D 4 17 ? -22.886 -2.106  3.018   1.00 63.45  ? 47  G   D N3    1 
ATOM   1268 C  C4    . G   D 4 17 ? -22.893 -3.033  2.040   1.00 62.49  ? 47  G   D C4    1 
ATOM   1269 P  P     . C   D 4 18 ? -28.716 -4.464  2.197   1.00 70.82  ? 48  C   D P     1 
ATOM   1270 O  OP1   . C   D 4 18 ? -30.042 -4.646  2.838   1.00 79.01  ? 48  C   D OP1   1 
ATOM   1271 O  OP2   . C   D 4 18 ? -28.584 -4.621  0.720   1.00 65.45  ? 48  C   D OP2   1 
ATOM   1272 O  "O5'" . C   D 4 18 ? -28.204 -3.018  2.612   1.00 71.99  ? 48  C   D "O5'" 1 
ATOM   1273 C  "C5'" . C   D 4 18 ? -28.389 -2.555  3.942   1.00 64.96  ? 48  C   D "C5'" 1 
ATOM   1274 C  "C4'" . C   D 4 18 ? -28.080 -1.091  4.030   1.00 69.15  ? 48  C   D "C4'" 1 
ATOM   1275 O  "O4'" . C   D 4 18 ? -26.652 -0.899  3.860   1.00 70.21  ? 48  C   D "O4'" 1 
ATOM   1276 C  "C3'" . C   D 4 18 ? -28.691 -0.252  2.924   1.00 69.77  ? 48  C   D "C3'" 1 
ATOM   1277 O  "O3'" . C   D 4 18 ? -30.021 0.113   3.208   1.00 69.14  ? 48  C   D "O3'" 1 
ATOM   1278 C  "C2'" . C   D 4 18 ? -27.781 0.961   2.915   1.00 69.42  ? 48  C   D "C2'" 1 
ATOM   1279 O  "O2'" . C   D 4 18 ? -28.069 1.845   3.974   1.00 74.51  ? 48  C   D "O2'" 1 
ATOM   1280 C  "C1'" . C   D 4 18 ? -26.423 0.310   3.158   1.00 70.11  ? 48  C   D "C1'" 1 
ATOM   1281 N  N1    . C   D 4 18 ? -25.788 0.005   1.873   1.00 65.82  ? 48  C   D N1    1 
ATOM   1282 C  C2    . C   D 4 18 ? -25.101 1.027   1.220   1.00 64.49  ? 48  C   D C2    1 
ATOM   1283 O  O2    . C   D 4 18 ? -25.022 2.139   1.767   1.00 63.56  ? 48  C   D O2    1 
ATOM   1284 N  N3    . C   D 4 18 ? -24.541 0.785   0.017   1.00 63.75  ? 48  C   D N3    1 
ATOM   1285 C  C4    . C   D 4 18 ? -24.637 -0.426  -0.528  1.00 62.34  ? 48  C   D C4    1 
ATOM   1286 N  N4    . C   D 4 18 ? -24.065 -0.622  -1.712  1.00 60.01  ? 48  C   D N4    1 
ATOM   1287 C  C5    . C   D 4 18 ? -25.323 -1.491  0.121   1.00 65.62  ? 48  C   D C5    1 
ATOM   1288 C  C6    . C   D 4 18 ? -25.877 -1.236  1.311   1.00 65.78  ? 48  C   D C6    1 
ATOM   1289 P  P     . C   D 4 19 ? -30.979 0.575   2.012   1.00 70.90  ? 49  C   D P     1 
ATOM   1290 O  OP1   . C   D 4 19 ? -32.304 0.862   2.617   1.00 78.88  ? 49  C   D OP1   1 
ATOM   1291 O  OP2   . C   D 4 19 ? -30.862 -0.408  0.899   1.00 70.97  ? 49  C   D OP2   1 
ATOM   1292 O  "O5'" . C   D 4 19 ? -30.352 1.946   1.509   1.00 71.07  ? 49  C   D "O5'" 1 
ATOM   1293 C  "C5'" . C   D 4 19 ? -30.313 3.083   2.365   1.00 65.19  ? 49  C   D "C5'" 1 
ATOM   1294 C  "C4'" . C   D 4 19 ? -29.633 4.239   1.669   1.00 67.83  ? 49  C   D "C4'" 1 
ATOM   1295 O  "O4'" . C   D 4 19 ? -28.239 3.904   1.449   1.00 67.02  ? 49  C   D "O4'" 1 
ATOM   1296 C  "C3'" . C   D 4 19 ? -30.156 4.564   0.281   1.00 65.25  ? 49  C   D "C3'" 1 
ATOM   1297 O  "O3'" . C   D 4 19 ? -31.372 5.308   0.235   1.00 70.54  ? 49  C   D "O3'" 1 
ATOM   1298 C  "C2'" . C   D 4 19 ? -28.965 5.260   -0.352  1.00 64.99  ? 49  C   D "C2'" 1 
ATOM   1299 O  "O2'" . C   D 4 19 ? -28.821 6.577   0.112   1.00 60.51  ? 49  C   D "O2'" 1 
ATOM   1300 C  "C1'" . C   D 4 19 ? -27.809 4.442   0.214   1.00 64.71  ? 49  C   D "C1'" 1 
ATOM   1301 N  N1    . C   D 4 19 ? -27.457 3.332   -0.675  1.00 68.06  ? 49  C   D N1    1 
ATOM   1302 C  C2    . C   D 4 19 ? -26.612 3.585   -1.751  1.00 68.12  ? 49  C   D C2    1 
ATOM   1303 O  O2    . C   D 4 19 ? -26.167 4.727   -1.906  1.00 69.81  ? 49  C   D O2    1 
ATOM   1304 N  N3    . C   D 4 19 ? -26.299 2.584   -2.594  1.00 68.36  ? 49  C   D N3    1 
ATOM   1305 C  C4    . C   D 4 19 ? -26.793 1.366   -2.386  1.00 68.30  ? 49  C   D C4    1 
ATOM   1306 N  N4    . C   D 4 19 ? -26.461 0.412   -3.245  1.00 66.82  ? 49  C   D N4    1 
ATOM   1307 C  C5    . C   D 4 19 ? -27.649 1.075   -1.291  1.00 67.68  ? 49  C   D C5    1 
ATOM   1308 C  C6    . C   D 4 19 ? -27.952 2.078   -0.466  1.00 68.59  ? 49  C   D C6    1 
HETATM 1309 S  S     . SO4 E 5 .  ? -0.384  8.090   -13.026 0.50 130.60 ? 103 SO4 A S     1 
HETATM 1310 O  O1    . SO4 E 5 .  ? 1.066   8.381   -13.071 0.50 131.30 ? 103 SO4 A O1    1 
HETATM 1311 O  O2    . SO4 E 5 .  ? -1.137  9.228   -13.606 0.50 130.99 ? 103 SO4 A O2    1 
HETATM 1312 O  O3    . SO4 E 5 .  ? -0.793  7.890   -11.617 0.50 129.97 ? 103 SO4 A O3    1 
HETATM 1313 O  O4    . SO4 E 5 .  ? -0.661  6.862   -13.808 0.50 130.68 ? 103 SO4 A O4    1 
HETATM 1314 CO CO    . NCO F 6 .  ? -0.163  2.593   -13.454 1.00 74.86  ? 102 NCO B CO    1 
HETATM 1315 N  N1    . NCO F 6 .  ? 1.059   1.136   -12.711 1.00 74.60  ? 102 NCO B N1    1 
HETATM 1316 N  N2    . NCO F 6 .  ? -1.665  1.269   -13.177 1.00 73.68  ? 102 NCO B N2    1 
HETATM 1317 N  N3    . NCO F 6 .  ? -0.327  3.508   -11.701 1.00 73.71  ? 102 NCO B N3    1 
HETATM 1318 N  N4    . NCO F 6 .  ? -0.059  1.841   -15.262 1.00 75.51  ? 102 NCO B N4    1 
HETATM 1319 N  N5    . NCO F 6 .  ? -1.365  3.947   -14.225 1.00 76.49  ? 102 NCO B N5    1 
HETATM 1320 N  N6    . NCO F 6 .  ? 1.413   3.842   -13.751 1.00 75.51  ? 102 NCO B N6    1 
HETATM 1321 CO CO    . NCO G 6 .  ? -9.541  -2.889  6.753   1.00 51.14  ? 101 NCO D CO    1 
HETATM 1322 N  N1    . NCO G 6 .  ? -8.435  -1.357  7.487   1.00 58.68  ? 101 NCO D N1    1 
HETATM 1323 N  N2    . NCO G 6 .  ? -8.983  -3.919  8.376   1.00 59.29  ? 101 NCO D N2    1 
HETATM 1324 N  N3    . NCO G 6 .  ? -11.228 -2.189  7.510   1.00 61.83  ? 101 NCO D N3    1 
HETATM 1325 N  N4    . NCO G 6 .  ? -7.979  -3.679  5.882   1.00 62.57  ? 101 NCO D N4    1 
HETATM 1326 N  N5    . NCO G 6 .  ? -10.547 -4.419  6.062   1.00 58.26  ? 101 NCO D N5    1 
HETATM 1327 N  N6    . NCO G 6 .  ? -9.995  -1.805  5.121   1.00 59.21  ? 101 NCO D N6    1 
HETATM 1328 O  O     . HOH H 7 .  ? -2.274  8.936   -1.177  1.00 71.51  ? 104 HOH A O     1 
HETATM 1329 O  O     . HOH H 7 .  ? -10.522 7.219   -8.510  1.00 63.68  ? 105 HOH A O     1 
HETATM 1330 O  O     . HOH I 7 .  ? 11.683  2.509   -6.386  1.00 75.28  ? 103 HOH B O     1 
HETATM 1331 O  O     . HOH I 7 .  ? 4.020   5.797   -15.292 1.00 86.29  ? 104 HOH B O     1 
HETATM 1332 O  O     . HOH I 7 .  ? -1.724  -1.297  -14.190 1.00 76.61  ? 105 HOH B O     1 
HETATM 1333 O  O     . HOH I 7 .  ? -10.331 2.773   -8.694  1.00 82.33  ? 106 HOH B O     1 
HETATM 1334 O  O     . HOH J 7 .  ? 3.867   -7.901  -12.269 1.00 72.54  ? 32  HOH C O     1 
HETATM 1335 O  O     . HOH J 7 .  ? -12.306 5.442   -2.198  1.00 66.68  ? 33  HOH C O     1 
HETATM 1336 O  O     . HOH J 7 .  ? 22.340  -18.505 7.311   1.00 58.64  ? 34  HOH C O     1 
HETATM 1337 O  O     . HOH J 7 .  ? 16.359  -13.718 8.109   1.00 61.45  ? 35  HOH C O     1 
HETATM 1338 O  O     . HOH J 7 .  ? -18.308 -9.195  5.370   1.00 80.34  ? 36  HOH C O     1 
HETATM 1339 O  O     . HOH J 7 .  ? -13.320 -10.700 0.942   1.00 66.42  ? 37  HOH C O     1 
HETATM 1340 O  O     . HOH J 7 .  ? -5.253  -13.447 -5.253  1.00 79.60  ? 38  HOH C O     1 
HETATM 1341 O  O     . HOH J 7 .  ? 11.213  -8.644  -3.478  1.00 81.50  ? 39  HOH C O     1 
HETATM 1342 O  O     . HOH J 7 .  ? 21.192  -7.655  2.343   1.00 68.97  ? 40  HOH C O     1 
HETATM 1343 O  O     . HOH J 7 .  ? 22.903  -11.233 -0.428  1.00 77.86  ? 41  HOH C O     1 
HETATM 1344 O  O     . HOH K 7 .  ? 7.679   -11.340 -0.028  1.00 74.73  ? 15  HOH D O     1 
HETATM 1345 O  O     . HOH K 7 .  ? 11.784  -12.700 -3.923  1.00 71.57  ? 16  HOH D O     1 
HETATM 1346 O  O     . HOH K 7 .  ? 14.858  -16.133 -12.317 1.00 61.72  ? 20  HOH D O     1 
HETATM 1347 O  O     . HOH K 7 .  ? 3.660   -8.702  13.692  1.00 90.74  ? 22  HOH D O     1 
HETATM 1348 O  O     . HOH K 7 .  ? -31.151 -0.433  -1.731  1.00 83.96  ? 23  HOH D O     1 
# 
loop_
_pdbx_poly_seq_scheme.asym_id 
_pdbx_poly_seq_scheme.entity_id 
_pdbx_poly_seq_scheme.seq_id 
_pdbx_poly_seq_scheme.mon_id 
_pdbx_poly_seq_scheme.ndb_seq_num 
_pdbx_poly_seq_scheme.pdb_seq_num 
_pdbx_poly_seq_scheme.auth_seq_num 
_pdbx_poly_seq_scheme.pdb_mon_id 
_pdbx_poly_seq_scheme.auth_mon_id 
_pdbx_poly_seq_scheme.pdb_strand_id 
_pdbx_poly_seq_scheme.pdb_ins_code 
_pdbx_poly_seq_scheme.hetero 
A 1 1  U 1  1  1  U U A . n 
A 1 2  C 2  2  2  C C A . n 
A 1 3  C 3  3  3  C C A . n 
A 1 4  C 4  4  4  C C A . n 
A 1 5  A 5  5  5  A A A . n 
A 1 6  G 6  6  6  G G A . n 
A 1 7  U 7  7  7  U U A . n 
A 1 8  C 8  8  8  C C A . n 
A 1 9  C 9  9  9  C C A . n 
A 1 10 A 10 10 10 A A A . n 
A 1 11 C 11 11 11 C C A . n 
A 1 12 C 12 12 12 C C A . n 
A 1 13 G 13 13 13 G G A . n 
B 2 1  C 1  2  2  C C B . n 
B 2 2  G 2  3  3  G G B . n 
B 2 3  G 3  4  4  G G B . n 
B 2 4  U 4  5  5  U U B . n 
B 2 5  G 5  6  6  G G B . n 
B 2 6  A 6  7  7  A A B . n 
B 2 7  U 7  8  8  U U B . n 
B 2 8  A 8  9  9  A A B . n 
B 2 9  A 9  10 10 A A B . n 
B 2 10 G 10 11 11 G G B . n 
B 2 11 G 11 12 12 G G B . n 
B 2 12 G 12 13 13 G G B . n 
C 3 1  G 1  15 15 G G C . n 
C 3 2  G 2  16 16 G G C . n 
C 3 3  C 3  17 17 C C C . n 
C 3 4  A 4  18 18 A A C . n 
C 3 5  G 5  19 19 G G C . n 
C 3 6  A 6  20 20 A A C . n 
C 3 7  G 7  21 21 G G C . n 
C 3 8  A 8  22 22 A A C . n 
C 3 9  A 9  23 23 A A C . n 
C 3 10 A 10 24 24 A A C . n 
C 3 11 C 11 25 25 C C C . n 
C 3 12 A 12 26 26 A A C . n 
C 3 13 C 13 27 27 C C C . n 
C 3 14 A 14 28 28 A A C . n 
C 3 15 C 15 29 29 C C C . n 
C 3 16 G 16 30 30 G G C . n 
C 3 17 A 17 31 31 A A C . n 
D 4 1  U 1  31 31 U U D . n 
D 4 2  C 2  32 32 C C D . n 
D 4 3  G 3  33 33 G G D . n 
D 4 4  U 4  34 34 U U D . n 
D 4 5  G 5  35 35 G G D . n 
D 4 6  G 6  36 36 G G D . n 
D 4 7  U 7  37 37 U U D . n 
D 4 8  A 8  38 38 A A D . n 
D 4 9  C 9  39 39 C C D . n 
D 4 10 A 10 40 40 A A D . n 
D 4 11 U 11 41 41 U U D . n 
D 4 12 U 12 42 42 U U D . n 
D 4 13 A 13 43 43 A A D . n 
D 4 14 C 14 44 44 C C D . n 
D 4 15 C 15 45 45 C C D . n 
D 4 16 U 16 46 46 U U D . n 
D 4 17 G 17 47 47 G G D . n 
D 4 18 C 18 48 48 C C D . n 
D 4 19 C 19 49 49 C C D . n 
# 
loop_
_pdbx_nonpoly_scheme.asym_id 
_pdbx_nonpoly_scheme.entity_id 
_pdbx_nonpoly_scheme.mon_id 
_pdbx_nonpoly_scheme.ndb_seq_num 
_pdbx_nonpoly_scheme.pdb_seq_num 
_pdbx_nonpoly_scheme.auth_seq_num 
_pdbx_nonpoly_scheme.pdb_mon_id 
_pdbx_nonpoly_scheme.auth_mon_id 
_pdbx_nonpoly_scheme.pdb_strand_id 
_pdbx_nonpoly_scheme.pdb_ins_code 
E 5 SO4 1  103 103 SO4 SO4 A . 
F 6 NCO 1  102 102 NCO NCO B . 
G 6 NCO 1  101 101 NCO NCO D . 
H 7 HOH 1  104 1   HOH HOH A . 
H 7 HOH 2  105 8   HOH HOH A . 
I 7 HOH 1  103 2   HOH HOH B . 
I 7 HOH 2  104 3   HOH HOH B . 
I 7 HOH 3  105 4   HOH HOH B . 
I 7 HOH 4  106 7   HOH HOH B . 
J 7 HOH 1  32  6   HOH HOH C . 
J 7 HOH 2  33  9   HOH HOH C . 
J 7 HOH 3  34  10  HOH HOH C . 
J 7 HOH 4  35  11  HOH HOH C . 
J 7 HOH 5  36  12  HOH HOH C . 
J 7 HOH 6  37  13  HOH HOH C . 
J 7 HOH 7  38  14  HOH HOH C . 
J 7 HOH 8  39  17  HOH HOH C . 
J 7 HOH 9  40  18  HOH HOH C . 
J 7 HOH 10 41  19  HOH HOH C . 
K 7 HOH 1  15  15  HOH HOH D . 
K 7 HOH 2  16  16  HOH HOH D . 
K 7 HOH 3  20  20  HOH HOH D . 
K 7 HOH 4  22  22  HOH HOH D . 
K 7 HOH 5  23  23  HOH HOH D . 
# 
_pdbx_struct_assembly.id                   1 
_pdbx_struct_assembly.details              author_defined_assembly 
_pdbx_struct_assembly.method_details       ? 
_pdbx_struct_assembly.oligomeric_details   tetrameric 
_pdbx_struct_assembly.oligomeric_count     4 
# 
_pdbx_struct_assembly_gen.assembly_id       1 
_pdbx_struct_assembly_gen.oper_expression   1 
_pdbx_struct_assembly_gen.asym_id_list      A,B,C,D,E,F,G,H,I,J,K 
# 
_pdbx_struct_oper_list.id                   1 
_pdbx_struct_oper_list.type                 'identity operation' 
_pdbx_struct_oper_list.name                 1_555 
_pdbx_struct_oper_list.symmetry_operation   x,y,z 
_pdbx_struct_oper_list.matrix[1][1]         1.0000000000 
_pdbx_struct_oper_list.matrix[1][2]         0.0000000000 
_pdbx_struct_oper_list.matrix[1][3]         0.0000000000 
_pdbx_struct_oper_list.vector[1]            0.0000000000 
_pdbx_struct_oper_list.matrix[2][1]         0.0000000000 
_pdbx_struct_oper_list.matrix[2][2]         1.0000000000 
_pdbx_struct_oper_list.matrix[2][3]         0.0000000000 
_pdbx_struct_oper_list.vector[2]            0.0000000000 
_pdbx_struct_oper_list.matrix[3][1]         0.0000000000 
_pdbx_struct_oper_list.matrix[3][2]         0.0000000000 
_pdbx_struct_oper_list.matrix[3][3]         1.0000000000 
_pdbx_struct_oper_list.vector[3]            0.0000000000 
# 
loop_
_pdbx_audit_revision_history.ordinal 
_pdbx_audit_revision_history.data_content_type 
_pdbx_audit_revision_history.major_revision 
_pdbx_audit_revision_history.minor_revision 
_pdbx_audit_revision_history.revision_date 
1 'Structure model' 1 0 2006-02-14 
2 'Structure model' 1 1 2008-04-30 
3 'Structure model' 1 2 2011-07-13 
4 'Structure model' 1 3 2023-08-23 
# 
_pdbx_audit_revision_details.ordinal             1 
_pdbx_audit_revision_details.revision_ordinal    1 
_pdbx_audit_revision_details.data_content_type   'Structure model' 
_pdbx_audit_revision_details.provider            repository 
_pdbx_audit_revision_details.type                'Initial release' 
_pdbx_audit_revision_details.description         ? 
_pdbx_audit_revision_details.details             ? 
# 
loop_
_pdbx_audit_revision_group.ordinal 
_pdbx_audit_revision_group.revision_ordinal 
_pdbx_audit_revision_group.data_content_type 
_pdbx_audit_revision_group.group 
1 2 'Structure model' 'Version format compliance' 
2 3 'Structure model' 'Version format compliance' 
3 4 'Structure model' 'Data collection'           
4 4 'Structure model' 'Database references'       
5 4 'Structure model' 'Derived calculations'      
6 4 'Structure model' 'Refinement description'    
# 
loop_
_pdbx_audit_revision_category.ordinal 
_pdbx_audit_revision_category.revision_ordinal 
_pdbx_audit_revision_category.data_content_type 
_pdbx_audit_revision_category.category 
1 4 'Structure model' chem_comp_atom                
2 4 'Structure model' chem_comp_bond                
3 4 'Structure model' database_2                    
4 4 'Structure model' pdbx_initial_refinement_model 
5 4 'Structure model' struct_site                   
# 
loop_
_pdbx_audit_revision_item.ordinal 
_pdbx_audit_revision_item.revision_ordinal 
_pdbx_audit_revision_item.data_content_type 
_pdbx_audit_revision_item.item 
1 4 'Structure model' '_database_2.pdbx_DOI'                
2 4 'Structure model' '_database_2.pdbx_database_accession' 
3 4 'Structure model' '_struct_site.pdbx_auth_asym_id'      
4 4 'Structure model' '_struct_site.pdbx_auth_comp_id'      
5 4 'Structure model' '_struct_site.pdbx_auth_seq_id'       
# 
loop_
_software.name 
_software.classification 
_software.version 
_software.citation_id 
_software.pdbx_ordinal 
CNS          refinement        1.1 ? 1 
ADSC         'data collection' .   ? 2 
CrystalClear 'data scaling'    .   ? 3 
CNS          phasing           .   ? 4 
# 
loop_
_pdbx_validate_rmsd_angle.id 
_pdbx_validate_rmsd_angle.PDB_model_num 
_pdbx_validate_rmsd_angle.auth_atom_id_1 
_pdbx_validate_rmsd_angle.auth_asym_id_1 
_pdbx_validate_rmsd_angle.auth_comp_id_1 
_pdbx_validate_rmsd_angle.auth_seq_id_1 
_pdbx_validate_rmsd_angle.PDB_ins_code_1 
_pdbx_validate_rmsd_angle.label_alt_id_1 
_pdbx_validate_rmsd_angle.auth_atom_id_2 
_pdbx_validate_rmsd_angle.auth_asym_id_2 
_pdbx_validate_rmsd_angle.auth_comp_id_2 
_pdbx_validate_rmsd_angle.auth_seq_id_2 
_pdbx_validate_rmsd_angle.PDB_ins_code_2 
_pdbx_validate_rmsd_angle.label_alt_id_2 
_pdbx_validate_rmsd_angle.auth_atom_id_3 
_pdbx_validate_rmsd_angle.auth_asym_id_3 
_pdbx_validate_rmsd_angle.auth_comp_id_3 
_pdbx_validate_rmsd_angle.auth_seq_id_3 
_pdbx_validate_rmsd_angle.PDB_ins_code_3 
_pdbx_validate_rmsd_angle.label_alt_id_3 
_pdbx_validate_rmsd_angle.angle_value 
_pdbx_validate_rmsd_angle.angle_target_value 
_pdbx_validate_rmsd_angle.angle_deviation 
_pdbx_validate_rmsd_angle.angle_standard_deviation 
_pdbx_validate_rmsd_angle.linker_flag 
1 1 "C2'" A G 6 ? ? "C3'" A G 6 ? ? "O3'" A G 6 ? ? 93.54  109.50 -15.96 2.20 N 
2 1 "O4'" A G 6 ? ? "C1'" A G 6 ? ? "C2'" A G 6 ? ? 113.08 107.60 5.48   0.90 N 
3 1 N9    A G 6 ? ? "C1'" A G 6 ? ? "C2'" A G 6 ? ? 127.67 114.00 13.67  1.30 N 
4 1 "O4'" A G 6 ? ? "C1'" A G 6 ? ? N9    A G 6 ? ? 114.63 108.50 6.13   0.70 N 
# 
loop_
_chem_comp_atom.comp_id 
_chem_comp_atom.atom_id 
_chem_comp_atom.type_symbol 
_chem_comp_atom.pdbx_aromatic_flag 
_chem_comp_atom.pdbx_stereo_config 
_chem_comp_atom.pdbx_ordinal 
A   OP3    O  N N 1   
A   P      P  N N 2   
A   OP1    O  N N 3   
A   OP2    O  N N 4   
A   "O5'"  O  N N 5   
A   "C5'"  C  N N 6   
A   "C4'"  C  N R 7   
A   "O4'"  O  N N 8   
A   "C3'"  C  N S 9   
A   "O3'"  O  N N 10  
A   "C2'"  C  N R 11  
A   "O2'"  O  N N 12  
A   "C1'"  C  N R 13  
A   N9     N  Y N 14  
A   C8     C  Y N 15  
A   N7     N  Y N 16  
A   C5     C  Y N 17  
A   C6     C  Y N 18  
A   N6     N  N N 19  
A   N1     N  Y N 20  
A   C2     C  Y N 21  
A   N3     N  Y N 22  
A   C4     C  Y N 23  
A   HOP3   H  N N 24  
A   HOP2   H  N N 25  
A   "H5'"  H  N N 26  
A   "H5''" H  N N 27  
A   "H4'"  H  N N 28  
A   "H3'"  H  N N 29  
A   "HO3'" H  N N 30  
A   "H2'"  H  N N 31  
A   "HO2'" H  N N 32  
A   "H1'"  H  N N 33  
A   H8     H  N N 34  
A   H61    H  N N 35  
A   H62    H  N N 36  
A   H2     H  N N 37  
C   OP3    O  N N 38  
C   P      P  N N 39  
C   OP1    O  N N 40  
C   OP2    O  N N 41  
C   "O5'"  O  N N 42  
C   "C5'"  C  N N 43  
C   "C4'"  C  N R 44  
C   "O4'"  O  N N 45  
C   "C3'"  C  N S 46  
C   "O3'"  O  N N 47  
C   "C2'"  C  N R 48  
C   "O2'"  O  N N 49  
C   "C1'"  C  N R 50  
C   N1     N  N N 51  
C   C2     C  N N 52  
C   O2     O  N N 53  
C   N3     N  N N 54  
C   C4     C  N N 55  
C   N4     N  N N 56  
C   C5     C  N N 57  
C   C6     C  N N 58  
C   HOP3   H  N N 59  
C   HOP2   H  N N 60  
C   "H5'"  H  N N 61  
C   "H5''" H  N N 62  
C   "H4'"  H  N N 63  
C   "H3'"  H  N N 64  
C   "HO3'" H  N N 65  
C   "H2'"  H  N N 66  
C   "HO2'" H  N N 67  
C   "H1'"  H  N N 68  
C   H41    H  N N 69  
C   H42    H  N N 70  
C   H5     H  N N 71  
C   H6     H  N N 72  
G   OP3    O  N N 73  
G   P      P  N N 74  
G   OP1    O  N N 75  
G   OP2    O  N N 76  
G   "O5'"  O  N N 77  
G   "C5'"  C  N N 78  
G   "C4'"  C  N R 79  
G   "O4'"  O  N N 80  
G   "C3'"  C  N S 81  
G   "O3'"  O  N N 82  
G   "C2'"  C  N R 83  
G   "O2'"  O  N N 84  
G   "C1'"  C  N R 85  
G   N9     N  Y N 86  
G   C8     C  Y N 87  
G   N7     N  Y N 88  
G   C5     C  Y N 89  
G   C6     C  N N 90  
G   O6     O  N N 91  
G   N1     N  N N 92  
G   C2     C  N N 93  
G   N2     N  N N 94  
G   N3     N  N N 95  
G   C4     C  Y N 96  
G   HOP3   H  N N 97  
G   HOP2   H  N N 98  
G   "H5'"  H  N N 99  
G   "H5''" H  N N 100 
G   "H4'"  H  N N 101 
G   "H3'"  H  N N 102 
G   "HO3'" H  N N 103 
G   "H2'"  H  N N 104 
G   "HO2'" H  N N 105 
G   "H1'"  H  N N 106 
G   H8     H  N N 107 
G   H1     H  N N 108 
G   H21    H  N N 109 
G   H22    H  N N 110 
HOH O      O  N N 111 
HOH H1     H  N N 112 
HOH H2     H  N N 113 
NCO CO     CO N N 114 
NCO N1     N  N N 115 
NCO N2     N  N N 116 
NCO N3     N  N N 117 
NCO N4     N  N N 118 
NCO N5     N  N N 119 
NCO N6     N  N N 120 
NCO HN11   H  N N 121 
NCO HN12   H  N N 122 
NCO HN13   H  N N 123 
NCO HN21   H  N N 124 
NCO HN22   H  N N 125 
NCO HN23   H  N N 126 
NCO HN31   H  N N 127 
NCO HN32   H  N N 128 
NCO HN33   H  N N 129 
NCO HN41   H  N N 130 
NCO HN42   H  N N 131 
NCO HN43   H  N N 132 
NCO HN51   H  N N 133 
NCO HN52   H  N N 134 
NCO HN53   H  N N 135 
NCO HN61   H  N N 136 
NCO HN62   H  N N 137 
NCO HN63   H  N N 138 
SO4 S      S  N N 139 
SO4 O1     O  N N 140 
SO4 O2     O  N N 141 
SO4 O3     O  N N 142 
SO4 O4     O  N N 143 
U   OP3    O  N N 144 
U   P      P  N N 145 
U   OP1    O  N N 146 
U   OP2    O  N N 147 
U   "O5'"  O  N N 148 
U   "C5'"  C  N N 149 
U   "C4'"  C  N R 150 
U   "O4'"  O  N N 151 
U   "C3'"  C  N S 152 
U   "O3'"  O  N N 153 
U   "C2'"  C  N R 154 
U   "O2'"  O  N N 155 
U   "C1'"  C  N R 156 
U   N1     N  N N 157 
U   C2     C  N N 158 
U   O2     O  N N 159 
U   N3     N  N N 160 
U   C4     C  N N 161 
U   O4     O  N N 162 
U   C5     C  N N 163 
U   C6     C  N N 164 
U   HOP3   H  N N 165 
U   HOP2   H  N N 166 
U   "H5'"  H  N N 167 
U   "H5''" H  N N 168 
U   "H4'"  H  N N 169 
U   "H3'"  H  N N 170 
U   "HO3'" H  N N 171 
U   "H2'"  H  N N 172 
U   "HO2'" H  N N 173 
U   "H1'"  H  N N 174 
U   H3     H  N N 175 
U   H5     H  N N 176 
U   H6     H  N N 177 
# 
loop_
_chem_comp_bond.comp_id 
_chem_comp_bond.atom_id_1 
_chem_comp_bond.atom_id_2 
_chem_comp_bond.value_order 
_chem_comp_bond.pdbx_aromatic_flag 
_chem_comp_bond.pdbx_stereo_config 
_chem_comp_bond.pdbx_ordinal 
A   OP3   P      sing N N 1   
A   OP3   HOP3   sing N N 2   
A   P     OP1    doub N N 3   
A   P     OP2    sing N N 4   
A   P     "O5'"  sing N N 5   
A   OP2   HOP2   sing N N 6   
A   "O5'" "C5'"  sing N N 7   
A   "C5'" "C4'"  sing N N 8   
A   "C5'" "H5'"  sing N N 9   
A   "C5'" "H5''" sing N N 10  
A   "C4'" "O4'"  sing N N 11  
A   "C4'" "C3'"  sing N N 12  
A   "C4'" "H4'"  sing N N 13  
A   "O4'" "C1'"  sing N N 14  
A   "C3'" "O3'"  sing N N 15  
A   "C3'" "C2'"  sing N N 16  
A   "C3'" "H3'"  sing N N 17  
A   "O3'" "HO3'" sing N N 18  
A   "C2'" "O2'"  sing N N 19  
A   "C2'" "C1'"  sing N N 20  
A   "C2'" "H2'"  sing N N 21  
A   "O2'" "HO2'" sing N N 22  
A   "C1'" N9     sing N N 23  
A   "C1'" "H1'"  sing N N 24  
A   N9    C8     sing Y N 25  
A   N9    C4     sing Y N 26  
A   C8    N7     doub Y N 27  
A   C8    H8     sing N N 28  
A   N7    C5     sing Y N 29  
A   C5    C6     sing Y N 30  
A   C5    C4     doub Y N 31  
A   C6    N6     sing N N 32  
A   C6    N1     doub Y N 33  
A   N6    H61    sing N N 34  
A   N6    H62    sing N N 35  
A   N1    C2     sing Y N 36  
A   C2    N3     doub Y N 37  
A   C2    H2     sing N N 38  
A   N3    C4     sing Y N 39  
C   OP3   P      sing N N 40  
C   OP3   HOP3   sing N N 41  
C   P     OP1    doub N N 42  
C   P     OP2    sing N N 43  
C   P     "O5'"  sing N N 44  
C   OP2   HOP2   sing N N 45  
C   "O5'" "C5'"  sing N N 46  
C   "C5'" "C4'"  sing N N 47  
C   "C5'" "H5'"  sing N N 48  
C   "C5'" "H5''" sing N N 49  
C   "C4'" "O4'"  sing N N 50  
C   "C4'" "C3'"  sing N N 51  
C   "C4'" "H4'"  sing N N 52  
C   "O4'" "C1'"  sing N N 53  
C   "C3'" "O3'"  sing N N 54  
C   "C3'" "C2'"  sing N N 55  
C   "C3'" "H3'"  sing N N 56  
C   "O3'" "HO3'" sing N N 57  
C   "C2'" "O2'"  sing N N 58  
C   "C2'" "C1'"  sing N N 59  
C   "C2'" "H2'"  sing N N 60  
C   "O2'" "HO2'" sing N N 61  
C   "C1'" N1     sing N N 62  
C   "C1'" "H1'"  sing N N 63  
C   N1    C2     sing N N 64  
C   N1    C6     sing N N 65  
C   C2    O2     doub N N 66  
C   C2    N3     sing N N 67  
C   N3    C4     doub N N 68  
C   C4    N4     sing N N 69  
C   C4    C5     sing N N 70  
C   N4    H41    sing N N 71  
C   N4    H42    sing N N 72  
C   C5    C6     doub N N 73  
C   C5    H5     sing N N 74  
C   C6    H6     sing N N 75  
G   OP3   P      sing N N 76  
G   OP3   HOP3   sing N N 77  
G   P     OP1    doub N N 78  
G   P     OP2    sing N N 79  
G   P     "O5'"  sing N N 80  
G   OP2   HOP2   sing N N 81  
G   "O5'" "C5'"  sing N N 82  
G   "C5'" "C4'"  sing N N 83  
G   "C5'" "H5'"  sing N N 84  
G   "C5'" "H5''" sing N N 85  
G   "C4'" "O4'"  sing N N 86  
G   "C4'" "C3'"  sing N N 87  
G   "C4'" "H4'"  sing N N 88  
G   "O4'" "C1'"  sing N N 89  
G   "C3'" "O3'"  sing N N 90  
G   "C3'" "C2'"  sing N N 91  
G   "C3'" "H3'"  sing N N 92  
G   "O3'" "HO3'" sing N N 93  
G   "C2'" "O2'"  sing N N 94  
G   "C2'" "C1'"  sing N N 95  
G   "C2'" "H2'"  sing N N 96  
G   "O2'" "HO2'" sing N N 97  
G   "C1'" N9     sing N N 98  
G   "C1'" "H1'"  sing N N 99  
G   N9    C8     sing Y N 100 
G   N9    C4     sing Y N 101 
G   C8    N7     doub Y N 102 
G   C8    H8     sing N N 103 
G   N7    C5     sing Y N 104 
G   C5    C6     sing N N 105 
G   C5    C4     doub Y N 106 
G   C6    O6     doub N N 107 
G   C6    N1     sing N N 108 
G   N1    C2     sing N N 109 
G   N1    H1     sing N N 110 
G   C2    N2     sing N N 111 
G   C2    N3     doub N N 112 
G   N2    H21    sing N N 113 
G   N2    H22    sing N N 114 
G   N3    C4     sing N N 115 
HOH O     H1     sing N N 116 
HOH O     H2     sing N N 117 
NCO CO    N1     sing N N 118 
NCO CO    N2     sing N N 119 
NCO CO    N3     sing N N 120 
NCO CO    N4     sing N N 121 
NCO CO    N5     sing N N 122 
NCO CO    N6     sing N N 123 
NCO N1    HN11   sing N N 124 
NCO N1    HN12   sing N N 125 
NCO N1    HN13   sing N N 126 
NCO N2    HN21   sing N N 127 
NCO N2    HN22   sing N N 128 
NCO N2    HN23   sing N N 129 
NCO N3    HN31   sing N N 130 
NCO N3    HN32   sing N N 131 
NCO N3    HN33   sing N N 132 
NCO N4    HN41   sing N N 133 
NCO N4    HN42   sing N N 134 
NCO N4    HN43   sing N N 135 
NCO N5    HN51   sing N N 136 
NCO N5    HN52   sing N N 137 
NCO N5    HN53   sing N N 138 
NCO N6    HN61   sing N N 139 
NCO N6    HN62   sing N N 140 
NCO N6    HN63   sing N N 141 
SO4 S     O1     doub N N 142 
SO4 S     O2     doub N N 143 
SO4 S     O3     sing N N 144 
SO4 S     O4     sing N N 145 
U   OP3   P      sing N N 146 
U   OP3   HOP3   sing N N 147 
U   P     OP1    doub N N 148 
U   P     OP2    sing N N 149 
U   P     "O5'"  sing N N 150 
U   OP2   HOP2   sing N N 151 
U   "O5'" "C5'"  sing N N 152 
U   "C5'" "C4'"  sing N N 153 
U   "C5'" "H5'"  sing N N 154 
U   "C5'" "H5''" sing N N 155 
U   "C4'" "O4'"  sing N N 156 
U   "C4'" "C3'"  sing N N 157 
U   "C4'" "H4'"  sing N N 158 
U   "O4'" "C1'"  sing N N 159 
U   "C3'" "O3'"  sing N N 160 
U   "C3'" "C2'"  sing N N 161 
U   "C3'" "H3'"  sing N N 162 
U   "O3'" "HO3'" sing N N 163 
U   "C2'" "O2'"  sing N N 164 
U   "C2'" "C1'"  sing N N 165 
U   "C2'" "H2'"  sing N N 166 
U   "O2'" "HO2'" sing N N 167 
U   "C1'" N1     sing N N 168 
U   "C1'" "H1'"  sing N N 169 
U   N1    C2     sing N N 170 
U   N1    C6     sing N N 171 
U   C2    O2     doub N N 172 
U   C2    N3     sing N N 173 
U   N3    C4     sing N N 174 
U   N3    H3     sing N N 175 
U   C4    O4     doub N N 176 
U   C4    C5     sing N N 177 
U   C5    C6     doub N N 178 
U   C5    H5     sing N N 179 
U   C6    H6     sing N N 180 
# 
loop_
_ndb_struct_conf_na.entry_id 
_ndb_struct_conf_na.feature 
1ZFX 'double helix'         
1ZFX 'a-form double helix'  
1ZFX 'bulge loop'           
1ZFX 'mismatched base pair' 
1ZFX 'internal loop'        
# 
loop_
_ndb_struct_na_base_pair.model_number 
_ndb_struct_na_base_pair.i_label_asym_id 
_ndb_struct_na_base_pair.i_label_comp_id 
_ndb_struct_na_base_pair.i_label_seq_id 
_ndb_struct_na_base_pair.i_symmetry 
_ndb_struct_na_base_pair.j_label_asym_id 
_ndb_struct_na_base_pair.j_label_comp_id 
_ndb_struct_na_base_pair.j_label_seq_id 
_ndb_struct_na_base_pair.j_symmetry 
_ndb_struct_na_base_pair.shear 
_ndb_struct_na_base_pair.stretch 
_ndb_struct_na_base_pair.stagger 
_ndb_struct_na_base_pair.buckle 
_ndb_struct_na_base_pair.propeller 
_ndb_struct_na_base_pair.opening 
_ndb_struct_na_base_pair.pair_number 
_ndb_struct_na_base_pair.pair_name 
_ndb_struct_na_base_pair.i_auth_asym_id 
_ndb_struct_na_base_pair.i_auth_seq_id 
_ndb_struct_na_base_pair.i_PDB_ins_code 
_ndb_struct_na_base_pair.j_auth_asym_id 
_ndb_struct_na_base_pair.j_auth_seq_id 
_ndb_struct_na_base_pair.j_PDB_ins_code 
_ndb_struct_na_base_pair.hbond_type_28 
_ndb_struct_na_base_pair.hbond_type_12 
1 A C 2  1_555 B G 12 1_555 0.413  -0.061 -0.236 3.131   -13.219 3.381    1  A_C2:G13_B  A 2  ? B 13 ? 19 1  
1 A C 3  1_555 B G 11 1_555 0.132  -0.147 -0.103 -3.084  -5.276  -0.601   2  A_C3:G12_B  A 3  ? B 12 ? 19 1  
1 A C 4  1_555 B G 10 1_555 0.199  -0.070 0.088  0.746   3.296   3.854    3  A_C4:G11_B  A 4  ? B 11 ? 19 1  
1 A A 5  1_555 B A 8  1_555 6.668  -3.952 -0.884 4.137   -13.730 -25.172  4  A_A5:A9_B   A 5  ? B 9  ? ?  ?  
1 A U 7  1_555 B U 7  1_555 -3.975 -1.491 -0.629 16.288  -18.209 -30.914  5  A_U7:U8_B   A 7  ? B 8  ? ?  ?  
1 A C 8  1_555 B A 6  1_555 -2.746 0.580  -0.544 17.855  -12.382 -0.020   6  A_C8:A7_B   A 8  ? B 7  ? ?  ?  
1 A C 9  1_555 B G 5  1_555 0.146  0.072  0.136  11.908  -10.818 4.766    7  A_C9:G6_B   A 9  ? B 6  ? 19 1  
1 A A 10 1_555 B U 4  1_555 -0.893 -0.003 0.483  7.057   -14.406 11.169   8  A_A10:U5_B  A 10 ? B 5  ? ?  1  
1 A C 11 1_555 B G 3  1_555 0.162  -0.003 0.143  7.207   -11.563 9.978    9  A_C11:G4_B  A 11 ? B 4  ? 19 1  
1 A C 12 1_555 B G 2  1_555 0.180  -0.001 0.194  3.140   -12.464 10.072   10 A_C12:G3_B  A 12 ? B 3  ? 19 1  
1 A G 13 1_555 B C 1  1_555 0.524  -0.165 0.105  1.386   -9.030  -0.649   11 A_G13:C2_B  A 13 ? B 2  ? 19 1  
1 C G 1  1_555 D C 19 1_555 -0.304 -0.140 0.749  7.499   -2.544  0.472    12 C_G15:C49_D C 15 ? D 49 ? 19 1  
1 C G 2  1_555 D C 18 1_555 -0.256 -0.295 0.510  13.100  -10.565 -4.205   13 C_G16:C48_D C 16 ? D 48 ? 19 1  
1 C C 3  1_555 D G 17 1_555 0.201  -0.184 0.112  5.922   -16.408 -0.378   14 C_C17:G47_D C 17 ? D 47 ? 19 1  
1 C A 4  1_555 D U 16 1_555 -0.082 -0.128 -0.263 -4.747  -7.926  3.926    15 C_A18:U46_D C 18 ? D 46 ? 20 1  
1 C G 5  1_555 D C 15 1_555 -0.159 -0.054 -0.515 -7.999  -4.432  1.709    16 C_G19:C45_D C 19 ? D 45 ? 19 1  
1 C A 6  1_555 D C 14 1_555 1.859  0.426  -0.706 -14.835 -6.977  18.093   17 C_A20:C44_D C 20 ? D 44 ? ?  1  
1 C G 7  1_555 D A 13 1_555 6.929  -4.718 -0.377 -5.821  1.688   -6.722   18 C_G21:A43_D C 21 ? D 43 ? 11 10 
1 C A 8  1_555 D U 11 1_555 -4.099 -1.850 0.024  -6.159  -9.427  -100.745 19 C_A22:U41_D C 22 ? D 41 ? 24 4  
1 C A 9  1_555 D A 10 1_555 -4.518 0.671  -0.412 2.605   -20.043 -94.091  20 C_A23:A40_D C 23 ? D 40 ? ?  ?  
1 C A 10 1_555 D A 8  1_555 5.387  3.216  -0.598 -1.912  -13.891 -150.188 21 C_A24:A38_D C 24 ? D 38 ? ?  ?  
1 C C 11 1_555 A G 6  1_555 0.100  -0.107 0.146  12.927  -8.905  1.985    22 C_C25:G6_A  C 25 ? A 6  ? 19 1  
1 C A 12 1_555 D G 6  1_555 0.099  1.317  -0.336 -9.166  -15.251 -19.023  23 C_A26:G36_D C 26 ? D 36 ? 8  ?  
1 C C 13 1_555 D G 5  1_555 0.285  -0.328 0.163  5.698   -21.602 0.927    24 C_C27:G35_D C 27 ? D 35 ? 19 1  
1 C A 14 1_555 D U 4  1_555 0.083  -0.220 0.386  6.097   -17.454 -0.539   25 C_A28:U34_D C 28 ? D 34 ? 20 1  
1 C C 15 1_555 D G 3  1_555 0.088  -0.173 0.233  4.489   -15.668 0.501    26 C_C29:G33_D C 29 ? D 33 ? 19 1  
1 C G 16 1_555 D C 2  1_555 -0.390 -0.093 0.461  -3.603  -13.364 -2.789   27 C_G30:C32_D C 30 ? D 32 ? 19 1  
1 C A 17 1_555 D U 1  1_555 0.702  -0.119 0.300  -1.819  -8.610  -0.347   28 C_A31:U31_D C 31 ? D 31 ? 20 1  
# 
loop_
_ndb_struct_na_base_pair_step.model_number 
_ndb_struct_na_base_pair_step.i_label_asym_id_1 
_ndb_struct_na_base_pair_step.i_label_comp_id_1 
_ndb_struct_na_base_pair_step.i_label_seq_id_1 
_ndb_struct_na_base_pair_step.i_symmetry_1 
_ndb_struct_na_base_pair_step.j_label_asym_id_1 
_ndb_struct_na_base_pair_step.j_label_comp_id_1 
_ndb_struct_na_base_pair_step.j_label_seq_id_1 
_ndb_struct_na_base_pair_step.j_symmetry_1 
_ndb_struct_na_base_pair_step.i_label_asym_id_2 
_ndb_struct_na_base_pair_step.i_label_comp_id_2 
_ndb_struct_na_base_pair_step.i_label_seq_id_2 
_ndb_struct_na_base_pair_step.i_symmetry_2 
_ndb_struct_na_base_pair_step.j_label_asym_id_2 
_ndb_struct_na_base_pair_step.j_label_comp_id_2 
_ndb_struct_na_base_pair_step.j_label_seq_id_2 
_ndb_struct_na_base_pair_step.j_symmetry_2 
_ndb_struct_na_base_pair_step.shift 
_ndb_struct_na_base_pair_step.slide 
_ndb_struct_na_base_pair_step.rise 
_ndb_struct_na_base_pair_step.tilt 
_ndb_struct_na_base_pair_step.roll 
_ndb_struct_na_base_pair_step.twist 
_ndb_struct_na_base_pair_step.x_displacement 
_ndb_struct_na_base_pair_step.y_displacement 
_ndb_struct_na_base_pair_step.helical_rise 
_ndb_struct_na_base_pair_step.inclination 
_ndb_struct_na_base_pair_step.tip 
_ndb_struct_na_base_pair_step.helical_twist 
_ndb_struct_na_base_pair_step.step_number 
_ndb_struct_na_base_pair_step.step_name 
_ndb_struct_na_base_pair_step.i_auth_asym_id_1 
_ndb_struct_na_base_pair_step.i_auth_seq_id_1 
_ndb_struct_na_base_pair_step.i_PDB_ins_code_1 
_ndb_struct_na_base_pair_step.j_auth_asym_id_1 
_ndb_struct_na_base_pair_step.j_auth_seq_id_1 
_ndb_struct_na_base_pair_step.j_PDB_ins_code_1 
_ndb_struct_na_base_pair_step.i_auth_asym_id_2 
_ndb_struct_na_base_pair_step.i_auth_seq_id_2 
_ndb_struct_na_base_pair_step.i_PDB_ins_code_2 
_ndb_struct_na_base_pair_step.j_auth_asym_id_2 
_ndb_struct_na_base_pair_step.j_auth_seq_id_2 
_ndb_struct_na_base_pair_step.j_PDB_ins_code_2 
1 A C 2  1_555 B G 12 1_555 A C 3  1_555 B G 11 1_555 -0.592 -1.977 3.397 -0.585 9.444  29.570  -5.423 1.001  2.665 17.935 1.111   
31.015  1  AA_C2C3:G12G13_BB   A 2  ? B 13 ? A 3  ? B 12 ? 
1 A C 3  1_555 B G 11 1_555 A C 4  1_555 B G 10 1_555 0.570  -1.506 3.324 0.859  8.752  27.499  -4.877 -0.963 2.740 17.842 -1.751  
28.845  2  AA_C3C4:G11G12_BB   A 3  ? B 12 ? A 4  ? B 11 ? 
1 A C 4  1_555 B G 10 1_555 A A 5  1_555 B A 8  1_555 0.330  -0.669 5.352 -0.385 22.877 76.968  -1.516 -0.274 5.030 18.012 0.303   
79.789  3  AA_C4A5:A9G11_BB    A 4  ? B 11 ? A 5  ? B 9  ? 
1 A A 5  1_555 B A 8  1_555 A U 7  1_555 B U 7  1_555 -2.888 0.205  3.173 8.827  11.672 22.216  -2.110 8.223  1.803 26.865 -20.317 
26.552  4  AA_A5U7:U8A9_BB     A 5  ? B 9  ? A 7  ? B 8  ? 
1 A U 7  1_555 B U 7  1_555 A C 8  1_555 B A 6  1_555 1.023  -1.863 3.465 -5.840 4.160  34.600  -3.687 -2.553 3.020 6.903  9.691   
35.313  5  AA_U7C8:A7U8_BB     A 7  ? B 8  ? A 8  ? B 7  ? 
1 A C 8  1_555 B A 6  1_555 A C 9  1_555 B G 5  1_555 0.258  -1.291 3.493 -7.883 7.866  42.674  -2.485 -1.108 3.126 10.594 10.617  
44.037  6  AA_C8C9:G6A7_BB     A 8  ? B 7  ? A 9  ? B 6  ? 
1 A C 9  1_555 B G 5  1_555 A A 10 1_555 B U 4  1_555 0.450  -1.786 3.042 -1.355 9.577  29.357  -4.923 -1.067 2.334 18.282 2.588   
30.877  7  AA_C9A10:U5G6_BB    A 9  ? B 6  ? A 10 ? B 5  ? 
1 A A 10 1_555 B U 4  1_555 A C 11 1_555 B G 3  1_555 -0.382 -1.509 3.229 1.088  3.996  32.587  -3.325 0.854  3.014 7.085  -1.930  
32.842  8  AA_A10C11:G4U5_BB   A 10 ? B 5  ? A 11 ? B 4  ? 
1 A C 11 1_555 B G 3  1_555 A C 12 1_555 B G 2  1_555 -0.080 -2.126 3.138 1.093  8.010  30.154  -5.290 0.330  2.500 15.059 -2.054  
31.194  9  AA_C11C12:G3G4_BB   A 11 ? B 4  ? A 12 ? B 3  ? 
1 A C 12 1_555 B G 2  1_555 A G 13 1_555 B C 1  1_555 -0.441 -1.513 3.221 1.471  9.810  34.364  -3.772 0.915  2.682 16.191 -2.428  
35.725  10 AA_C12G13:C2G3_BB   A 12 ? B 3  ? A 13 ? B 2  ? 
1 C G 1  1_555 D C 19 1_555 C G 2  1_555 D C 18 1_555 -0.763 -1.215 3.037 -0.851 4.480  34.547  -2.648 1.157  2.879 7.503  1.425   
34.838  11 CC_G15G16:C48C49_DD C 15 ? D 49 ? C 16 ? D 48 ? 
1 C G 2  1_555 D C 18 1_555 C C 3  1_555 D G 17 1_555 0.367  -1.425 3.421 2.818  8.567  35.824  -3.412 -0.198 3.031 13.663 -4.493  
36.906  12 CC_G16C17:G47C48_DD C 16 ? D 48 ? C 17 ? D 47 ? 
1 C C 3  1_555 D G 17 1_555 C A 4  1_555 D U 16 1_555 0.296  -1.788 3.388 0.421  13.906 30.027  -5.320 -0.456 2.356 25.208 -0.763  
33.026  13 CC_C17A18:U46G47_DD C 17 ? D 47 ? C 18 ? D 46 ? 
1 C A 4  1_555 D U 16 1_555 C G 5  1_555 D C 15 1_555 -0.023 -1.932 3.459 -0.640 6.353  30.414  -4.824 -0.079 3.003 11.945 1.203   
31.061  14 CC_A18G19:C45U46_DD C 18 ? D 46 ? C 19 ? D 45 ? 
1 C G 5  1_555 D C 15 1_555 C A 6  1_555 D C 14 1_555 1.207  -1.305 3.536 4.326  8.382  36.038  -3.226 -1.282 3.279 13.271 -6.848  
37.212  15 CC_G19A20:C44C45_DD C 19 ? D 45 ? C 20 ? D 44 ? 
1 C A 6  1_555 D C 14 1_555 C G 7  1_555 D A 13 1_555 -0.493 -0.800 3.203 5.562  6.332  59.582  -1.099 0.755  3.059 6.338  -5.567  
60.120  16 CC_A20G21:A43C44_DD C 20 ? D 44 ? C 21 ? D 43 ? 
1 C G 7  1_555 D A 13 1_555 C A 8  1_555 D U 11 1_555 -2.273 -0.639 3.431 2.268  0.486  12.607  -3.407 12.722 2.950 2.189  -10.216 
12.817  17 CC_G21A22:U41A43_DD C 21 ? D 43 ? C 22 ? D 41 ? 
1 C A 8  1_555 D U 11 1_555 C A 9  1_555 D A 10 1_555 0.131  -2.258 3.395 -9.195 7.095  43.514  -3.583 -0.987 2.926 9.373  12.146  
44.965  18 CC_A22A23:A40U41_DD C 22 ? D 41 ? C 23 ? D 40 ? 
1 C A 9  1_555 D A 10 1_555 C A 10 1_555 D A 8  1_555 -3.429 -3.174 3.506 -4.426 -3.279 74.354  -2.507 2.678  3.792 -2.709 3.658   
74.528  19 CC_A23A24:A38A40_DD C 23 ? D 40 ? C 24 ? D 38 ? 
1 C A 10 1_555 D A 8  1_555 C C 11 1_555 A G 6  1_555 2.449  -0.126 3.035 0.206  3.667  -32.625 -0.360 4.367  3.016 -6.501 0.366   
-32.825 20 CC_A24C25:G6A38_AD  C 24 ? D 38 ? C 25 ? A 6  ? 
1 C C 11 1_555 A G 6  1_555 C A 12 1_555 D G 6  1_555 0.229  -2.103 3.625 5.986  7.188  47.300  -3.178 0.220  3.294 8.858  -7.377  
48.164  21 CC_C25A26:G36G6_DA  C 25 ? A 6  ? C 26 ? D 36 ? 
1 C A 12 1_555 D G 6  1_555 C C 13 1_555 D G 5  1_555 1.123  -0.626 2.889 -3.669 4.429  31.701  -1.802 -2.582 2.637 8.026  6.648   
32.206  22 CC_A26C27:G35G36_DD C 26 ? D 36 ? C 27 ? D 35 ? 
1 C C 13 1_555 D G 5  1_555 C A 14 1_555 D U 4  1_555 0.051  -1.030 3.146 -1.471 8.951  34.761  -2.855 -0.277 2.799 14.675 2.411   
35.889  23 CC_C27A28:U34G35_DD C 27 ? D 35 ? C 28 ? D 34 ? 
1 C A 14 1_555 D U 4  1_555 C C 15 1_555 D G 3  1_555 0.470  -1.222 3.283 3.055  0.912  32.029  -2.368 -0.299 3.277 1.648  -5.519  
32.183  24 CC_A28C29:G33U34_DD C 28 ? D 34 ? C 29 ? D 33 ? 
1 C C 15 1_555 D G 3  1_555 C G 16 1_555 D C 2  1_555 0.310  -1.673 3.165 0.920  9.134  33.455  -4.077 -0.392 2.638 15.507 -1.562  
34.657  25 CC_C29G30:C32G33_DD C 29 ? D 33 ? C 30 ? D 32 ? 
1 C G 16 1_555 D C 2  1_555 C A 17 1_555 D U 1  1_555 0.639  -1.681 3.103 4.529  5.281  35.207  -3.429 -0.437 2.886 8.627  -7.398  
35.866  26 CC_G30A31:U31C32_DD C 30 ? D 32 ? C 31 ? D 31 ? 
# 
loop_
_pdbx_entity_nonpoly.entity_id 
_pdbx_entity_nonpoly.name 
_pdbx_entity_nonpoly.comp_id 
5 'SULFATE ION'           SO4 
6 'COBALT HEXAMMINE(III)' NCO 
7 water                   HOH 
# 
_pdbx_initial_refinement_model.id               1 
_pdbx_initial_refinement_model.entity_id_list   ? 
_pdbx_initial_refinement_model.type             'experimental model' 
_pdbx_initial_refinement_model.source_name      PDB 
_pdbx_initial_refinement_model.accession_code   1ZFR 
_pdbx_initial_refinement_model.details          'PDB ENTRY 1ZFR' 
# 
